data_9GRF
# 
_entry.id   9GRF 
# 
_audit_conform.dict_name       mmcif_pdbx.dic 
_audit_conform.dict_version    5.409 
_audit_conform.dict_location   http://mmcif.pdb.org/dictionaries/ascii/mmcif_pdbx.dic 
# 
loop_
_database_2.database_id 
_database_2.database_code 
_database_2.pdbx_database_accession 
_database_2.pdbx_DOI 
PDB   9GRF         pdb_00009grf 10.2210/pdb9grf/pdb 
WWPDB D_1292141680 ?            ?                   
# 
_pdbx_audit_revision_history.ordinal             1 
_pdbx_audit_revision_history.data_content_type   'Structure model' 
_pdbx_audit_revision_history.major_revision      1 
_pdbx_audit_revision_history.minor_revision      0 
_pdbx_audit_revision_history.revision_date       2025-12-24 
_pdbx_audit_revision_history.part_number         ? 
# 
_pdbx_audit_revision_details.ordinal             1 
_pdbx_audit_revision_details.revision_ordinal    1 
_pdbx_audit_revision_details.data_content_type   'Structure model' 
_pdbx_audit_revision_details.provider            repository 
_pdbx_audit_revision_details.type                'Initial release' 
_pdbx_audit_revision_details.description         ? 
_pdbx_audit_revision_details.details             ? 
# 
_pdbx_database_status.status_code                     REL 
_pdbx_database_status.status_code_sf                  REL 
_pdbx_database_status.status_code_mr                  ? 
_pdbx_database_status.entry_id                        9GRF 
_pdbx_database_status.recvd_initial_deposition_date   2024-09-11 
_pdbx_database_status.SG_entry                        N 
_pdbx_database_status.deposit_site                    PDBE 
_pdbx_database_status.process_site                    PDBE 
_pdbx_database_status.status_code_cs                  ? 
_pdbx_database_status.status_code_nmr_data            ? 
_pdbx_database_status.methods_development_category    ? 
_pdbx_database_status.pdb_format_compatible           Y 
# 
_pdbx_contact_author.id                 2 
_pdbx_contact_author.email              rhurtado@bifi.es 
_pdbx_contact_author.name_first         Ramon 
_pdbx_contact_author.name_last          Hurtado-Guerrero 
_pdbx_contact_author.name_mi            ? 
_pdbx_contact_author.role               'principal investigator/group leader' 
_pdbx_contact_author.identifier_ORCID   0000-0002-3122-9401 
# 
loop_
_audit_author.name 
_audit_author.pdbx_ordinal 
_audit_author.identifier_ORCID 
'Veloz, B.'            1 ? 
'Taleb, V.'            2 ? 
'Hurtado-Guerrero, R.' 3 ? 
# 
_citation.abstract                  ? 
_citation.abstract_id_CAS           ? 
_citation.book_id_ISBN              ? 
_citation.book_publisher            ? 
_citation.book_publisher_city       ? 
_citation.book_title                ? 
_citation.coordinate_linkage        ? 
_citation.country                   UK 
_citation.database_id_Medline       ? 
_citation.details                   ? 
_citation.id                        primary 
_citation.journal_abbrev            'Nat Commun' 
_citation.journal_id_ASTM           ? 
_citation.journal_id_CSD            ? 
_citation.journal_id_ISSN           2041-1723 
_citation.journal_full              ? 
_citation.journal_issue             ? 
_citation.journal_volume            16 
_citation.language                  ? 
_citation.page_first                9058 
_citation.page_last                 9058 
_citation.title                     
'Microbial binding module employs sophisticated clustered saccharide patches to selectively adhere to mucins.' 
_citation.year                      2025 
_citation.database_id_CSD           ? 
_citation.pdbx_database_id_DOI      10.1038/s41467-025-63756-w 
_citation.pdbx_database_id_PubMed   41083434 
_citation.pdbx_database_id_patent   ? 
_citation.unpublished_flag          ? 
# 
loop_
_citation_author.citation_id 
_citation_author.name 
_citation_author.ordinal 
_citation_author.identifier_ORCID 
primary 'Jaroentomeechai, T.'  1  ?                   
primary 'Veloz, B.'            2  0009-0002-8231-6430 
primary 'Soares, C.O.'         3  ?                   
primary 'Goerdeler, F.'        4  0000-0002-7190-9145 
primary 'Grosso, A.S.'         5  ?                   
primary 'Bull, C.'             6  0000-0001-7785-2920 
primary 'Miller, R.L.'         7  0000-0001-8574-1948 
primary 'Furukawa, S.'         8  ?                   
primary 'Gines-Alcober, I.'    9  ?                   
primary 'Taleb, V.'            10 ?                   
primary 'Merino, P.'           11 0000-0002-2202-3460 
primary 'Ghirardello, M.'      12 0000-0002-2855-4801 
primary 'Companon, I.'         13 ?                   
primary 'Coelho, H.'           14 0000-0003-1992-8557 
primary 'Dias, J.S.'           15 0000-0001-9725-1882 
primary 'Vincentelli, R.'      16 0000-0001-9667-0196 
primary 'Henrissat, B.'        17 0000-0002-3434-8588 
primary 'Joshi, H.'            18 0000-0002-8192-2829 
primary 'Clausen, H.'          19 0000-0002-0915-5055 
primary 'Corzana, F.'          20 0000-0001-5597-8127 
primary 'Marcelo, F.'          21 0000-0001-5049-8511 
primary 'Hurtado-Guerrero, R.' 22 0000-0002-3122-9401 
primary 'Narimatsu, Y.'        23 0000-0003-1428-5695 
# 
loop_
_entity.id 
_entity.type 
_entity.src_method 
_entity.pdbx_description 
_entity.formula_weight 
_entity.pdbx_number_of_molecules 
_entity.pdbx_ec 
_entity.pdbx_mutation 
_entity.pdbx_fragment 
_entity.details 
1 polymer     man 'Metalloprotease StcE'                      11415.951 1   3.4.24.- ? ? 
;The 4 glycine residues in the N-terminus come from the construct but it is not present in the theoretical sequence. This is why they have been numbered as negative numbers.
;
2 polymer     syn tetra-Tn-glycopeptide                       886.945   1   ?        ? ? ? 
3 non-polymer man 2-acetamido-2-deoxy-alpha-D-galactopyranose 221.208   4   ?        ? ? ? 
4 water       nat water                                       18.015    188 ?        ? ? ? 
# 
_entity_name_com.entity_id   1 
_entity_name_com.name        'Mucinase,Neutral zinc metalloprotease StcE,Secreted protease of C1 esterase inhibitor from EHEC' 
# 
loop_
_entity_poly.entity_id 
_entity_poly.type 
_entity_poly.nstd_linkage 
_entity_poly.nstd_monomer 
_entity_poly.pdbx_seq_one_letter_code 
_entity_poly.pdbx_seq_one_letter_code_can 
_entity_poly.pdbx_strand_id 
_entity_poly.pdbx_target_identifier 
1 'polypeptide(L)' no no 
;GGGGALPAKENEGCIVSVNSGKRYCLPVGQRSGYSLPDWIVGQEVYVDSGAKAKVLLSDWDNLSYNRIGEFVGNVNPADM
KKVKAWNGQYLDFSKPRSMRVVYK
;
;GGGGALPAKENEGCIVSVNSGKRYCLPVGQRSGYSLPDWIVGQEVYVDSGAKAKVLLSDWDNLSYNRIGEFVGNVNPADM
KKVKAWNGQYLDFSKPRSMRVVYK
;
A ? 
2 'polypeptide(L)' no no AASTTTPAPA AASTTTPAPA M ? 
# 
loop_
_pdbx_entity_nonpoly.entity_id 
_pdbx_entity_nonpoly.name 
_pdbx_entity_nonpoly.comp_id 
3 2-acetamido-2-deoxy-alpha-D-galactopyranose A2G 
4 water                                       HOH 
# 
loop_
_entity_poly_seq.entity_id 
_entity_poly_seq.num 
_entity_poly_seq.mon_id 
_entity_poly_seq.hetero 
1 1   GLY n 
1 2   GLY n 
1 3   GLY n 
1 4   GLY n 
1 5   ALA n 
1 6   LEU n 
1 7   PRO n 
1 8   ALA n 
1 9   LYS n 
1 10  GLU n 
1 11  ASN n 
1 12  GLU n 
1 13  GLY n 
1 14  CYS n 
1 15  ILE n 
1 16  VAL n 
1 17  SER n 
1 18  VAL n 
1 19  ASN n 
1 20  SER n 
1 21  GLY n 
1 22  LYS n 
1 23  ARG n 
1 24  TYR n 
1 25  CYS n 
1 26  LEU n 
1 27  PRO n 
1 28  VAL n 
1 29  GLY n 
1 30  GLN n 
1 31  ARG n 
1 32  SER n 
1 33  GLY n 
1 34  TYR n 
1 35  SER n 
1 36  LEU n 
1 37  PRO n 
1 38  ASP n 
1 39  TRP n 
1 40  ILE n 
1 41  VAL n 
1 42  GLY n 
1 43  GLN n 
1 44  GLU n 
1 45  VAL n 
1 46  TYR n 
1 47  VAL n 
1 48  ASP n 
1 49  SER n 
1 50  GLY n 
1 51  ALA n 
1 52  LYS n 
1 53  ALA n 
1 54  LYS n 
1 55  VAL n 
1 56  LEU n 
1 57  LEU n 
1 58  SER n 
1 59  ASP n 
1 60  TRP n 
1 61  ASP n 
1 62  ASN n 
1 63  LEU n 
1 64  SER n 
1 65  TYR n 
1 66  ASN n 
1 67  ARG n 
1 68  ILE n 
1 69  GLY n 
1 70  GLU n 
1 71  PHE n 
1 72  VAL n 
1 73  GLY n 
1 74  ASN n 
1 75  VAL n 
1 76  ASN n 
1 77  PRO n 
1 78  ALA n 
1 79  ASP n 
1 80  MET n 
1 81  LYS n 
1 82  LYS n 
1 83  VAL n 
1 84  LYS n 
1 85  ALA n 
1 86  TRP n 
1 87  ASN n 
1 88  GLY n 
1 89  GLN n 
1 90  TYR n 
1 91  LEU n 
1 92  ASP n 
1 93  PHE n 
1 94  SER n 
1 95  LYS n 
1 96  PRO n 
1 97  ARG n 
1 98  SER n 
1 99  MET n 
1 100 ARG n 
1 101 VAL n 
1 102 VAL n 
1 103 TYR n 
1 104 LYS n 
2 1   ALA n 
2 2   ALA n 
2 3   SER n 
2 4   THR n 
2 5   THR n 
2 6   THR n 
2 7   PRO n 
2 8   ALA n 
2 9   PRO n 
2 10  ALA n 
# 
_entity_src_gen.entity_id                          1 
_entity_src_gen.pdbx_src_id                        1 
_entity_src_gen.pdbx_alt_source_flag               sample 
_entity_src_gen.pdbx_seq_type                      'Biological sequence' 
_entity_src_gen.pdbx_beg_seq_num                   1 
_entity_src_gen.pdbx_end_seq_num                   104 
_entity_src_gen.gene_src_common_name               ? 
_entity_src_gen.gene_src_genus                     ? 
_entity_src_gen.pdbx_gene_src_gene                 'stcE, tagA, L7031, ECO57PM83' 
_entity_src_gen.gene_src_species                   ? 
_entity_src_gen.gene_src_strain                    ? 
_entity_src_gen.gene_src_tissue                    ? 
_entity_src_gen.gene_src_tissue_fraction           ? 
_entity_src_gen.gene_src_details                   ? 
_entity_src_gen.pdbx_gene_src_fragment             ? 
_entity_src_gen.pdbx_gene_src_scientific_name      'Escherichia coli' 
_entity_src_gen.pdbx_gene_src_ncbi_taxonomy_id     562 
_entity_src_gen.pdbx_gene_src_variant              ? 
_entity_src_gen.pdbx_gene_src_cell_line            ? 
_entity_src_gen.pdbx_gene_src_atcc                 ? 
_entity_src_gen.pdbx_gene_src_organ                ? 
_entity_src_gen.pdbx_gene_src_organelle            ? 
_entity_src_gen.pdbx_gene_src_cell                 ? 
_entity_src_gen.pdbx_gene_src_cellular_location    ? 
_entity_src_gen.host_org_common_name               ? 
_entity_src_gen.pdbx_host_org_scientific_name      'Escherichia coli' 
_entity_src_gen.pdbx_host_org_ncbi_taxonomy_id     562 
_entity_src_gen.host_org_genus                     ? 
_entity_src_gen.pdbx_host_org_gene                 ? 
_entity_src_gen.pdbx_host_org_organ                ? 
_entity_src_gen.host_org_species                   ? 
_entity_src_gen.pdbx_host_org_tissue               ? 
_entity_src_gen.pdbx_host_org_tissue_fraction      ? 
_entity_src_gen.pdbx_host_org_strain               ? 
_entity_src_gen.pdbx_host_org_variant              ? 
_entity_src_gen.pdbx_host_org_cell_line            ? 
_entity_src_gen.pdbx_host_org_atcc                 ? 
_entity_src_gen.pdbx_host_org_culture_collection   ? 
_entity_src_gen.pdbx_host_org_cell                 ? 
_entity_src_gen.pdbx_host_org_organelle            ? 
_entity_src_gen.pdbx_host_org_cellular_location    ? 
_entity_src_gen.pdbx_host_org_vector_type          ? 
_entity_src_gen.pdbx_host_org_vector               ? 
_entity_src_gen.host_org_details                   ? 
_entity_src_gen.expression_system_id               ? 
_entity_src_gen.plasmid_name                       ? 
_entity_src_gen.plasmid_details                    ? 
_entity_src_gen.pdbx_description                   ? 
# 
_pdbx_entity_src_syn.entity_id              2 
_pdbx_entity_src_syn.pdbx_src_id            1 
_pdbx_entity_src_syn.pdbx_alt_source_flag   sample 
_pdbx_entity_src_syn.pdbx_beg_seq_num       1 
_pdbx_entity_src_syn.pdbx_end_seq_num       10 
_pdbx_entity_src_syn.organism_scientific    'synthetic construct' 
_pdbx_entity_src_syn.organism_common_name   ? 
_pdbx_entity_src_syn.ncbi_taxonomy_id       32630 
_pdbx_entity_src_syn.details                ? 
# 
loop_
_chem_comp.id 
_chem_comp.type 
_chem_comp.mon_nstd_flag 
_chem_comp.name 
_chem_comp.pdbx_synonyms 
_chem_comp.formula 
_chem_comp.formula_weight 
A2G 'D-saccharide, alpha linking' . 2-acetamido-2-deoxy-alpha-D-galactopyranose 
;N-acetyl-alpha-D-galactosamine; 2-acetamido-2-deoxy-alpha-D-galactose; 2-acetamido-2-deoxy-D-galactose; 2-acetamido-2-deoxy-galactose; N-ACETYL-2-DEOXY-2-AMINO-GALACTOSE
;
'C8 H15 N O6'    221.208 
ALA 'L-peptide linking'           y ALANINE                                     ? 'C3 H7 N O2'     89.093  
ARG 'L-peptide linking'           y ARGININE                                    ? 'C6 H15 N4 O2 1' 175.209 
ASN 'L-peptide linking'           y ASPARAGINE                                  ? 'C4 H8 N2 O3'    132.118 
ASP 'L-peptide linking'           y 'ASPARTIC ACID'                             ? 'C4 H7 N O4'     133.103 
CYS 'L-peptide linking'           y CYSTEINE                                    ? 'C3 H7 N O2 S'   121.158 
GLN 'L-peptide linking'           y GLUTAMINE                                   ? 'C5 H10 N2 O3'   146.144 
GLU 'L-peptide linking'           y 'GLUTAMIC ACID'                             ? 'C5 H9 N O4'     147.129 
GLY 'peptide linking'             y GLYCINE                                     ? 'C2 H5 N O2'     75.067  
HOH non-polymer                   . WATER                                       ? 'H2 O'           18.015  
ILE 'L-peptide linking'           y ISOLEUCINE                                  ? 'C6 H13 N O2'    131.173 
LEU 'L-peptide linking'           y LEUCINE                                     ? 'C6 H13 N O2'    131.173 
LYS 'L-peptide linking'           y LYSINE                                      ? 'C6 H15 N2 O2 1' 147.195 
MET 'L-peptide linking'           y METHIONINE                                  ? 'C5 H11 N O2 S'  149.211 
PHE 'L-peptide linking'           y PHENYLALANINE                               ? 'C9 H11 N O2'    165.189 
PRO 'L-peptide linking'           y PROLINE                                     ? 'C5 H9 N O2'     115.130 
SER 'L-peptide linking'           y SERINE                                      ? 'C3 H7 N O3'     105.093 
THR 'L-peptide linking'           y THREONINE                                   ? 'C4 H9 N O3'     119.119 
TRP 'L-peptide linking'           y TRYPTOPHAN                                  ? 'C11 H12 N2 O2'  204.225 
TYR 'L-peptide linking'           y TYROSINE                                    ? 'C9 H11 N O3'    181.189 
VAL 'L-peptide linking'           y VALINE                                      ? 'C5 H11 N O2'    117.146 
# 
loop_
_pdbx_chem_comp_identifier.comp_id 
_pdbx_chem_comp_identifier.type 
_pdbx_chem_comp_identifier.program 
_pdbx_chem_comp_identifier.program_version 
_pdbx_chem_comp_identifier.identifier 
A2G 'CONDENSED IUPAC CARBOHYDRATE SYMBOL' GMML     1.0 DGalpNAca                        
A2G 'COMMON NAME'                         GMML     1.0 N-acetyl-a-D-galactopyranosamine 
A2G 'IUPAC CARBOHYDRATE SYMBOL'           PDB-CARE 1.0 a-D-GalpNAc                      
A2G 'SNFG CARBOHYDRATE SYMBOL'            GMML     1.0 GalNAc                           
# 
loop_
_pdbx_poly_seq_scheme.asym_id 
_pdbx_poly_seq_scheme.entity_id 
_pdbx_poly_seq_scheme.seq_id 
_pdbx_poly_seq_scheme.mon_id 
_pdbx_poly_seq_scheme.ndb_seq_num 
_pdbx_poly_seq_scheme.pdb_seq_num 
_pdbx_poly_seq_scheme.auth_seq_num 
_pdbx_poly_seq_scheme.pdb_mon_id 
_pdbx_poly_seq_scheme.auth_mon_id 
_pdbx_poly_seq_scheme.pdb_strand_id 
_pdbx_poly_seq_scheme.pdb_ins_code 
_pdbx_poly_seq_scheme.hetero 
A 1 1   GLY 1   -3  -3  GLY GLY A . n 
A 1 2   GLY 2   -2  -2  GLY GLY A . n 
A 1 3   GLY 3   -1  -1  GLY GLY A . n 
A 1 4   GLY 4   0   0   GLY GLY A . n 
A 1 5   ALA 5   799 799 ALA ALA A . n 
A 1 6   LEU 6   800 800 LEU LEU A . n 
A 1 7   PRO 7   801 801 PRO PRO A . n 
A 1 8   ALA 8   802 802 ALA ALA A . n 
A 1 9   LYS 9   803 803 LYS LYS A . n 
A 1 10  GLU 10  804 804 GLU GLU A . n 
A 1 11  ASN 11  805 805 ASN ASN A . n 
A 1 12  GLU 12  806 806 GLU GLU A . n 
A 1 13  GLY 13  807 807 GLY GLY A . n 
A 1 14  CYS 14  808 808 CYS CYS A . n 
A 1 15  ILE 15  809 809 ILE ILE A . n 
A 1 16  VAL 16  810 810 VAL VAL A . n 
A 1 17  SER 17  811 811 SER SER A . n 
A 1 18  VAL 18  812 812 VAL VAL A . n 
A 1 19  ASN 19  813 813 ASN ASN A . n 
A 1 20  SER 20  814 814 SER SER A . n 
A 1 21  GLY 21  815 815 GLY GLY A . n 
A 1 22  LYS 22  816 816 LYS LYS A . n 
A 1 23  ARG 23  817 817 ARG ARG A . n 
A 1 24  TYR 24  818 818 TYR TYR A . n 
A 1 25  CYS 25  819 819 CYS CYS A . n 
A 1 26  LEU 26  820 820 LEU LEU A . n 
A 1 27  PRO 27  821 821 PRO PRO A . n 
A 1 28  VAL 28  822 822 VAL VAL A . n 
A 1 29  GLY 29  823 823 GLY GLY A . n 
A 1 30  GLN 30  824 824 GLN GLN A . n 
A 1 31  ARG 31  825 825 ARG ARG A . n 
A 1 32  SER 32  826 826 SER SER A . n 
A 1 33  GLY 33  827 827 GLY GLY A . n 
A 1 34  TYR 34  828 828 TYR TYR A . n 
A 1 35  SER 35  829 829 SER SER A . n 
A 1 36  LEU 36  830 830 LEU LEU A . n 
A 1 37  PRO 37  831 831 PRO PRO A . n 
A 1 38  ASP 38  832 832 ASP ASP A . n 
A 1 39  TRP 39  833 833 TRP TRP A . n 
A 1 40  ILE 40  834 834 ILE ILE A . n 
A 1 41  VAL 41  835 835 VAL VAL A . n 
A 1 42  GLY 42  836 836 GLY GLY A . n 
A 1 43  GLN 43  837 837 GLN GLN A . n 
A 1 44  GLU 44  838 838 GLU GLU A . n 
A 1 45  VAL 45  839 839 VAL VAL A . n 
A 1 46  TYR 46  840 840 TYR TYR A . n 
A 1 47  VAL 47  841 841 VAL VAL A . n 
A 1 48  ASP 48  842 842 ASP ASP A . n 
A 1 49  SER 49  843 843 SER SER A . n 
A 1 50  GLY 50  844 844 GLY GLY A . n 
A 1 51  ALA 51  845 845 ALA ALA A . n 
A 1 52  LYS 52  846 846 LYS LYS A . n 
A 1 53  ALA 53  847 847 ALA ALA A . n 
A 1 54  LYS 54  848 848 LYS LYS A . n 
A 1 55  VAL 55  849 849 VAL VAL A . n 
A 1 56  LEU 56  850 850 LEU LEU A . n 
A 1 57  LEU 57  851 851 LEU LEU A . n 
A 1 58  SER 58  852 852 SER SER A . n 
A 1 59  ASP 59  853 853 ASP ASP A . n 
A 1 60  TRP 60  854 854 TRP TRP A . n 
A 1 61  ASP 61  855 855 ASP ASP A . n 
A 1 62  ASN 62  856 856 ASN ASN A . n 
A 1 63  LEU 63  857 857 LEU LEU A . n 
A 1 64  SER 64  858 858 SER SER A . n 
A 1 65  TYR 65  859 859 TYR TYR A . n 
A 1 66  ASN 66  860 860 ASN ASN A . n 
A 1 67  ARG 67  861 861 ARG ARG A . n 
A 1 68  ILE 68  862 862 ILE ILE A . n 
A 1 69  GLY 69  863 863 GLY GLY A . n 
A 1 70  GLU 70  864 864 GLU GLU A . n 
A 1 71  PHE 71  865 865 PHE PHE A . n 
A 1 72  VAL 72  866 866 VAL VAL A . n 
A 1 73  GLY 73  867 867 GLY GLY A . n 
A 1 74  ASN 74  868 868 ASN ASN A . n 
A 1 75  VAL 75  869 869 VAL VAL A . n 
A 1 76  ASN 76  870 870 ASN ASN A . n 
A 1 77  PRO 77  871 871 PRO PRO A . n 
A 1 78  ALA 78  872 872 ALA ALA A . n 
A 1 79  ASP 79  873 873 ASP ASP A . n 
A 1 80  MET 80  874 874 MET MET A . n 
A 1 81  LYS 81  875 875 LYS LYS A . n 
A 1 82  LYS 82  876 876 LYS LYS A . n 
A 1 83  VAL 83  877 877 VAL VAL A . n 
A 1 84  LYS 84  878 878 LYS LYS A . n 
A 1 85  ALA 85  879 879 ALA ALA A . n 
A 1 86  TRP 86  880 880 TRP TRP A . n 
A 1 87  ASN 87  881 881 ASN ASN A . n 
A 1 88  GLY 88  882 882 GLY GLY A . n 
A 1 89  GLN 89  883 883 GLN GLN A . n 
A 1 90  TYR 90  884 884 TYR TYR A . n 
A 1 91  LEU 91  885 885 LEU LEU A . n 
A 1 92  ASP 92  886 886 ASP ASP A . n 
A 1 93  PHE 93  887 887 PHE PHE A . n 
A 1 94  SER 94  888 888 SER SER A . n 
A 1 95  LYS 95  889 889 LYS LYS A . n 
A 1 96  PRO 96  890 890 PRO PRO A . n 
A 1 97  ARG 97  891 891 ARG ARG A . n 
A 1 98  SER 98  892 892 SER SER A . n 
A 1 99  MET 99  893 893 MET MET A . n 
A 1 100 ARG 100 894 894 ARG ARG A . n 
A 1 101 VAL 101 895 895 VAL VAL A . n 
A 1 102 VAL 102 896 896 VAL VAL A . n 
A 1 103 TYR 103 897 897 TYR TYR A . n 
A 1 104 LYS 104 898 898 LYS LYS A . n 
B 2 1   ALA 1   1   901 ALA DRG M . n 
B 2 2   ALA 2   2   901 ALA DRG M . n 
B 2 3   SER 3   3   901 SER DRG M . n 
B 2 4   THR 4   4   901 THR DRG M . n 
B 2 5   THR 5   5   901 THR DRG M . n 
B 2 6   THR 6   6   901 THR DRG M . n 
B 2 7   PRO 7   7   901 PRO DRG M . n 
B 2 8   ALA 8   8   901 ALA DRG M . n 
B 2 9   PRO 9   9   901 PRO DRG M . n 
B 2 10  ALA 10  10  ?   ?   ?   M . n 
# 
_pdbx_entity_instance_feature.ordinal        1 
_pdbx_entity_instance_feature.comp_id        A2G 
_pdbx_entity_instance_feature.asym_id        ? 
_pdbx_entity_instance_feature.seq_num        ? 
_pdbx_entity_instance_feature.auth_comp_id   A2G 
_pdbx_entity_instance_feature.auth_asym_id   ? 
_pdbx_entity_instance_feature.auth_seq_num   ? 
_pdbx_entity_instance_feature.feature_type   'SUBJECT OF INVESTIGATION' 
_pdbx_entity_instance_feature.details        ? 
# 
loop_
_pdbx_nonpoly_scheme.asym_id 
_pdbx_nonpoly_scheme.entity_id 
_pdbx_nonpoly_scheme.mon_id 
_pdbx_nonpoly_scheme.ndb_seq_num 
_pdbx_nonpoly_scheme.pdb_seq_num 
_pdbx_nonpoly_scheme.auth_seq_num 
_pdbx_nonpoly_scheme.pdb_mon_id 
_pdbx_nonpoly_scheme.auth_mon_id 
_pdbx_nonpoly_scheme.pdb_strand_id 
_pdbx_nonpoly_scheme.pdb_ins_code 
C 3 A2G 1   101  901 A2G DRG M . 
D 3 A2G 1   102  901 A2G DRG M . 
E 3 A2G 1   103  901 A2G DRG M . 
F 3 A2G 1   104  901 A2G DRG M . 
G 4 HOH 1   901  170 HOH HOH A . 
G 4 HOH 2   902  185 HOH HOH A . 
G 4 HOH 3   903  148 HOH HOH A . 
G 4 HOH 4   904  91  HOH HOH A . 
G 4 HOH 5   905  73  HOH HOH A . 
G 4 HOH 6   906  206 HOH HOH A . 
G 4 HOH 7   907  21  HOH HOH A . 
G 4 HOH 8   908  158 HOH HOH A . 
G 4 HOH 9   909  207 HOH HOH A . 
G 4 HOH 10  910  165 HOH HOH A . 
G 4 HOH 11  911  126 HOH HOH A . 
G 4 HOH 12  912  103 HOH HOH A . 
G 4 HOH 13  913  204 HOH HOH A . 
G 4 HOH 14  914  74  HOH HOH A . 
G 4 HOH 15  915  13  HOH HOH A . 
G 4 HOH 16  916  27  HOH HOH A . 
G 4 HOH 17  917  3   HOH HOH A . 
G 4 HOH 18  918  7   HOH HOH A . 
G 4 HOH 19  919  134 HOH HOH A . 
G 4 HOH 20  920  38  HOH HOH A . 
G 4 HOH 21  921  143 HOH HOH A . 
G 4 HOH 22  922  29  HOH HOH A . 
G 4 HOH 23  923  131 HOH HOH A . 
G 4 HOH 24  924  30  HOH HOH A . 
G 4 HOH 25  925  18  HOH HOH A . 
G 4 HOH 26  926  68  HOH HOH A . 
G 4 HOH 27  927  149 HOH HOH A . 
G 4 HOH 28  928  156 HOH HOH A . 
G 4 HOH 29  929  45  HOH HOH A . 
G 4 HOH 30  930  154 HOH HOH A . 
G 4 HOH 31  931  135 HOH HOH A . 
G 4 HOH 32  932  179 HOH HOH A . 
G 4 HOH 33  933  136 HOH HOH A . 
G 4 HOH 34  934  125 HOH HOH A . 
G 4 HOH 35  935  137 HOH HOH A . 
G 4 HOH 36  936  33  HOH HOH A . 
G 4 HOH 37  937  17  HOH HOH A . 
G 4 HOH 38  938  150 HOH HOH A . 
G 4 HOH 39  939  51  HOH HOH A . 
G 4 HOH 40  940  28  HOH HOH A . 
G 4 HOH 41  941  37  HOH HOH A . 
G 4 HOH 42  942  79  HOH HOH A . 
G 4 HOH 43  943  15  HOH HOH A . 
G 4 HOH 44  944  124 HOH HOH A . 
G 4 HOH 45  945  118 HOH HOH A . 
G 4 HOH 46  946  12  HOH HOH A . 
G 4 HOH 47  947  106 HOH HOH A . 
G 4 HOH 48  948  87  HOH HOH A . 
G 4 HOH 49  949  52  HOH HOH A . 
G 4 HOH 50  950  36  HOH HOH A . 
G 4 HOH 51  951  72  HOH HOH A . 
G 4 HOH 52  952  32  HOH HOH A . 
G 4 HOH 53  953  10  HOH HOH A . 
G 4 HOH 54  954  102 HOH HOH A . 
G 4 HOH 55  955  41  HOH HOH A . 
G 4 HOH 56  956  133 HOH HOH A . 
G 4 HOH 57  957  61  HOH HOH A . 
G 4 HOH 58  958  86  HOH HOH A . 
G 4 HOH 59  959  42  HOH HOH A . 
G 4 HOH 60  960  35  HOH HOH A . 
G 4 HOH 61  961  209 HOH HOH A . 
G 4 HOH 62  962  20  HOH HOH A . 
G 4 HOH 63  963  49  HOH HOH A . 
G 4 HOH 64  964  140 HOH HOH A . 
G 4 HOH 65  965  130 HOH HOH A . 
G 4 HOH 66  966  56  HOH HOH A . 
G 4 HOH 67  967  53  HOH HOH A . 
G 4 HOH 68  968  8   HOH HOH A . 
G 4 HOH 69  969  40  HOH HOH A . 
G 4 HOH 70  970  50  HOH HOH A . 
G 4 HOH 71  971  69  HOH HOH A . 
G 4 HOH 72  972  57  HOH HOH A . 
G 4 HOH 73  973  16  HOH HOH A . 
G 4 HOH 74  974  11  HOH HOH A . 
G 4 HOH 75  975  93  HOH HOH A . 
G 4 HOH 76  976  108 HOH HOH A . 
G 4 HOH 77  977  112 HOH HOH A . 
G 4 HOH 78  978  31  HOH HOH A . 
G 4 HOH 79  979  161 HOH HOH A . 
G 4 HOH 80  980  132 HOH HOH A . 
G 4 HOH 81  981  64  HOH HOH A . 
G 4 HOH 82  982  65  HOH HOH A . 
G 4 HOH 83  983  97  HOH HOH A . 
G 4 HOH 84  984  80  HOH HOH A . 
G 4 HOH 85  985  25  HOH HOH A . 
G 4 HOH 86  986  66  HOH HOH A . 
G 4 HOH 87  987  145 HOH HOH A . 
G 4 HOH 88  988  139 HOH HOH A . 
G 4 HOH 89  989  71  HOH HOH A . 
G 4 HOH 90  990  138 HOH HOH A . 
G 4 HOH 91  991  147 HOH HOH A . 
G 4 HOH 92  992  26  HOH HOH A . 
G 4 HOH 93  993  104 HOH HOH A . 
G 4 HOH 94  994  191 HOH HOH A . 
G 4 HOH 95  995  107 HOH HOH A . 
G 4 HOH 96  996  155 HOH HOH A . 
G 4 HOH 97  997  123 HOH HOH A . 
G 4 HOH 98  998  9   HOH HOH A . 
G 4 HOH 99  999  39  HOH HOH A . 
G 4 HOH 100 1000 22  HOH HOH A . 
G 4 HOH 101 1001 19  HOH HOH A . 
G 4 HOH 102 1002 195 HOH HOH A . 
G 4 HOH 103 1003 141 HOH HOH A . 
G 4 HOH 104 1004 95  HOH HOH A . 
G 4 HOH 105 1005 48  HOH HOH A . 
G 4 HOH 106 1006 157 HOH HOH A . 
G 4 HOH 107 1007 1   HOH HOH A . 
G 4 HOH 108 1008 88  HOH HOH A . 
G 4 HOH 109 1009 208 HOH HOH A . 
G 4 HOH 110 1010 163 HOH HOH A . 
G 4 HOH 111 1011 59  HOH HOH A . 
G 4 HOH 112 1012 205 HOH HOH A . 
G 4 HOH 113 1013 176 HOH HOH A . 
G 4 HOH 114 1014 201 HOH HOH A . 
G 4 HOH 115 1015 184 HOH HOH A . 
G 4 HOH 116 1016 110 HOH HOH A . 
G 4 HOH 117 1017 153 HOH HOH A . 
G 4 HOH 118 1018 70  HOH HOH A . 
G 4 HOH 119 1019 76  HOH HOH A . 
G 4 HOH 120 1020 101 HOH HOH A . 
G 4 HOH 121 1021 60  HOH HOH A . 
G 4 HOH 122 1022 151 HOH HOH A . 
G 4 HOH 123 1023 193 HOH HOH A . 
G 4 HOH 124 1024 186 HOH HOH A . 
G 4 HOH 125 1025 116 HOH HOH A . 
G 4 HOH 126 1026 105 HOH HOH A . 
G 4 HOH 127 1027 199 HOH HOH A . 
G 4 HOH 128 1028 58  HOH HOH A . 
G 4 HOH 129 1029 169 HOH HOH A . 
G 4 HOH 130 1030 177 HOH HOH A . 
G 4 HOH 131 1031 127 HOH HOH A . 
G 4 HOH 132 1032 109 HOH HOH A . 
G 4 HOH 133 1033 173 HOH HOH A . 
G 4 HOH 134 1034 200 HOH HOH A . 
G 4 HOH 135 1035 90  HOH HOH A . 
G 4 HOH 136 1036 55  HOH HOH A . 
G 4 HOH 137 1037 43  HOH HOH A . 
G 4 HOH 138 1038 121 HOH HOH A . 
G 4 HOH 139 1039 94  HOH HOH A . 
G 4 HOH 140 1040 175 HOH HOH A . 
G 4 HOH 141 1041 62  HOH HOH A . 
G 4 HOH 142 1042 100 HOH HOH A . 
G 4 HOH 143 1043 128 HOH HOH A . 
G 4 HOH 144 1044 89  HOH HOH A . 
G 4 HOH 145 1045 77  HOH HOH A . 
G 4 HOH 146 1046 122 HOH HOH A . 
G 4 HOH 147 1047 75  HOH HOH A . 
G 4 HOH 148 1048 117 HOH HOH A . 
G 4 HOH 149 1049 84  HOH HOH A . 
G 4 HOH 150 1050 183 HOH HOH A . 
G 4 HOH 151 1051 120 HOH HOH A . 
G 4 HOH 152 1052 67  HOH HOH A . 
G 4 HOH 153 1053 188 HOH HOH A . 
G 4 HOH 154 1054 178 HOH HOH A . 
G 4 HOH 155 1055 164 HOH HOH A . 
G 4 HOH 156 1056 83  HOH HOH A . 
G 4 HOH 157 1057 113 HOH HOH A . 
G 4 HOH 158 1058 119 HOH HOH A . 
G 4 HOH 159 1059 167 HOH HOH A . 
G 4 HOH 160 1060 47  HOH HOH A . 
G 4 HOH 161 1061 115 HOH HOH A . 
H 4 HOH 1   201  34  HOH HOH M . 
H 4 HOH 2   202  96  HOH HOH M . 
H 4 HOH 3   203  23  HOH HOH M . 
H 4 HOH 4   204  98  HOH HOH M . 
H 4 HOH 5   205  4   HOH HOH M . 
H 4 HOH 6   206  172 HOH HOH M . 
H 4 HOH 7   207  152 HOH HOH M . 
H 4 HOH 8   208  24  HOH HOH M . 
H 4 HOH 9   209  189 HOH HOH M . 
H 4 HOH 10  210  78  HOH HOH M . 
H 4 HOH 11  211  44  HOH HOH M . 
H 4 HOH 12  212  5   HOH HOH M . 
H 4 HOH 13  213  14  HOH HOH M . 
H 4 HOH 14  214  85  HOH HOH M . 
H 4 HOH 15  215  2   HOH HOH M . 
H 4 HOH 16  216  194 HOH HOH M . 
H 4 HOH 17  217  63  HOH HOH M . 
H 4 HOH 18  218  190 HOH HOH M . 
H 4 HOH 19  219  182 HOH HOH M . 
H 4 HOH 20  220  54  HOH HOH M . 
H 4 HOH 21  221  159 HOH HOH M . 
H 4 HOH 22  222  171 HOH HOH M . 
H 4 HOH 23  223  142 HOH HOH M . 
H 4 HOH 24  224  180 HOH HOH M . 
H 4 HOH 25  225  166 HOH HOH M . 
H 4 HOH 26  226  82  HOH HOH M . 
H 4 HOH 27  227  174 HOH HOH M . 
# 
loop_
_pdbx_unobs_or_zero_occ_atoms.id 
_pdbx_unobs_or_zero_occ_atoms.PDB_model_num 
_pdbx_unobs_or_zero_occ_atoms.polymer_flag 
_pdbx_unobs_or_zero_occ_atoms.occupancy_flag 
_pdbx_unobs_or_zero_occ_atoms.auth_asym_id 
_pdbx_unobs_or_zero_occ_atoms.auth_comp_id 
_pdbx_unobs_or_zero_occ_atoms.auth_seq_id 
_pdbx_unobs_or_zero_occ_atoms.PDB_ins_code 
_pdbx_unobs_or_zero_occ_atoms.auth_atom_id 
_pdbx_unobs_or_zero_occ_atoms.label_alt_id 
_pdbx_unobs_or_zero_occ_atoms.label_asym_id 
_pdbx_unobs_or_zero_occ_atoms.label_comp_id 
_pdbx_unobs_or_zero_occ_atoms.label_seq_id 
_pdbx_unobs_or_zero_occ_atoms.label_atom_id 
1 1 Y 1 M PRO 9 ? CA ? B PRO 9 CA 
2 1 Y 1 M PRO 9 ? C  ? B PRO 9 C  
3 1 Y 1 M PRO 9 ? O  ? B PRO 9 O  
4 1 Y 1 M PRO 9 ? CB ? B PRO 9 CB 
5 1 Y 1 M PRO 9 ? CG ? B PRO 9 CG 
6 1 Y 1 M PRO 9 ? CD ? B PRO 9 CD 
# 
loop_
_software.citation_id 
_software.classification 
_software.compiler_name 
_software.compiler_version 
_software.contact_author 
_software.contact_author_email 
_software.date 
_software.description 
_software.dependencies 
_software.hardware 
_software.language 
_software.location 
_software.mods 
_software.name 
_software.os 
_software.os_version 
_software.type 
_software.version 
_software.pdbx_ordinal 
? refinement       ? ? ? ? ? ? ? ? ? ? ? REFMAC ? ? ? 5.8.0419 1 
? 'data reduction' ? ? ? ? ? ? ? ? ? ? ? XDS    ? ? ? .        2 
? 'data scaling'   ? ? ? ? ? ? ? ? ? ? ? SCALA  ? ? ? .        3 
? phasing          ? ? ? ? ? ? ? ? ? ? ? PHASER ? ? ? .        4 
# 
_cell.angle_alpha                  90.00 
_cell.angle_alpha_esd              ? 
_cell.angle_beta                   90.00 
_cell.angle_beta_esd               ? 
_cell.angle_gamma                  90.00 
_cell.angle_gamma_esd              ? 
_cell.entry_id                     9GRF 
_cell.details                      ? 
_cell.formula_units_Z              ? 
_cell.length_a                     63.696 
_cell.length_a_esd                 ? 
_cell.length_b                     76.050 
_cell.length_b_esd                 ? 
_cell.length_c                     27.858 
_cell.length_c_esd                 ? 
_cell.volume                       ? 
_cell.volume_esd                   ? 
_cell.Z_PDB                        4 
_cell.reciprocal_angle_alpha       ? 
_cell.reciprocal_angle_beta        ? 
_cell.reciprocal_angle_gamma       ? 
_cell.reciprocal_angle_alpha_esd   ? 
_cell.reciprocal_angle_beta_esd    ? 
_cell.reciprocal_angle_gamma_esd   ? 
_cell.reciprocal_length_a          ? 
_cell.reciprocal_length_b          ? 
_cell.reciprocal_length_c          ? 
_cell.reciprocal_length_a_esd      ? 
_cell.reciprocal_length_b_esd      ? 
_cell.reciprocal_length_c_esd      ? 
_cell.pdbx_unique_axis             ? 
_cell.pdbx_esd_method              ? 
# 
_symmetry.entry_id                         9GRF 
_symmetry.cell_setting                     ? 
_symmetry.Int_Tables_number                18 
_symmetry.space_group_name_Hall            ? 
_symmetry.space_group_name_H-M             'P 21 21 2' 
_symmetry.pdbx_full_space_group_name_H-M   ? 
# 
_exptl.absorpt_coefficient_mu     ? 
_exptl.absorpt_correction_T_max   ? 
_exptl.absorpt_correction_T_min   ? 
_exptl.absorpt_correction_type    ? 
_exptl.absorpt_process_details    ? 
_exptl.entry_id                   9GRF 
_exptl.crystals_number            1 
_exptl.details                    ? 
_exptl.method                     'X-RAY DIFFRACTION' 
_exptl.method_details             ? 
# 
_exptl_crystal.colour                       ? 
_exptl_crystal.density_diffrn               ? 
_exptl_crystal.density_Matthews             2.56 
_exptl_crystal.density_method               ? 
_exptl_crystal.density_percent_sol          51.94 
_exptl_crystal.description                  ? 
_exptl_crystal.F_000                        ? 
_exptl_crystal.id                           1 
_exptl_crystal.preparation                  ? 
_exptl_crystal.size_max                     ? 
_exptl_crystal.size_mid                     ? 
_exptl_crystal.size_min                     ? 
_exptl_crystal.size_rad                     ? 
_exptl_crystal.colour_lustre                ? 
_exptl_crystal.colour_modifier              ? 
_exptl_crystal.colour_primary               ? 
_exptl_crystal.density_meas                 ? 
_exptl_crystal.density_meas_esd             ? 
_exptl_crystal.density_meas_gt              ? 
_exptl_crystal.density_meas_lt              ? 
_exptl_crystal.density_meas_temp            ? 
_exptl_crystal.density_meas_temp_esd        ? 
_exptl_crystal.density_meas_temp_gt         ? 
_exptl_crystal.density_meas_temp_lt         ? 
_exptl_crystal.pdbx_crystal_image_url       ? 
_exptl_crystal.pdbx_crystal_image_format    ? 
_exptl_crystal.pdbx_mosaicity               ? 
_exptl_crystal.pdbx_mosaicity_esd           ? 
_exptl_crystal.pdbx_mosaic_method           ? 
_exptl_crystal.pdbx_mosaic_block_size       ? 
_exptl_crystal.pdbx_mosaic_block_size_esd   ? 
# 
_exptl_crystal_grow.apparatus       ? 
_exptl_crystal_grow.atmosphere      ? 
_exptl_crystal_grow.crystal_id      1 
_exptl_crystal_grow.details         ? 
_exptl_crystal_grow.method          'VAPOR DIFFUSION, SITTING DROP' 
_exptl_crystal_grow.method_ref      ? 
_exptl_crystal_grow.pH              ? 
_exptl_crystal_grow.pressure        ? 
_exptl_crystal_grow.pressure_esd    ? 
_exptl_crystal_grow.seeding         ? 
_exptl_crystal_grow.seeding_ref     ? 
_exptl_crystal_grow.temp_details    ? 
_exptl_crystal_grow.temp_esd        ? 
_exptl_crystal_grow.time            ? 
_exptl_crystal_grow.pdbx_details    'Polyethylene glycol monomethyl ether 5,000 Lithium chloride' 
_exptl_crystal_grow.pdbx_pH_range   ? 
_exptl_crystal_grow.temp            291 
# 
_diffrn.ambient_environment              ? 
_diffrn.ambient_temp                     100 
_diffrn.ambient_temp_details             ? 
_diffrn.ambient_temp_esd                 ? 
_diffrn.crystal_id                       1 
_diffrn.crystal_support                  ? 
_diffrn.crystal_treatment                ? 
_diffrn.details                          ? 
_diffrn.id                               1 
_diffrn.ambient_pressure                 ? 
_diffrn.ambient_pressure_esd             ? 
_diffrn.ambient_pressure_gt              ? 
_diffrn.ambient_pressure_lt              ? 
_diffrn.ambient_temp_gt                  ? 
_diffrn.ambient_temp_lt                  ? 
_diffrn.pdbx_serial_crystal_experiment   N 
# 
_diffrn_detector.details                      ? 
_diffrn_detector.detector                     PIXEL 
_diffrn_detector.diffrn_id                    1 
_diffrn_detector.type                         'DECTRIS PILATUS3 S 6M' 
_diffrn_detector.area_resol_mean              ? 
_diffrn_detector.dtime                        ? 
_diffrn_detector.pdbx_frames_total            ? 
_diffrn_detector.pdbx_collection_time_total   ? 
_diffrn_detector.pdbx_collection_date         2023-05-04 
_diffrn_detector.pdbx_frequency               ? 
_diffrn_detector.id                           ? 
_diffrn_detector.number_of_axes               ? 
# 
_diffrn_radiation.collimation                      ? 
_diffrn_radiation.diffrn_id                        1 
_diffrn_radiation.filter_edge                      ? 
_diffrn_radiation.inhomogeneity                    ? 
_diffrn_radiation.monochromator                    ? 
_diffrn_radiation.polarisn_norm                    ? 
_diffrn_radiation.polarisn_ratio                   ? 
_diffrn_radiation.probe                            ? 
_diffrn_radiation.type                             ? 
_diffrn_radiation.xray_symbol                      ? 
_diffrn_radiation.wavelength_id                    1 
_diffrn_radiation.pdbx_monochromatic_or_laue_m_l   M 
_diffrn_radiation.pdbx_wavelength_list             ? 
_diffrn_radiation.pdbx_wavelength                  ? 
_diffrn_radiation.pdbx_diffrn_protocol             'SINGLE WAVELENGTH' 
_diffrn_radiation.pdbx_analyzer                    ? 
_diffrn_radiation.pdbx_scattering_type             x-ray 
# 
_diffrn_radiation_wavelength.id           1 
_diffrn_radiation_wavelength.wavelength   0.97 
_diffrn_radiation_wavelength.wt           1.0 
# 
_diffrn_source.current                     ? 
_diffrn_source.details                     ? 
_diffrn_source.diffrn_id                   1 
_diffrn_source.power                       ? 
_diffrn_source.size                        ? 
_diffrn_source.source                      SYNCHROTRON 
_diffrn_source.target                      ? 
_diffrn_source.type                        'ALBA BEAMLINE XALOC' 
_diffrn_source.voltage                     ? 
_diffrn_source.take-off_angle              ? 
_diffrn_source.pdbx_wavelength_list        0.97 
_diffrn_source.pdbx_wavelength             ? 
_diffrn_source.pdbx_synchrotron_beamline   XALOC 
_diffrn_source.pdbx_synchrotron_site       ALBA 
# 
_reflns.B_iso_Wilson_estimate                          ? 
_reflns.entry_id                                       9GRF 
_reflns.data_reduction_details                         ? 
_reflns.data_reduction_method                          ? 
_reflns.d_resolution_high                              1.14 
_reflns.d_resolution_low                               20 
_reflns.details                                        ? 
_reflns.limit_h_max                                    ? 
_reflns.limit_h_min                                    ? 
_reflns.limit_k_max                                    ? 
_reflns.limit_k_min                                    ? 
_reflns.limit_l_max                                    ? 
_reflns.limit_l_min                                    ? 
_reflns.number_all                                     ? 
_reflns.number_obs                                     49244 
_reflns.observed_criterion                             ? 
_reflns.observed_criterion_F_max                       ? 
_reflns.observed_criterion_F_min                       ? 
_reflns.observed_criterion_I_max                       ? 
_reflns.observed_criterion_I_min                       ? 
_reflns.observed_criterion_sigma_F                     ? 
_reflns.observed_criterion_sigma_I                     ? 
_reflns.percent_possible_obs                           97.9 
_reflns.R_free_details                                 ? 
_reflns.Rmerge_F_all                                   ? 
_reflns.Rmerge_F_obs                                   ? 
_reflns.Friedel_coverage                               ? 
_reflns.number_gt                                      ? 
_reflns.threshold_expression                           ? 
_reflns.pdbx_redundancy                                12.4 
_reflns.pdbx_netI_over_av_sigmaI                       ? 
_reflns.pdbx_netI_over_sigmaI                          34.4 
_reflns.pdbx_res_netI_over_av_sigmaI_2                 ? 
_reflns.pdbx_res_netI_over_sigmaI_2                    ? 
_reflns.pdbx_chi_squared                               ? 
_reflns.pdbx_scaling_rejects                           ? 
_reflns.pdbx_d_res_high_opt                            ? 
_reflns.pdbx_d_res_low_opt                             ? 
_reflns.pdbx_d_res_opt_method                          ? 
_reflns.phase_calculation_details                      ? 
_reflns.pdbx_Rrim_I_all                                ? 
_reflns.pdbx_Rpim_I_all                                0.014 
_reflns.pdbx_d_opt                                     ? 
_reflns.pdbx_number_measured_all                       ? 
_reflns.pdbx_diffrn_id                                 1 
_reflns.pdbx_ordinal                                   1 
_reflns.pdbx_CC_half                                   0.998 
_reflns.pdbx_CC_star                                   ? 
_reflns.pdbx_R_split                                   ? 
_reflns.pdbx_Rmerge_I_obs                              ? 
_reflns.pdbx_Rmerge_I_all                              ? 
_reflns.pdbx_Rsym_value                                ? 
_reflns.pdbx_CC_split_method                           ? 
_reflns.pdbx_aniso_diffraction_limit_axis_1_ortho[1]   ? 
_reflns.pdbx_aniso_diffraction_limit_axis_1_ortho[2]   ? 
_reflns.pdbx_aniso_diffraction_limit_axis_1_ortho[3]   ? 
_reflns.pdbx_aniso_diffraction_limit_axis_2_ortho[1]   ? 
_reflns.pdbx_aniso_diffraction_limit_axis_2_ortho[2]   ? 
_reflns.pdbx_aniso_diffraction_limit_axis_2_ortho[3]   ? 
_reflns.pdbx_aniso_diffraction_limit_axis_3_ortho[1]   ? 
_reflns.pdbx_aniso_diffraction_limit_axis_3_ortho[2]   ? 
_reflns.pdbx_aniso_diffraction_limit_axis_3_ortho[3]   ? 
_reflns.pdbx_aniso_diffraction_limit_1                 ? 
_reflns.pdbx_aniso_diffraction_limit_2                 ? 
_reflns.pdbx_aniso_diffraction_limit_3                 ? 
_reflns.pdbx_aniso_B_tensor_eigenvector_1_ortho[1]     ? 
_reflns.pdbx_aniso_B_tensor_eigenvector_1_ortho[2]     ? 
_reflns.pdbx_aniso_B_tensor_eigenvector_1_ortho[3]     ? 
_reflns.pdbx_aniso_B_tensor_eigenvector_2_ortho[1]     ? 
_reflns.pdbx_aniso_B_tensor_eigenvector_2_ortho[2]     ? 
_reflns.pdbx_aniso_B_tensor_eigenvector_2_ortho[3]     ? 
_reflns.pdbx_aniso_B_tensor_eigenvector_3_ortho[1]     ? 
_reflns.pdbx_aniso_B_tensor_eigenvector_3_ortho[2]     ? 
_reflns.pdbx_aniso_B_tensor_eigenvector_3_ortho[3]     ? 
_reflns.pdbx_aniso_B_tensor_eigenvalue_1               ? 
_reflns.pdbx_aniso_B_tensor_eigenvalue_2               ? 
_reflns.pdbx_aniso_B_tensor_eigenvalue_3               ? 
_reflns.pdbx_orthogonalization_convention              ? 
_reflns.pdbx_percent_possible_ellipsoidal              ? 
_reflns.pdbx_percent_possible_spherical                ? 
_reflns.pdbx_percent_possible_ellipsoidal_anomalous    ? 
_reflns.pdbx_percent_possible_spherical_anomalous      ? 
_reflns.pdbx_redundancy_anomalous                      ? 
_reflns.pdbx_CC_half_anomalous                         ? 
_reflns.pdbx_absDiff_over_sigma_anomalous              ? 
_reflns.pdbx_percent_possible_anomalous                ? 
_reflns.pdbx_observed_signal_threshold                 ? 
_reflns.pdbx_signal_type                               ? 
_reflns.pdbx_signal_details                            ? 
_reflns.pdbx_signal_software_id                        ? 
# 
_reflns_shell.d_res_high                                    1.14 
_reflns_shell.d_res_low                                     1.20 
_reflns_shell.meanI_over_sigI_all                           ? 
_reflns_shell.meanI_over_sigI_obs                           10.2 
_reflns_shell.number_measured_all                           ? 
_reflns_shell.number_measured_obs                           ? 
_reflns_shell.number_possible                               ? 
_reflns_shell.number_unique_all                             ? 
_reflns_shell.number_unique_obs                             6153 
_reflns_shell.percent_possible_obs                          ? 
_reflns_shell.Rmerge_F_all                                  ? 
_reflns_shell.Rmerge_F_obs                                  ? 
_reflns_shell.meanI_over_sigI_gt                            ? 
_reflns_shell.meanI_over_uI_all                             ? 
_reflns_shell.meanI_over_uI_gt                              ? 
_reflns_shell.number_measured_gt                            ? 
_reflns_shell.number_unique_gt                              ? 
_reflns_shell.percent_possible_gt                           ? 
_reflns_shell.Rmerge_F_gt                                   ? 
_reflns_shell.Rmerge_I_gt                                   ? 
_reflns_shell.pdbx_redundancy                               5.4 
_reflns_shell.pdbx_chi_squared                              ? 
_reflns_shell.pdbx_netI_over_sigmaI_all                     ? 
_reflns_shell.pdbx_netI_over_sigmaI_obs                     ? 
_reflns_shell.pdbx_Rrim_I_all                               ? 
_reflns_shell.pdbx_Rpim_I_all                               ? 
_reflns_shell.pdbx_rejects                                  ? 
_reflns_shell.pdbx_ordinal                                  1 
_reflns_shell.pdbx_diffrn_id                                1 
_reflns_shell.pdbx_CC_half                                  0.992 
_reflns_shell.pdbx_CC_star                                  ? 
_reflns_shell.pdbx_R_split                                  ? 
_reflns_shell.percent_possible_all                          ? 
_reflns_shell.Rmerge_I_all                                  ? 
_reflns_shell.Rmerge_I_obs                                  ? 
_reflns_shell.pdbx_Rsym_value                               0.051 
_reflns_shell.pdbx_percent_possible_ellipsoidal             ? 
_reflns_shell.pdbx_percent_possible_spherical               ? 
_reflns_shell.pdbx_percent_possible_ellipsoidal_anomalous   ? 
_reflns_shell.pdbx_percent_possible_spherical_anomalous     ? 
_reflns_shell.pdbx_redundancy_anomalous                     ? 
_reflns_shell.pdbx_CC_half_anomalous                        ? 
_reflns_shell.pdbx_absDiff_over_sigma_anomalous             ? 
_reflns_shell.pdbx_percent_possible_anomalous               ? 
# 
_refine.aniso_B[1][1]                            -0.55 
_refine.aniso_B[1][2]                            -0.00 
_refine.aniso_B[1][3]                            -0.00 
_refine.aniso_B[2][2]                            0.51 
_refine.aniso_B[2][3]                            0.00 
_refine.aniso_B[3][3]                            0.04 
_refine.B_iso_max                                ? 
_refine.B_iso_mean                               9.344 
_refine.B_iso_min                                ? 
_refine.correlation_coeff_Fo_to_Fc               0.971 
_refine.correlation_coeff_Fo_to_Fc_free          0.967 
_refine.details                                  'HYDROGENS HAVE BEEN ADDED IN THE RIDING POSITIONS' 
_refine.diff_density_max                         ? 
_refine.diff_density_max_esd                     ? 
_refine.diff_density_min                         ? 
_refine.diff_density_min_esd                     ? 
_refine.diff_density_rms                         ? 
_refine.diff_density_rms_esd                     ? 
_refine.entry_id                                 9GRF 
_refine.pdbx_refine_id                           'X-RAY DIFFRACTION' 
_refine.ls_abs_structure_details                 ? 
_refine.ls_abs_structure_Flack                   ? 
_refine.ls_abs_structure_Flack_esd               ? 
_refine.ls_abs_structure_Rogers                  ? 
_refine.ls_abs_structure_Rogers_esd              ? 
_refine.ls_d_res_high                            1.14 
_refine.ls_d_res_low                             19.84 
_refine.ls_extinction_coef                       ? 
_refine.ls_extinction_coef_esd                   ? 
_refine.ls_extinction_expression                 ? 
_refine.ls_extinction_method                     ? 
_refine.ls_goodness_of_fit_all                   ? 
_refine.ls_goodness_of_fit_all_esd               ? 
_refine.ls_goodness_of_fit_obs                   ? 
_refine.ls_goodness_of_fit_obs_esd               ? 
_refine.ls_hydrogen_treatment                    ? 
_refine.ls_matrix_type                           ? 
_refine.ls_number_constraints                    ? 
_refine.ls_number_parameters                     ? 
_refine.ls_number_reflns_all                     ? 
_refine.ls_number_reflns_obs                     47185 
_refine.ls_number_reflns_R_free                  2002 
_refine.ls_number_reflns_R_work                  ? 
_refine.ls_number_restraints                     ? 
_refine.ls_percent_reflns_obs                    97.77 
_refine.ls_percent_reflns_R_free                 4.1 
_refine.ls_R_factor_all                          ? 
_refine.ls_R_factor_obs                          0.15685 
_refine.ls_R_factor_R_free                       0.17180 
_refine.ls_R_factor_R_free_error                 ? 
_refine.ls_R_factor_R_free_error_details         ? 
_refine.ls_R_factor_R_work                       0.15620 
_refine.ls_R_Fsqd_factor_obs                     ? 
_refine.ls_R_I_factor_obs                        ? 
_refine.ls_redundancy_reflns_all                 ? 
_refine.ls_redundancy_reflns_obs                 ? 
_refine.ls_restrained_S_all                      ? 
_refine.ls_restrained_S_obs                      ? 
_refine.ls_shift_over_esd_max                    ? 
_refine.ls_shift_over_esd_mean                   ? 
_refine.ls_structure_factor_coef                 ? 
_refine.ls_weighting_details                     ? 
_refine.ls_weighting_scheme                      ? 
_refine.ls_wR_factor_all                         ? 
_refine.ls_wR_factor_obs                         ? 
_refine.ls_wR_factor_R_free                      ? 
_refine.ls_wR_factor_R_work                      ? 
_refine.occupancy_max                            ? 
_refine.occupancy_min                            ? 
_refine.solvent_model_details                    MASK 
_refine.solvent_model_param_bsol                 ? 
_refine.solvent_model_param_ksol                 ? 
_refine.pdbx_R_complete                          ? 
_refine.ls_R_factor_gt                           ? 
_refine.ls_goodness_of_fit_gt                    ? 
_refine.ls_goodness_of_fit_ref                   ? 
_refine.ls_shift_over_su_max                     ? 
_refine.ls_shift_over_su_max_lt                  ? 
_refine.ls_shift_over_su_mean                    ? 
_refine.ls_shift_over_su_mean_lt                 ? 
_refine.pdbx_ls_sigma_I                          ? 
_refine.pdbx_ls_sigma_F                          ? 
_refine.pdbx_ls_sigma_Fsqd                       ? 
_refine.pdbx_data_cutoff_high_absF               ? 
_refine.pdbx_data_cutoff_high_rms_absF           ? 
_refine.pdbx_data_cutoff_low_absF                ? 
_refine.pdbx_isotropic_thermal_model             ? 
_refine.pdbx_ls_cross_valid_method               THROUGHOUT 
_refine.pdbx_method_to_determine_struct          'MOLECULAR REPLACEMENT' 
_refine.pdbx_starting_model                      ? 
_refine.pdbx_stereochemistry_target_values       'MAXIMUM LIKELIHOOD' 
_refine.pdbx_R_Free_selection_details            RANDOM 
_refine.pdbx_stereochem_target_val_spec_case     ? 
_refine.pdbx_overall_ESU_R                       0.031 
_refine.pdbx_overall_ESU_R_Free                  0.032 
_refine.pdbx_solvent_vdw_probe_radii             1.20 
_refine.pdbx_solvent_ion_probe_radii             0.80 
_refine.pdbx_solvent_shrinkage_radii             0.80 
_refine.pdbx_real_space_R                        ? 
_refine.pdbx_density_correlation                 ? 
_refine.pdbx_pd_number_of_powder_patterns        ? 
_refine.pdbx_pd_number_of_points                 ? 
_refine.pdbx_pd_meas_number_of_points            ? 
_refine.pdbx_pd_proc_ls_prof_R_factor            ? 
_refine.pdbx_pd_proc_ls_prof_wR_factor           ? 
_refine.pdbx_pd_Marquardt_correlation_coeff      ? 
_refine.pdbx_pd_Fsqrd_R_factor                   ? 
_refine.pdbx_pd_ls_matrix_band_width             ? 
_refine.pdbx_overall_phase_error                 ? 
_refine.pdbx_overall_SU_R_free_Cruickshank_DPI   ? 
_refine.pdbx_overall_SU_R_free_Blow_DPI          ? 
_refine.pdbx_overall_SU_R_Blow_DPI               ? 
_refine.pdbx_TLS_residual_ADP_flag               ? 
_refine.pdbx_diffrn_id                           1 
_refine.overall_SU_B                             0.383 
_refine.overall_SU_ML                            0.019 
_refine.overall_SU_R_Cruickshank_DPI             ? 
_refine.overall_SU_R_free                        ? 
_refine.overall_FOM_free_R_set                   ? 
_refine.overall_FOM_work_R_set                   ? 
_refine.pdbx_average_fsc_overall                 ? 
_refine.pdbx_average_fsc_work                    ? 
_refine.pdbx_average_fsc_free                    ? 
# 
_refine_hist.pdbx_refine_id                   'X-RAY DIFFRACTION' 
_refine_hist.cycle_id                         1 
_refine_hist.details                          ? 
_refine_hist.d_res_high                       1.14 
_refine_hist.d_res_low                        19.84 
_refine_hist.number_atoms_solvent             188 
_refine_hist.number_atoms_total               1096 
_refine_hist.number_reflns_all                ? 
_refine_hist.number_reflns_obs                ? 
_refine_hist.number_reflns_R_free             ? 
_refine_hist.number_reflns_R_work             ? 
_refine_hist.R_factor_all                     ? 
_refine_hist.R_factor_obs                     ? 
_refine_hist.R_factor_R_free                  ? 
_refine_hist.R_factor_R_work                  ? 
_refine_hist.pdbx_number_residues_total       ? 
_refine_hist.pdbx_B_iso_mean_ligand           ? 
_refine_hist.pdbx_B_iso_mean_solvent          ? 
_refine_hist.pdbx_number_atoms_protein        908 
_refine_hist.pdbx_number_atoms_nucleic_acid   0 
_refine_hist.pdbx_number_atoms_ligand         0 
_refine_hist.pdbx_number_atoms_lipid          ? 
_refine_hist.pdbx_number_atoms_carb           ? 
_refine_hist.pdbx_pseudo_atom_details         ? 
# 
loop_
_refine_ls_restr.pdbx_refine_id 
_refine_ls_restr.criterion 
_refine_ls_restr.dev_ideal 
_refine_ls_restr.dev_ideal_target 
_refine_ls_restr.number 
_refine_ls_restr.rejects 
_refine_ls_restr.type 
_refine_ls_restr.weight 
_refine_ls_restr.pdbx_restraint_function 
'X-RAY DIFFRACTION' ? 0.020  0.015  1072 ? r_bond_refined_d             ? ? 
'X-RAY DIFFRACTION' ? 0.004  0.018  991  ? r_bond_other_d               ? ? 
'X-RAY DIFFRACTION' ? 2.247  1.897  1478 ? r_angle_refined_deg          ? ? 
'X-RAY DIFFRACTION' ? 1.132  1.941  2318 ? r_angle_other_deg            ? ? 
'X-RAY DIFFRACTION' ? 8.113  5.000  115  ? r_dihedral_angle_1_deg       ? ? 
'X-RAY DIFFRACTION' ? 4.941  5.000  5    ? r_dihedral_angle_2_deg       ? ? 
'X-RAY DIFFRACTION' ? 14.467 10.000 147  ? r_dihedral_angle_3_deg       ? ? 
'X-RAY DIFFRACTION' ? ?      ?      ?    ? r_dihedral_angle_4_deg       ? ? 
'X-RAY DIFFRACTION' ? 0.112  0.200  183  ? r_chiral_restr               ? ? 
'X-RAY DIFFRACTION' ? 0.016  0.021  1163 ? r_gen_planes_refined         ? ? 
'X-RAY DIFFRACTION' ? 0.002  0.021  223  ? r_gen_planes_other           ? ? 
'X-RAY DIFFRACTION' ? ?      ?      ?    ? r_nbd_refined                ? ? 
'X-RAY DIFFRACTION' ? ?      ?      ?    ? r_nbd_other                  ? ? 
'X-RAY DIFFRACTION' ? ?      ?      ?    ? r_nbtor_refined              ? ? 
'X-RAY DIFFRACTION' ? ?      ?      ?    ? r_nbtor_other                ? ? 
'X-RAY DIFFRACTION' ? ?      ?      ?    ? r_xyhbond_nbd_refined        ? ? 
'X-RAY DIFFRACTION' ? ?      ?      ?    ? r_xyhbond_nbd_other          ? ? 
'X-RAY DIFFRACTION' ? ?      ?      ?    ? r_metal_ion_refined          ? ? 
'X-RAY DIFFRACTION' ? ?      ?      ?    ? r_metal_ion_other            ? ? 
'X-RAY DIFFRACTION' ? ?      ?      ?    ? r_symmetry_vdw_refined       ? ? 
'X-RAY DIFFRACTION' ? ?      ?      ?    ? r_symmetry_vdw_other         ? ? 
'X-RAY DIFFRACTION' ? ?      ?      ?    ? r_symmetry_hbond_refined     ? ? 
'X-RAY DIFFRACTION' ? ?      ?      ?    ? r_symmetry_hbond_other       ? ? 
'X-RAY DIFFRACTION' ? ?      ?      ?    ? r_symmetry_metal_ion_refined ? ? 
'X-RAY DIFFRACTION' ? ?      ?      ?    ? r_symmetry_metal_ion_other   ? ? 
'X-RAY DIFFRACTION' ? 0.974  0.834  432  ? r_mcbond_it                  ? ? 
'X-RAY DIFFRACTION' ? 0.973  0.834  432  ? r_mcbond_other               ? ? 
'X-RAY DIFFRACTION' ? 1.270  1.490  538  ? r_mcangle_it                 ? ? 
'X-RAY DIFFRACTION' ? 1.271  1.494  539  ? r_mcangle_other              ? ? 
'X-RAY DIFFRACTION' ? 2.050  1.028  640  ? r_scbond_it                  ? ? 
'X-RAY DIFFRACTION' ? 2.049  1.028  641  ? r_scbond_other               ? ? 
'X-RAY DIFFRACTION' ? ?      ?      ?    ? r_scangle_it                 ? ? 
'X-RAY DIFFRACTION' ? 3.101  1.807  934  ? r_scangle_other              ? ? 
'X-RAY DIFFRACTION' ? 5.289  16.29  1154 ? r_long_range_B_refined       ? ? 
'X-RAY DIFFRACTION' ? 4.866  12.39  1086 ? r_long_range_B_other         ? ? 
'X-RAY DIFFRACTION' ? ?      ?      ?    ? r_rigid_bond_restr           ? ? 
'X-RAY DIFFRACTION' ? ?      ?      ?    ? r_sphericity_free            ? ? 
'X-RAY DIFFRACTION' ? ?      ?      ?    ? r_sphericity_bonded          ? ? 
# 
_refine_ls_shell.pdbx_refine_id                   'X-RAY DIFFRACTION' 
_refine_ls_shell.d_res_high                       1.140 
_refine_ls_shell.d_res_low                        1.170 
_refine_ls_shell.number_reflns_all                ? 
_refine_ls_shell.number_reflns_obs                ? 
_refine_ls_shell.number_reflns_R_free             121 
_refine_ls_shell.number_reflns_R_work             2726 
_refine_ls_shell.percent_reflns_obs               77.81 
_refine_ls_shell.percent_reflns_R_free            ? 
_refine_ls_shell.R_factor_all                     ? 
_refine_ls_shell.R_factor_obs                     ? 
_refine_ls_shell.R_factor_R_free_error            ? 
_refine_ls_shell.R_factor_R_work                  0.181 
_refine_ls_shell.redundancy_reflns_all            ? 
_refine_ls_shell.redundancy_reflns_obs            ? 
_refine_ls_shell.wR_factor_all                    ? 
_refine_ls_shell.wR_factor_obs                    ? 
_refine_ls_shell.wR_factor_R_free                 ? 
_refine_ls_shell.wR_factor_R_work                 ? 
_refine_ls_shell.pdbx_R_complete                  ? 
_refine_ls_shell.pdbx_total_number_of_bins_used   20 
_refine_ls_shell.pdbx_phase_error                 ? 
_refine_ls_shell.pdbx_fsc_work                    ? 
_refine_ls_shell.pdbx_fsc_free                    ? 
_refine_ls_shell.R_factor_R_free                  0.201 
# 
_struct.entry_id                     9GRF 
_struct.title                        'Crystal structure of X409 complexed to tetra-Tn-glycopeptide' 
_struct.pdbx_model_details           ? 
_struct.pdbx_formula_weight          ? 
_struct.pdbx_formula_weight_method   ? 
_struct.pdbx_model_type_details      ? 
_struct.pdbx_CASP_flag               N 
# 
_struct_keywords.entry_id        9GRF 
_struct_keywords.text            'Mucin binding module, mucin, O-glycans, SUGAR BINDING PROTEIN' 
_struct_keywords.pdbx_keywords   'SUGAR BINDING PROTEIN' 
# 
loop_
_struct_asym.id 
_struct_asym.pdbx_blank_PDB_chainid_flag 
_struct_asym.pdbx_modified 
_struct_asym.entity_id 
_struct_asym.details 
A N N 1 ? 
B N N 2 ? 
C N N 3 ? 
D N N 3 ? 
E N N 3 ? 
F N N 3 ? 
G N N 4 ? 
H N N 4 ? 
# 
loop_
_struct_ref.id 
_struct_ref.db_name 
_struct_ref.db_code 
_struct_ref.pdbx_db_accession 
_struct_ref.pdbx_db_isoform 
_struct_ref.entity_id 
_struct_ref.pdbx_seq_one_letter_code 
_struct_ref.pdbx_align_begin 
1 UNP STCE_ECO57 O82882 ? 1 
;ALPAKENEGCIVSVNSGKRYCLPVGQRSGYSLPDWIVGQEVYVDSGAKAKVLLSDWDNLSYNRIGEFVGNVNPADMKKVK
AWNGQYLDFSKPRSMRVVYK
;
799 
2 PDB 9GRF       9GRF   ? 2 ? 1   
# 
loop_
_struct_ref_seq.align_id 
_struct_ref_seq.ref_id 
_struct_ref_seq.pdbx_PDB_id_code 
_struct_ref_seq.pdbx_strand_id 
_struct_ref_seq.seq_align_beg 
_struct_ref_seq.pdbx_seq_align_beg_ins_code 
_struct_ref_seq.seq_align_end 
_struct_ref_seq.pdbx_seq_align_end_ins_code 
_struct_ref_seq.pdbx_db_accession 
_struct_ref_seq.db_align_beg 
_struct_ref_seq.pdbx_db_align_beg_ins_code 
_struct_ref_seq.db_align_end 
_struct_ref_seq.pdbx_db_align_end_ins_code 
_struct_ref_seq.pdbx_auth_seq_align_beg 
_struct_ref_seq.pdbx_auth_seq_align_end 
1 1 9GRF A 5 ? 104 ? O82882 799 ? 898 ? 799 898 
2 2 9GRF M 1 ? 10  ? 9GRF   1   ? 10  ? 1   10  
# 
loop_
_struct_ref_seq_dif.align_id 
_struct_ref_seq_dif.pdbx_pdb_id_code 
_struct_ref_seq_dif.mon_id 
_struct_ref_seq_dif.pdbx_pdb_strand_id 
_struct_ref_seq_dif.seq_num 
_struct_ref_seq_dif.pdbx_pdb_ins_code 
_struct_ref_seq_dif.pdbx_seq_db_name 
_struct_ref_seq_dif.pdbx_seq_db_accession_code 
_struct_ref_seq_dif.db_mon_id 
_struct_ref_seq_dif.pdbx_seq_db_seq_num 
_struct_ref_seq_dif.details 
_struct_ref_seq_dif.pdbx_auth_seq_num 
_struct_ref_seq_dif.pdbx_ordinal 
1 9GRF GLY A 1 ? UNP O82882 ? ? 'expression tag' -3 1 
1 9GRF GLY A 2 ? UNP O82882 ? ? 'expression tag' -2 2 
1 9GRF GLY A 3 ? UNP O82882 ? ? 'expression tag' -1 3 
1 9GRF GLY A 4 ? UNP O82882 ? ? 'expression tag' 0  4 
# 
_pdbx_struct_assembly.id                   1 
_pdbx_struct_assembly.details              author_and_software_defined_assembly 
_pdbx_struct_assembly.method_details       PISA 
_pdbx_struct_assembly.oligomeric_details   dimeric 
_pdbx_struct_assembly.oligomeric_count     2 
# 
loop_
_pdbx_struct_assembly_prop.biol_id 
_pdbx_struct_assembly_prop.type 
_pdbx_struct_assembly_prop.value 
_pdbx_struct_assembly_prop.details 
1 'ABSA (A^2)' 1910 ? 
1 MORE         20   ? 
1 'SSA (A^2)'  6210 ? 
# 
_pdbx_struct_assembly_gen.assembly_id       1 
_pdbx_struct_assembly_gen.oper_expression   1 
_pdbx_struct_assembly_gen.asym_id_list      A,B,C,D,E,F,G,H 
# 
_pdbx_struct_assembly_auth_evidence.id                     1 
_pdbx_struct_assembly_auth_evidence.assembly_id            1 
_pdbx_struct_assembly_auth_evidence.experimental_support   'gel filtration' 
_pdbx_struct_assembly_auth_evidence.details                Monomeric 
# 
_pdbx_struct_oper_list.id                   1 
_pdbx_struct_oper_list.type                 'identity operation' 
_pdbx_struct_oper_list.name                 1_555 
_pdbx_struct_oper_list.symmetry_operation   x,y,z 
_pdbx_struct_oper_list.matrix[1][1]         1.0000000000 
_pdbx_struct_oper_list.matrix[1][2]         0.0000000000 
_pdbx_struct_oper_list.matrix[1][3]         0.0000000000 
_pdbx_struct_oper_list.vector[1]            0.0000000000 
_pdbx_struct_oper_list.matrix[2][1]         0.0000000000 
_pdbx_struct_oper_list.matrix[2][2]         1.0000000000 
_pdbx_struct_oper_list.matrix[2][3]         0.0000000000 
_pdbx_struct_oper_list.vector[2]            0.0000000000 
_pdbx_struct_oper_list.matrix[3][1]         0.0000000000 
_pdbx_struct_oper_list.matrix[3][2]         0.0000000000 
_pdbx_struct_oper_list.matrix[3][3]         1.0000000000 
_pdbx_struct_oper_list.vector[3]            0.0000000000 
# 
loop_
_struct_conf.conf_type_id 
_struct_conf.id 
_struct_conf.pdbx_PDB_helix_id 
_struct_conf.beg_label_comp_id 
_struct_conf.beg_label_asym_id 
_struct_conf.beg_label_seq_id 
_struct_conf.pdbx_beg_PDB_ins_code 
_struct_conf.end_label_comp_id 
_struct_conf.end_label_asym_id 
_struct_conf.end_label_seq_id 
_struct_conf.pdbx_end_PDB_ins_code 
_struct_conf.beg_auth_comp_id 
_struct_conf.beg_auth_asym_id 
_struct_conf.beg_auth_seq_id 
_struct_conf.end_auth_comp_id 
_struct_conf.end_auth_asym_id 
_struct_conf.end_auth_seq_id 
_struct_conf.pdbx_PDB_helix_class 
_struct_conf.details 
_struct_conf.pdbx_PDB_helix_length 
HELX_P HELX_P1 AA1 TRP A 60 ? SER A 64 ? TRP A 854 SER A 858 5 ? 5 
HELX_P HELX_P2 AA2 ASN A 76 ? LYS A 81 ? ASN A 870 LYS A 875 5 ? 6 
# 
_struct_conf_type.id          HELX_P 
_struct_conf_type.criteria    ? 
_struct_conf_type.reference   ? 
# 
loop_
_struct_conn.id 
_struct_conn.conn_type_id 
_struct_conn.pdbx_leaving_atom_flag 
_struct_conn.pdbx_PDB_id 
_struct_conn.ptnr1_label_asym_id 
_struct_conn.ptnr1_label_comp_id 
_struct_conn.ptnr1_label_seq_id 
_struct_conn.ptnr1_label_atom_id 
_struct_conn.pdbx_ptnr1_label_alt_id 
_struct_conn.pdbx_ptnr1_PDB_ins_code 
_struct_conn.pdbx_ptnr1_standard_comp_id 
_struct_conn.ptnr1_symmetry 
_struct_conn.ptnr2_label_asym_id 
_struct_conn.ptnr2_label_comp_id 
_struct_conn.ptnr2_label_seq_id 
_struct_conn.ptnr2_label_atom_id 
_struct_conn.pdbx_ptnr2_label_alt_id 
_struct_conn.pdbx_ptnr2_PDB_ins_code 
_struct_conn.ptnr1_auth_asym_id 
_struct_conn.ptnr1_auth_comp_id 
_struct_conn.ptnr1_auth_seq_id 
_struct_conn.ptnr2_auth_asym_id 
_struct_conn.ptnr2_auth_comp_id 
_struct_conn.ptnr2_auth_seq_id 
_struct_conn.ptnr2_symmetry 
_struct_conn.pdbx_ptnr3_label_atom_id 
_struct_conn.pdbx_ptnr3_label_seq_id 
_struct_conn.pdbx_ptnr3_label_comp_id 
_struct_conn.pdbx_ptnr3_label_asym_id 
_struct_conn.pdbx_ptnr3_label_alt_id 
_struct_conn.pdbx_ptnr3_PDB_ins_code 
_struct_conn.details 
_struct_conn.pdbx_dist_value 
_struct_conn.pdbx_value_order 
_struct_conn.pdbx_role 
disulf1 disulf ?   ? A CYS 14 SG  ? ? ? 1_555 A CYS 25 SG ? ? A CYS 808 A CYS 819 1_555 ? ? ? ? ? ? ? 2.153 ? ?               
covale1 covale one ? B SER 3  OG  A ? ? 1_555 C A2G .  C1 A ? M SER 3   M A2G 101 1_555 ? ? ? ? ? ? ? 1.423 ? O-Glycosylation 
covale2 covale one ? B SER 3  OG  B ? ? 1_555 C A2G .  C1 B ? M SER 3   M A2G 101 1_555 ? ? ? ? ? ? ? 1.389 ? O-Glycosylation 
covale3 covale one ? B THR 4  OG1 A ? ? 1_555 D A2G .  C1 A ? M THR 4   M A2G 102 1_555 ? ? ? ? ? ? ? 1.437 ? O-Glycosylation 
covale4 covale one ? B THR 4  OG1 B ? ? 1_555 D A2G .  C1 B ? M THR 4   M A2G 102 1_555 ? ? ? ? ? ? ? 1.456 ? O-Glycosylation 
covale5 covale one ? B THR 5  OG1 A ? ? 1_555 E A2G .  C1 A ? M THR 5   M A2G 103 1_555 ? ? ? ? ? ? ? 1.435 ? O-Glycosylation 
covale6 covale one ? B THR 5  OG1 B ? ? 1_555 E A2G .  C1 B ? M THR 5   M A2G 103 1_555 ? ? ? ? ? ? ? 1.452 ? O-Glycosylation 
covale7 covale one ? B THR 6  OG1 A ? ? 1_555 F A2G .  C1 A ? M THR 6   M A2G 104 1_555 ? ? ? ? ? ? ? 1.457 ? O-Glycosylation 
covale8 covale one ? B THR 6  OG1 B ? ? 1_555 F A2G .  C1 B ? M THR 6   M A2G 104 1_555 ? ? ? ? ? ? ? 1.368 ? O-Glycosylation 
# 
loop_
_struct_conn_type.id 
_struct_conn_type.criteria 
_struct_conn_type.reference 
disulf ? ? 
covale ? ? 
# 
loop_
_pdbx_modification_feature.ordinal 
_pdbx_modification_feature.label_comp_id 
_pdbx_modification_feature.label_asym_id 
_pdbx_modification_feature.label_seq_id 
_pdbx_modification_feature.label_alt_id 
_pdbx_modification_feature.modified_residue_label_comp_id 
_pdbx_modification_feature.modified_residue_label_asym_id 
_pdbx_modification_feature.modified_residue_label_seq_id 
_pdbx_modification_feature.modified_residue_label_alt_id 
_pdbx_modification_feature.auth_comp_id 
_pdbx_modification_feature.auth_asym_id 
_pdbx_modification_feature.auth_seq_id 
_pdbx_modification_feature.PDB_ins_code 
_pdbx_modification_feature.symmetry 
_pdbx_modification_feature.modified_residue_auth_comp_id 
_pdbx_modification_feature.modified_residue_auth_asym_id 
_pdbx_modification_feature.modified_residue_auth_seq_id 
_pdbx_modification_feature.modified_residue_PDB_ins_code 
_pdbx_modification_feature.modified_residue_symmetry 
_pdbx_modification_feature.comp_id_linking_atom 
_pdbx_modification_feature.modified_residue_id_linking_atom 
_pdbx_modification_feature.modified_residue_id 
_pdbx_modification_feature.ref_pcm_id 
_pdbx_modification_feature.ref_comp_id 
_pdbx_modification_feature.type 
_pdbx_modification_feature.category 
1 A2G C .  A SER B 3  A A2G M 101 ? 1_555 SER M 3   ? 1_555 C1 OG  SER 2 A2G O-Glycosylation Carbohydrate       
2 A2G C .  B SER B 3  B A2G M 101 ? 1_555 SER M 3   ? 1_555 C1 OG  SER 2 A2G O-Glycosylation Carbohydrate       
3 A2G D .  A THR B 4  A A2G M 102 ? 1_555 THR M 4   ? 1_555 C1 OG1 THR 3 A2G O-Glycosylation Carbohydrate       
4 A2G D .  B THR B 4  B A2G M 102 ? 1_555 THR M 4   ? 1_555 C1 OG1 THR 3 A2G O-Glycosylation Carbohydrate       
5 A2G E .  A THR B 5  A A2G M 103 ? 1_555 THR M 5   ? 1_555 C1 OG1 THR 3 A2G O-Glycosylation Carbohydrate       
6 A2G E .  B THR B 5  B A2G M 103 ? 1_555 THR M 5   ? 1_555 C1 OG1 THR 3 A2G O-Glycosylation Carbohydrate       
7 A2G F .  A THR B 6  A A2G M 104 ? 1_555 THR M 6   ? 1_555 C1 OG1 THR 3 A2G O-Glycosylation Carbohydrate       
8 A2G F .  B THR B 6  B A2G M 104 ? 1_555 THR M 6   ? 1_555 C1 OG1 THR 3 A2G O-Glycosylation Carbohydrate       
9 CYS A 14 ? CYS A 25 ? CYS A 808 ? 1_555 CYS A 819 ? 1_555 SG SG  .   . .   None            'Disulfide bridge' 
# 
loop_
_struct_sheet.id 
_struct_sheet.type 
_struct_sheet.number_strands 
_struct_sheet.details 
AA1 ? 3 ? 
AA2 ? 3 ? 
AA3 ? 2 ? 
# 
loop_
_struct_sheet_order.sheet_id 
_struct_sheet_order.range_id_1 
_struct_sheet_order.range_id_2 
_struct_sheet_order.offset 
_struct_sheet_order.sense 
AA1 1 2 ? anti-parallel 
AA1 2 3 ? anti-parallel 
AA2 1 2 ? anti-parallel 
AA2 2 3 ? anti-parallel 
AA3 1 2 ? anti-parallel 
# 
loop_
_struct_sheet_range.sheet_id 
_struct_sheet_range.id 
_struct_sheet_range.beg_label_comp_id 
_struct_sheet_range.beg_label_asym_id 
_struct_sheet_range.beg_label_seq_id 
_struct_sheet_range.pdbx_beg_PDB_ins_code 
_struct_sheet_range.end_label_comp_id 
_struct_sheet_range.end_label_asym_id 
_struct_sheet_range.end_label_seq_id 
_struct_sheet_range.pdbx_end_PDB_ins_code 
_struct_sheet_range.beg_auth_comp_id 
_struct_sheet_range.beg_auth_asym_id 
_struct_sheet_range.beg_auth_seq_id 
_struct_sheet_range.end_auth_comp_id 
_struct_sheet_range.end_auth_asym_id 
_struct_sheet_range.end_auth_seq_id 
AA1 1 ARG A 23 ? PRO A 27  ? ARG A 817 PRO A 821 
AA1 2 GLU A 12 ? SER A 17  ? GLU A 806 SER A 811 
AA1 3 VAL A 45 ? SER A 49  ? VAL A 839 SER A 843 
AA2 1 GLY A 69 ? PHE A 71  ? GLY A 863 PHE A 865 
AA2 2 ALA A 53 ? SER A 58  ? ALA A 847 SER A 852 
AA2 3 SER A 98 ? TYR A 103 ? SER A 892 TYR A 897 
AA3 1 VAL A 83 ? LYS A 84  ? VAL A 877 LYS A 878 
AA3 2 TYR A 90 ? LEU A 91  ? TYR A 884 LEU A 885 
# 
loop_
_pdbx_struct_sheet_hbond.sheet_id 
_pdbx_struct_sheet_hbond.range_id_1 
_pdbx_struct_sheet_hbond.range_id_2 
_pdbx_struct_sheet_hbond.range_1_label_atom_id 
_pdbx_struct_sheet_hbond.range_1_label_comp_id 
_pdbx_struct_sheet_hbond.range_1_label_asym_id 
_pdbx_struct_sheet_hbond.range_1_label_seq_id 
_pdbx_struct_sheet_hbond.range_1_PDB_ins_code 
_pdbx_struct_sheet_hbond.range_1_auth_atom_id 
_pdbx_struct_sheet_hbond.range_1_auth_comp_id 
_pdbx_struct_sheet_hbond.range_1_auth_asym_id 
_pdbx_struct_sheet_hbond.range_1_auth_seq_id 
_pdbx_struct_sheet_hbond.range_2_label_atom_id 
_pdbx_struct_sheet_hbond.range_2_label_comp_id 
_pdbx_struct_sheet_hbond.range_2_label_asym_id 
_pdbx_struct_sheet_hbond.range_2_label_seq_id 
_pdbx_struct_sheet_hbond.range_2_PDB_ins_code 
_pdbx_struct_sheet_hbond.range_2_auth_atom_id 
_pdbx_struct_sheet_hbond.range_2_auth_comp_id 
_pdbx_struct_sheet_hbond.range_2_auth_asym_id 
_pdbx_struct_sheet_hbond.range_2_auth_seq_id 
AA1 1 2 O LEU A 26 ? O LEU A 820 N GLY A 13  ? N GLY A 807 
AA1 2 3 N VAL A 16 ? N VAL A 810 O TYR A 46  ? O TYR A 840 
AA2 1 2 O PHE A 71 ? O PHE A 865 N VAL A 55  ? N VAL A 849 
AA2 2 3 N LEU A 56 ? N LEU A 850 O ARG A 100 ? O ARG A 894 
AA3 1 2 N VAL A 83 ? N VAL A 877 O LEU A 91  ? O LEU A 885 
# 
_pdbx_entry_details.entry_id                   9GRF 
_pdbx_entry_details.has_ligand_of_interest     Y 
_pdbx_entry_details.compound_details           ? 
_pdbx_entry_details.source_details             ? 
_pdbx_entry_details.nonpolymer_details         ? 
_pdbx_entry_details.sequence_details           ? 
_pdbx_entry_details.has_protein_modification   Y 
# 
_pdbx_validate_rmsd_bond.id                        1 
_pdbx_validate_rmsd_bond.PDB_model_num             1 
_pdbx_validate_rmsd_bond.auth_atom_id_1            CD 
_pdbx_validate_rmsd_bond.auth_asym_id_1            A 
_pdbx_validate_rmsd_bond.auth_comp_id_1            GLU 
_pdbx_validate_rmsd_bond.auth_seq_id_1             804 
_pdbx_validate_rmsd_bond.PDB_ins_code_1            ? 
_pdbx_validate_rmsd_bond.label_alt_id_1            ? 
_pdbx_validate_rmsd_bond.auth_atom_id_2            OE2 
_pdbx_validate_rmsd_bond.auth_asym_id_2            A 
_pdbx_validate_rmsd_bond.auth_comp_id_2            GLU 
_pdbx_validate_rmsd_bond.auth_seq_id_2             804 
_pdbx_validate_rmsd_bond.PDB_ins_code_2            ? 
_pdbx_validate_rmsd_bond.label_alt_id_2            ? 
_pdbx_validate_rmsd_bond.bond_value                1.122 
_pdbx_validate_rmsd_bond.bond_target_value         1.252 
_pdbx_validate_rmsd_bond.bond_deviation            -0.130 
_pdbx_validate_rmsd_bond.bond_standard_deviation   0.011 
_pdbx_validate_rmsd_bond.linker_flag               N 
# 
_pdbx_validate_rmsd_angle.id                         1 
_pdbx_validate_rmsd_angle.PDB_model_num              1 
_pdbx_validate_rmsd_angle.auth_atom_id_1             CA 
_pdbx_validate_rmsd_angle.auth_asym_id_1             M 
_pdbx_validate_rmsd_angle.auth_comp_id_1             THR 
_pdbx_validate_rmsd_angle.auth_seq_id_1              5 
_pdbx_validate_rmsd_angle.PDB_ins_code_1             ? 
_pdbx_validate_rmsd_angle.label_alt_id_1             A 
_pdbx_validate_rmsd_angle.auth_atom_id_2             CB 
_pdbx_validate_rmsd_angle.auth_asym_id_2             M 
_pdbx_validate_rmsd_angle.auth_comp_id_2             THR 
_pdbx_validate_rmsd_angle.auth_seq_id_2              5 
_pdbx_validate_rmsd_angle.PDB_ins_code_2             ? 
_pdbx_validate_rmsd_angle.label_alt_id_2             A 
_pdbx_validate_rmsd_angle.auth_atom_id_3             CG2 
_pdbx_validate_rmsd_angle.auth_asym_id_3             M 
_pdbx_validate_rmsd_angle.auth_comp_id_3             THR 
_pdbx_validate_rmsd_angle.auth_seq_id_3              5 
_pdbx_validate_rmsd_angle.PDB_ins_code_3             ? 
_pdbx_validate_rmsd_angle.label_alt_id_3             A 
_pdbx_validate_rmsd_angle.angle_value                102.67 
_pdbx_validate_rmsd_angle.angle_target_value         112.40 
_pdbx_validate_rmsd_angle.angle_deviation            -9.73 
_pdbx_validate_rmsd_angle.angle_standard_deviation   1.40 
_pdbx_validate_rmsd_angle.linker_flag                N 
# 
_pdbx_validate_main_chain_plane.id                       1 
_pdbx_validate_main_chain_plane.PDB_model_num            1 
_pdbx_validate_main_chain_plane.auth_comp_id             ALA 
_pdbx_validate_main_chain_plane.auth_asym_id             M 
_pdbx_validate_main_chain_plane.auth_seq_id              1 
_pdbx_validate_main_chain_plane.PDB_ins_code             ? 
_pdbx_validate_main_chain_plane.label_alt_id             B 
_pdbx_validate_main_chain_plane.improper_torsion_angle   -15.38 
# 
_pdbx_struct_special_symmetry.id              1 
_pdbx_struct_special_symmetry.PDB_model_num   1 
_pdbx_struct_special_symmetry.auth_asym_id    A 
_pdbx_struct_special_symmetry.auth_comp_id    HOH 
_pdbx_struct_special_symmetry.auth_seq_id     965 
_pdbx_struct_special_symmetry.PDB_ins_code    ? 
_pdbx_struct_special_symmetry.label_asym_id   G 
_pdbx_struct_special_symmetry.label_comp_id   HOH 
_pdbx_struct_special_symmetry.label_seq_id    . 
# 
_pdbx_unobs_or_zero_occ_residues.id               1 
_pdbx_unobs_or_zero_occ_residues.PDB_model_num    1 
_pdbx_unobs_or_zero_occ_residues.polymer_flag     Y 
_pdbx_unobs_or_zero_occ_residues.occupancy_flag   1 
_pdbx_unobs_or_zero_occ_residues.auth_asym_id     M 
_pdbx_unobs_or_zero_occ_residues.auth_comp_id     ALA 
_pdbx_unobs_or_zero_occ_residues.auth_seq_id      10 
_pdbx_unobs_or_zero_occ_residues.PDB_ins_code     ? 
_pdbx_unobs_or_zero_occ_residues.label_asym_id    B 
_pdbx_unobs_or_zero_occ_residues.label_comp_id    ALA 
_pdbx_unobs_or_zero_occ_residues.label_seq_id     10 
# 
loop_
_chem_comp_atom.comp_id 
_chem_comp_atom.atom_id 
_chem_comp_atom.type_symbol 
_chem_comp_atom.pdbx_aromatic_flag 
_chem_comp_atom.pdbx_stereo_config 
_chem_comp_atom.pdbx_ordinal 
A2G O5   O N N 1   
A2G C1   C N S 2   
A2G O1   O N N 3   
A2G C2   C N R 4   
A2G N2   N N N 5   
A2G C3   C N R 6   
A2G O3   O N N 7   
A2G C4   C N R 8   
A2G O4   O N N 9   
A2G C5   C N R 10  
A2G C6   C N N 11  
A2G O6   O N N 12  
A2G C7   C N N 13  
A2G O7   O N N 14  
A2G C8   C N N 15  
A2G H1   H N N 16  
A2G HO1  H N N 17  
A2G H2   H N N 18  
A2G HN2  H N N 19  
A2G H3   H N N 20  
A2G HO3  H N N 21  
A2G H4   H N N 22  
A2G HO4  H N N 23  
A2G H5   H N N 24  
A2G H61  H N N 25  
A2G H81  H N N 26  
A2G H82  H N N 27  
A2G H83  H N N 28  
A2G H62  H N N 29  
A2G HO6  H N N 30  
ALA N    N N N 31  
ALA CA   C N S 32  
ALA C    C N N 33  
ALA O    O N N 34  
ALA CB   C N N 35  
ALA OXT  O N N 36  
ALA H    H N N 37  
ALA H2   H N N 38  
ALA HA   H N N 39  
ALA HB1  H N N 40  
ALA HB2  H N N 41  
ALA HB3  H N N 42  
ALA HXT  H N N 43  
ARG N    N N N 44  
ARG CA   C N S 45  
ARG C    C N N 46  
ARG O    O N N 47  
ARG CB   C N N 48  
ARG CG   C N N 49  
ARG CD   C N N 50  
ARG NE   N N N 51  
ARG CZ   C N N 52  
ARG NH1  N N N 53  
ARG NH2  N N N 54  
ARG OXT  O N N 55  
ARG H    H N N 56  
ARG H2   H N N 57  
ARG HA   H N N 58  
ARG HB2  H N N 59  
ARG HB3  H N N 60  
ARG HG2  H N N 61  
ARG HG3  H N N 62  
ARG HD2  H N N 63  
ARG HD3  H N N 64  
ARG HE   H N N 65  
ARG HH11 H N N 66  
ARG HH12 H N N 67  
ARG HH21 H N N 68  
ARG HH22 H N N 69  
ARG HXT  H N N 70  
ASN N    N N N 71  
ASN CA   C N S 72  
ASN C    C N N 73  
ASN O    O N N 74  
ASN CB   C N N 75  
ASN CG   C N N 76  
ASN OD1  O N N 77  
ASN ND2  N N N 78  
ASN OXT  O N N 79  
ASN H    H N N 80  
ASN H2   H N N 81  
ASN HA   H N N 82  
ASN HB2  H N N 83  
ASN HB3  H N N 84  
ASN HD21 H N N 85  
ASN HD22 H N N 86  
ASN HXT  H N N 87  
ASP N    N N N 88  
ASP CA   C N S 89  
ASP C    C N N 90  
ASP O    O N N 91  
ASP CB   C N N 92  
ASP CG   C N N 93  
ASP OD1  O N N 94  
ASP OD2  O N N 95  
ASP OXT  O N N 96  
ASP H    H N N 97  
ASP H2   H N N 98  
ASP HA   H N N 99  
ASP HB2  H N N 100 
ASP HB3  H N N 101 
ASP HD2  H N N 102 
ASP HXT  H N N 103 
CYS N    N N N 104 
CYS CA   C N R 105 
CYS C    C N N 106 
CYS O    O N N 107 
CYS CB   C N N 108 
CYS SG   S N N 109 
CYS OXT  O N N 110 
CYS H    H N N 111 
CYS H2   H N N 112 
CYS HA   H N N 113 
CYS HB2  H N N 114 
CYS HB3  H N N 115 
CYS HG   H N N 116 
CYS HXT  H N N 117 
GLN N    N N N 118 
GLN CA   C N S 119 
GLN C    C N N 120 
GLN O    O N N 121 
GLN CB   C N N 122 
GLN CG   C N N 123 
GLN CD   C N N 124 
GLN OE1  O N N 125 
GLN NE2  N N N 126 
GLN OXT  O N N 127 
GLN H    H N N 128 
GLN H2   H N N 129 
GLN HA   H N N 130 
GLN HB2  H N N 131 
GLN HB3  H N N 132 
GLN HG2  H N N 133 
GLN HG3  H N N 134 
GLN HE21 H N N 135 
GLN HE22 H N N 136 
GLN HXT  H N N 137 
GLU N    N N N 138 
GLU CA   C N S 139 
GLU C    C N N 140 
GLU O    O N N 141 
GLU CB   C N N 142 
GLU CG   C N N 143 
GLU CD   C N N 144 
GLU OE1  O N N 145 
GLU OE2  O N N 146 
GLU OXT  O N N 147 
GLU H    H N N 148 
GLU H2   H N N 149 
GLU HA   H N N 150 
GLU HB2  H N N 151 
GLU HB3  H N N 152 
GLU HG2  H N N 153 
GLU HG3  H N N 154 
GLU HE2  H N N 155 
GLU HXT  H N N 156 
GLY N    N N N 157 
GLY CA   C N N 158 
GLY C    C N N 159 
GLY O    O N N 160 
GLY OXT  O N N 161 
GLY H    H N N 162 
GLY H2   H N N 163 
GLY HA2  H N N 164 
GLY HA3  H N N 165 
GLY HXT  H N N 166 
HOH O    O N N 167 
HOH H1   H N N 168 
HOH H2   H N N 169 
ILE N    N N N 170 
ILE CA   C N S 171 
ILE C    C N N 172 
ILE O    O N N 173 
ILE CB   C N S 174 
ILE CG1  C N N 175 
ILE CG2  C N N 176 
ILE CD1  C N N 177 
ILE OXT  O N N 178 
ILE H    H N N 179 
ILE H2   H N N 180 
ILE HA   H N N 181 
ILE HB   H N N 182 
ILE HG12 H N N 183 
ILE HG13 H N N 184 
ILE HG21 H N N 185 
ILE HG22 H N N 186 
ILE HG23 H N N 187 
ILE HD11 H N N 188 
ILE HD12 H N N 189 
ILE HD13 H N N 190 
ILE HXT  H N N 191 
LEU N    N N N 192 
LEU CA   C N S 193 
LEU C    C N N 194 
LEU O    O N N 195 
LEU CB   C N N 196 
LEU CG   C N N 197 
LEU CD1  C N N 198 
LEU CD2  C N N 199 
LEU OXT  O N N 200 
LEU H    H N N 201 
LEU H2   H N N 202 
LEU HA   H N N 203 
LEU HB2  H N N 204 
LEU HB3  H N N 205 
LEU HG   H N N 206 
LEU HD11 H N N 207 
LEU HD12 H N N 208 
LEU HD13 H N N 209 
LEU HD21 H N N 210 
LEU HD22 H N N 211 
LEU HD23 H N N 212 
LEU HXT  H N N 213 
LYS N    N N N 214 
LYS CA   C N S 215 
LYS C    C N N 216 
LYS O    O N N 217 
LYS CB   C N N 218 
LYS CG   C N N 219 
LYS CD   C N N 220 
LYS CE   C N N 221 
LYS NZ   N N N 222 
LYS OXT  O N N 223 
LYS H    H N N 224 
LYS H2   H N N 225 
LYS HA   H N N 226 
LYS HB2  H N N 227 
LYS HB3  H N N 228 
LYS HG2  H N N 229 
LYS HG3  H N N 230 
LYS HD2  H N N 231 
LYS HD3  H N N 232 
LYS HE2  H N N 233 
LYS HE3  H N N 234 
LYS HZ1  H N N 235 
LYS HZ2  H N N 236 
LYS HZ3  H N N 237 
LYS HXT  H N N 238 
MET N    N N N 239 
MET CA   C N S 240 
MET C    C N N 241 
MET O    O N N 242 
MET CB   C N N 243 
MET CG   C N N 244 
MET SD   S N N 245 
MET CE   C N N 246 
MET OXT  O N N 247 
MET H    H N N 248 
MET H2   H N N 249 
MET HA   H N N 250 
MET HB2  H N N 251 
MET HB3  H N N 252 
MET HG2  H N N 253 
MET HG3  H N N 254 
MET HE1  H N N 255 
MET HE2  H N N 256 
MET HE3  H N N 257 
MET HXT  H N N 258 
PHE N    N N N 259 
PHE CA   C N S 260 
PHE C    C N N 261 
PHE O    O N N 262 
PHE CB   C N N 263 
PHE CG   C Y N 264 
PHE CD1  C Y N 265 
PHE CD2  C Y N 266 
PHE CE1  C Y N 267 
PHE CE2  C Y N 268 
PHE CZ   C Y N 269 
PHE OXT  O N N 270 
PHE H    H N N 271 
PHE H2   H N N 272 
PHE HA   H N N 273 
PHE HB2  H N N 274 
PHE HB3  H N N 275 
PHE HD1  H N N 276 
PHE HD2  H N N 277 
PHE HE1  H N N 278 
PHE HE2  H N N 279 
PHE HZ   H N N 280 
PHE HXT  H N N 281 
PRO N    N N N 282 
PRO CA   C N S 283 
PRO C    C N N 284 
PRO O    O N N 285 
PRO CB   C N N 286 
PRO CG   C N N 287 
PRO CD   C N N 288 
PRO OXT  O N N 289 
PRO H    H N N 290 
PRO HA   H N N 291 
PRO HB2  H N N 292 
PRO HB3  H N N 293 
PRO HG2  H N N 294 
PRO HG3  H N N 295 
PRO HD2  H N N 296 
PRO HD3  H N N 297 
PRO HXT  H N N 298 
SER N    N N N 299 
SER CA   C N S 300 
SER C    C N N 301 
SER O    O N N 302 
SER CB   C N N 303 
SER OG   O N N 304 
SER OXT  O N N 305 
SER H    H N N 306 
SER H2   H N N 307 
SER HA   H N N 308 
SER HB2  H N N 309 
SER HB3  H N N 310 
SER HG   H N N 311 
SER HXT  H N N 312 
THR N    N N N 313 
THR CA   C N S 314 
THR C    C N N 315 
THR O    O N N 316 
THR CB   C N R 317 
THR OG1  O N N 318 
THR CG2  C N N 319 
THR OXT  O N N 320 
THR H    H N N 321 
THR H2   H N N 322 
THR HA   H N N 323 
THR HB   H N N 324 
THR HG1  H N N 325 
THR HG21 H N N 326 
THR HG22 H N N 327 
THR HG23 H N N 328 
THR HXT  H N N 329 
TRP N    N N N 330 
TRP CA   C N S 331 
TRP C    C N N 332 
TRP O    O N N 333 
TRP CB   C N N 334 
TRP CG   C Y N 335 
TRP CD1  C Y N 336 
TRP CD2  C Y N 337 
TRP NE1  N Y N 338 
TRP CE2  C Y N 339 
TRP CE3  C Y N 340 
TRP CZ2  C Y N 341 
TRP CZ3  C Y N 342 
TRP CH2  C Y N 343 
TRP OXT  O N N 344 
TRP H    H N N 345 
TRP H2   H N N 346 
TRP HA   H N N 347 
TRP HB2  H N N 348 
TRP HB3  H N N 349 
TRP HD1  H N N 350 
TRP HE1  H N N 351 
TRP HE3  H N N 352 
TRP HZ2  H N N 353 
TRP HZ3  H N N 354 
TRP HH2  H N N 355 
TRP HXT  H N N 356 
TYR N    N N N 357 
TYR CA   C N S 358 
TYR C    C N N 359 
TYR O    O N N 360 
TYR CB   C N N 361 
TYR CG   C Y N 362 
TYR CD1  C Y N 363 
TYR CD2  C Y N 364 
TYR CE1  C Y N 365 
TYR CE2  C Y N 366 
TYR CZ   C Y N 367 
TYR OH   O N N 368 
TYR OXT  O N N 369 
TYR H    H N N 370 
TYR H2   H N N 371 
TYR HA   H N N 372 
TYR HB2  H N N 373 
TYR HB3  H N N 374 
TYR HD1  H N N 375 
TYR HD2  H N N 376 
TYR HE1  H N N 377 
TYR HE2  H N N 378 
TYR HH   H N N 379 
TYR HXT  H N N 380 
VAL N    N N N 381 
VAL CA   C N S 382 
VAL C    C N N 383 
VAL O    O N N 384 
VAL CB   C N N 385 
VAL CG1  C N N 386 
VAL CG2  C N N 387 
VAL OXT  O N N 388 
VAL H    H N N 389 
VAL H2   H N N 390 
VAL HA   H N N 391 
VAL HB   H N N 392 
VAL HG11 H N N 393 
VAL HG12 H N N 394 
VAL HG13 H N N 395 
VAL HG21 H N N 396 
VAL HG22 H N N 397 
VAL HG23 H N N 398 
VAL HXT  H N N 399 
# 
loop_
_chem_comp_bond.comp_id 
_chem_comp_bond.atom_id_1 
_chem_comp_bond.atom_id_2 
_chem_comp_bond.value_order 
_chem_comp_bond.pdbx_aromatic_flag 
_chem_comp_bond.pdbx_stereo_config 
_chem_comp_bond.pdbx_ordinal 
A2G O5  C5   sing N N 1   
A2G C1  O5   sing N N 2   
A2G C1  C2   sing N N 3   
A2G C1  H1   sing N N 4   
A2G O1  C1   sing N N 5   
A2G O1  HO1  sing N N 6   
A2G C2  C3   sing N N 7   
A2G C2  H2   sing N N 8   
A2G N2  C2   sing N N 9   
A2G N2  HN2  sing N N 10  
A2G C3  C4   sing N N 11  
A2G C3  O3   sing N N 12  
A2G C3  H3   sing N N 13  
A2G O3  HO3  sing N N 14  
A2G C4  O4   sing N N 15  
A2G C4  H4   sing N N 16  
A2G O4  HO4  sing N N 17  
A2G C5  C4   sing N N 18  
A2G C5  C6   sing N N 19  
A2G C5  H5   sing N N 20  
A2G C6  O6   sing N N 21  
A2G C6  H61  sing N N 22  
A2G C7  N2   sing N N 23  
A2G O7  C7   doub N N 24  
A2G C8  C7   sing N N 25  
A2G C8  H81  sing N N 26  
A2G C8  H82  sing N N 27  
A2G C8  H83  sing N N 28  
A2G C6  H62  sing N N 29  
A2G O6  HO6  sing N N 30  
ALA N   CA   sing N N 31  
ALA N   H    sing N N 32  
ALA N   H2   sing N N 33  
ALA CA  C    sing N N 34  
ALA CA  CB   sing N N 35  
ALA CA  HA   sing N N 36  
ALA C   O    doub N N 37  
ALA C   OXT  sing N N 38  
ALA CB  HB1  sing N N 39  
ALA CB  HB2  sing N N 40  
ALA CB  HB3  sing N N 41  
ALA OXT HXT  sing N N 42  
ARG N   CA   sing N N 43  
ARG N   H    sing N N 44  
ARG N   H2   sing N N 45  
ARG CA  C    sing N N 46  
ARG CA  CB   sing N N 47  
ARG CA  HA   sing N N 48  
ARG C   O    doub N N 49  
ARG C   OXT  sing N N 50  
ARG CB  CG   sing N N 51  
ARG CB  HB2  sing N N 52  
ARG CB  HB3  sing N N 53  
ARG CG  CD   sing N N 54  
ARG CG  HG2  sing N N 55  
ARG CG  HG3  sing N N 56  
ARG CD  NE   sing N N 57  
ARG CD  HD2  sing N N 58  
ARG CD  HD3  sing N N 59  
ARG NE  CZ   sing N N 60  
ARG NE  HE   sing N N 61  
ARG CZ  NH1  sing N N 62  
ARG CZ  NH2  doub N N 63  
ARG NH1 HH11 sing N N 64  
ARG NH1 HH12 sing N N 65  
ARG NH2 HH21 sing N N 66  
ARG NH2 HH22 sing N N 67  
ARG OXT HXT  sing N N 68  
ASN N   CA   sing N N 69  
ASN N   H    sing N N 70  
ASN N   H2   sing N N 71  
ASN CA  C    sing N N 72  
ASN CA  CB   sing N N 73  
ASN CA  HA   sing N N 74  
ASN C   O    doub N N 75  
ASN C   OXT  sing N N 76  
ASN CB  CG   sing N N 77  
ASN CB  HB2  sing N N 78  
ASN CB  HB3  sing N N 79  
ASN CG  OD1  doub N N 80  
ASN CG  ND2  sing N N 81  
ASN ND2 HD21 sing N N 82  
ASN ND2 HD22 sing N N 83  
ASN OXT HXT  sing N N 84  
ASP N   CA   sing N N 85  
ASP N   H    sing N N 86  
ASP N   H2   sing N N 87  
ASP CA  C    sing N N 88  
ASP CA  CB   sing N N 89  
ASP CA  HA   sing N N 90  
ASP C   O    doub N N 91  
ASP C   OXT  sing N N 92  
ASP CB  CG   sing N N 93  
ASP CB  HB2  sing N N 94  
ASP CB  HB3  sing N N 95  
ASP CG  OD1  doub N N 96  
ASP CG  OD2  sing N N 97  
ASP OD2 HD2  sing N N 98  
ASP OXT HXT  sing N N 99  
CYS N   CA   sing N N 100 
CYS N   H    sing N N 101 
CYS N   H2   sing N N 102 
CYS CA  C    sing N N 103 
CYS CA  CB   sing N N 104 
CYS CA  HA   sing N N 105 
CYS C   O    doub N N 106 
CYS C   OXT  sing N N 107 
CYS CB  SG   sing N N 108 
CYS CB  HB2  sing N N 109 
CYS CB  HB3  sing N N 110 
CYS SG  HG   sing N N 111 
CYS OXT HXT  sing N N 112 
GLN N   CA   sing N N 113 
GLN N   H    sing N N 114 
GLN N   H2   sing N N 115 
GLN CA  C    sing N N 116 
GLN CA  CB   sing N N 117 
GLN CA  HA   sing N N 118 
GLN C   O    doub N N 119 
GLN C   OXT  sing N N 120 
GLN CB  CG   sing N N 121 
GLN CB  HB2  sing N N 122 
GLN CB  HB3  sing N N 123 
GLN CG  CD   sing N N 124 
GLN CG  HG2  sing N N 125 
GLN CG  HG3  sing N N 126 
GLN CD  OE1  doub N N 127 
GLN CD  NE2  sing N N 128 
GLN NE2 HE21 sing N N 129 
GLN NE2 HE22 sing N N 130 
GLN OXT HXT  sing N N 131 
GLU N   CA   sing N N 132 
GLU N   H    sing N N 133 
GLU N   H2   sing N N 134 
GLU CA  C    sing N N 135 
GLU CA  CB   sing N N 136 
GLU CA  HA   sing N N 137 
GLU C   O    doub N N 138 
GLU C   OXT  sing N N 139 
GLU CB  CG   sing N N 140 
GLU CB  HB2  sing N N 141 
GLU CB  HB3  sing N N 142 
GLU CG  CD   sing N N 143 
GLU CG  HG2  sing N N 144 
GLU CG  HG3  sing N N 145 
GLU CD  OE1  doub N N 146 
GLU CD  OE2  sing N N 147 
GLU OE2 HE2  sing N N 148 
GLU OXT HXT  sing N N 149 
GLY N   CA   sing N N 150 
GLY N   H    sing N N 151 
GLY N   H2   sing N N 152 
GLY CA  C    sing N N 153 
GLY CA  HA2  sing N N 154 
GLY CA  HA3  sing N N 155 
GLY C   O    doub N N 156 
GLY C   OXT  sing N N 157 
GLY OXT HXT  sing N N 158 
HOH O   H1   sing N N 159 
HOH O   H2   sing N N 160 
ILE N   CA   sing N N 161 
ILE N   H    sing N N 162 
ILE N   H2   sing N N 163 
ILE CA  C    sing N N 164 
ILE CA  CB   sing N N 165 
ILE CA  HA   sing N N 166 
ILE C   O    doub N N 167 
ILE C   OXT  sing N N 168 
ILE CB  CG1  sing N N 169 
ILE CB  CG2  sing N N 170 
ILE CB  HB   sing N N 171 
ILE CG1 CD1  sing N N 172 
ILE CG1 HG12 sing N N 173 
ILE CG1 HG13 sing N N 174 
ILE CG2 HG21 sing N N 175 
ILE CG2 HG22 sing N N 176 
ILE CG2 HG23 sing N N 177 
ILE CD1 HD11 sing N N 178 
ILE CD1 HD12 sing N N 179 
ILE CD1 HD13 sing N N 180 
ILE OXT HXT  sing N N 181 
LEU N   CA   sing N N 182 
LEU N   H    sing N N 183 
LEU N   H2   sing N N 184 
LEU CA  C    sing N N 185 
LEU CA  CB   sing N N 186 
LEU CA  HA   sing N N 187 
LEU C   O    doub N N 188 
LEU C   OXT  sing N N 189 
LEU CB  CG   sing N N 190 
LEU CB  HB2  sing N N 191 
LEU CB  HB3  sing N N 192 
LEU CG  CD1  sing N N 193 
LEU CG  CD2  sing N N 194 
LEU CG  HG   sing N N 195 
LEU CD1 HD11 sing N N 196 
LEU CD1 HD12 sing N N 197 
LEU CD1 HD13 sing N N 198 
LEU CD2 HD21 sing N N 199 
LEU CD2 HD22 sing N N 200 
LEU CD2 HD23 sing N N 201 
LEU OXT HXT  sing N N 202 
LYS N   CA   sing N N 203 
LYS N   H    sing N N 204 
LYS N   H2   sing N N 205 
LYS CA  C    sing N N 206 
LYS CA  CB   sing N N 207 
LYS CA  HA   sing N N 208 
LYS C   O    doub N N 209 
LYS C   OXT  sing N N 210 
LYS CB  CG   sing N N 211 
LYS CB  HB2  sing N N 212 
LYS CB  HB3  sing N N 213 
LYS CG  CD   sing N N 214 
LYS CG  HG2  sing N N 215 
LYS CG  HG3  sing N N 216 
LYS CD  CE   sing N N 217 
LYS CD  HD2  sing N N 218 
LYS CD  HD3  sing N N 219 
LYS CE  NZ   sing N N 220 
LYS CE  HE2  sing N N 221 
LYS CE  HE3  sing N N 222 
LYS NZ  HZ1  sing N N 223 
LYS NZ  HZ2  sing N N 224 
LYS NZ  HZ3  sing N N 225 
LYS OXT HXT  sing N N 226 
MET N   CA   sing N N 227 
MET N   H    sing N N 228 
MET N   H2   sing N N 229 
MET CA  C    sing N N 230 
MET CA  CB   sing N N 231 
MET CA  HA   sing N N 232 
MET C   O    doub N N 233 
MET C   OXT  sing N N 234 
MET CB  CG   sing N N 235 
MET CB  HB2  sing N N 236 
MET CB  HB3  sing N N 237 
MET CG  SD   sing N N 238 
MET CG  HG2  sing N N 239 
MET CG  HG3  sing N N 240 
MET SD  CE   sing N N 241 
MET CE  HE1  sing N N 242 
MET CE  HE2  sing N N 243 
MET CE  HE3  sing N N 244 
MET OXT HXT  sing N N 245 
PHE N   CA   sing N N 246 
PHE N   H    sing N N 247 
PHE N   H2   sing N N 248 
PHE CA  C    sing N N 249 
PHE CA  CB   sing N N 250 
PHE CA  HA   sing N N 251 
PHE C   O    doub N N 252 
PHE C   OXT  sing N N 253 
PHE CB  CG   sing N N 254 
PHE CB  HB2  sing N N 255 
PHE CB  HB3  sing N N 256 
PHE CG  CD1  doub Y N 257 
PHE CG  CD2  sing Y N 258 
PHE CD1 CE1  sing Y N 259 
PHE CD1 HD1  sing N N 260 
PHE CD2 CE2  doub Y N 261 
PHE CD2 HD2  sing N N 262 
PHE CE1 CZ   doub Y N 263 
PHE CE1 HE1  sing N N 264 
PHE CE2 CZ   sing Y N 265 
PHE CE2 HE2  sing N N 266 
PHE CZ  HZ   sing N N 267 
PHE OXT HXT  sing N N 268 
PRO N   CA   sing N N 269 
PRO N   CD   sing N N 270 
PRO N   H    sing N N 271 
PRO CA  C    sing N N 272 
PRO CA  CB   sing N N 273 
PRO CA  HA   sing N N 274 
PRO C   O    doub N N 275 
PRO C   OXT  sing N N 276 
PRO CB  CG   sing N N 277 
PRO CB  HB2  sing N N 278 
PRO CB  HB3  sing N N 279 
PRO CG  CD   sing N N 280 
PRO CG  HG2  sing N N 281 
PRO CG  HG3  sing N N 282 
PRO CD  HD2  sing N N 283 
PRO CD  HD3  sing N N 284 
PRO OXT HXT  sing N N 285 
SER N   CA   sing N N 286 
SER N   H    sing N N 287 
SER N   H2   sing N N 288 
SER CA  C    sing N N 289 
SER CA  CB   sing N N 290 
SER CA  HA   sing N N 291 
SER C   O    doub N N 292 
SER C   OXT  sing N N 293 
SER CB  OG   sing N N 294 
SER CB  HB2  sing N N 295 
SER CB  HB3  sing N N 296 
SER OG  HG   sing N N 297 
SER OXT HXT  sing N N 298 
THR N   CA   sing N N 299 
THR N   H    sing N N 300 
THR N   H2   sing N N 301 
THR CA  C    sing N N 302 
THR CA  CB   sing N N 303 
THR CA  HA   sing N N 304 
THR C   O    doub N N 305 
THR C   OXT  sing N N 306 
THR CB  OG1  sing N N 307 
THR CB  CG2  sing N N 308 
THR CB  HB   sing N N 309 
THR OG1 HG1  sing N N 310 
THR CG2 HG21 sing N N 311 
THR CG2 HG22 sing N N 312 
THR CG2 HG23 sing N N 313 
THR OXT HXT  sing N N 314 
TRP N   CA   sing N N 315 
TRP N   H    sing N N 316 
TRP N   H2   sing N N 317 
TRP CA  C    sing N N 318 
TRP CA  CB   sing N N 319 
TRP CA  HA   sing N N 320 
TRP C   O    doub N N 321 
TRP C   OXT  sing N N 322 
TRP CB  CG   sing N N 323 
TRP CB  HB2  sing N N 324 
TRP CB  HB3  sing N N 325 
TRP CG  CD1  doub Y N 326 
TRP CG  CD2  sing Y N 327 
TRP CD1 NE1  sing Y N 328 
TRP CD1 HD1  sing N N 329 
TRP CD2 CE2  doub Y N 330 
TRP CD2 CE3  sing Y N 331 
TRP NE1 CE2  sing Y N 332 
TRP NE1 HE1  sing N N 333 
TRP CE2 CZ2  sing Y N 334 
TRP CE3 CZ3  doub Y N 335 
TRP CE3 HE3  sing N N 336 
TRP CZ2 CH2  doub Y N 337 
TRP CZ2 HZ2  sing N N 338 
TRP CZ3 CH2  sing Y N 339 
TRP CZ3 HZ3  sing N N 340 
TRP CH2 HH2  sing N N 341 
TRP OXT HXT  sing N N 342 
TYR N   CA   sing N N 343 
TYR N   H    sing N N 344 
TYR N   H2   sing N N 345 
TYR CA  C    sing N N 346 
TYR CA  CB   sing N N 347 
TYR CA  HA   sing N N 348 
TYR C   O    doub N N 349 
TYR C   OXT  sing N N 350 
TYR CB  CG   sing N N 351 
TYR CB  HB2  sing N N 352 
TYR CB  HB3  sing N N 353 
TYR CG  CD1  doub Y N 354 
TYR CG  CD2  sing Y N 355 
TYR CD1 CE1  sing Y N 356 
TYR CD1 HD1  sing N N 357 
TYR CD2 CE2  doub Y N 358 
TYR CD2 HD2  sing N N 359 
TYR CE1 CZ   doub Y N 360 
TYR CE1 HE1  sing N N 361 
TYR CE2 CZ   sing Y N 362 
TYR CE2 HE2  sing N N 363 
TYR CZ  OH   sing N N 364 
TYR OH  HH   sing N N 365 
TYR OXT HXT  sing N N 366 
VAL N   CA   sing N N 367 
VAL N   H    sing N N 368 
VAL N   H2   sing N N 369 
VAL CA  C    sing N N 370 
VAL CA  CB   sing N N 371 
VAL CA  HA   sing N N 372 
VAL C   O    doub N N 373 
VAL C   OXT  sing N N 374 
VAL CB  CG1  sing N N 375 
VAL CB  CG2  sing N N 376 
VAL CB  HB   sing N N 377 
VAL CG1 HG11 sing N N 378 
VAL CG1 HG12 sing N N 379 
VAL CG1 HG13 sing N N 380 
VAL CG2 HG21 sing N N 381 
VAL CG2 HG22 sing N N 382 
VAL CG2 HG23 sing N N 383 
VAL OXT HXT  sing N N 384 
# 
_pdbx_audit_support.funding_organization   'Ministerio de Ciencia e Innovacion (MCIN)' 
_pdbx_audit_support.country                Spain 
_pdbx_audit_support.grant_number           PID2022-136362NB-I00 
_pdbx_audit_support.ordinal                1 
# 
_pdbx_initial_refinement_model.id               1 
_pdbx_initial_refinement_model.entity_id_list   ? 
_pdbx_initial_refinement_model.type             'experimental model' 
_pdbx_initial_refinement_model.source_name      PDB 
_pdbx_initial_refinement_model.accession_code   3UJZ 
_pdbx_initial_refinement_model.details          ? 
# 
_atom_sites.entry_id                    9GRF 
_atom_sites.Cartn_transf_matrix[1][1]   ? 
_atom_sites.Cartn_transf_matrix[1][2]   ? 
_atom_sites.Cartn_transf_matrix[1][3]   ? 
_atom_sites.Cartn_transf_matrix[2][1]   ? 
_atom_sites.Cartn_transf_matrix[2][2]   ? 
_atom_sites.Cartn_transf_matrix[2][3]   ? 
_atom_sites.Cartn_transf_matrix[3][1]   ? 
_atom_sites.Cartn_transf_matrix[3][2]   ? 
_atom_sites.Cartn_transf_matrix[3][3]   ? 
_atom_sites.Cartn_transf_vector[1]      ? 
_atom_sites.Cartn_transf_vector[2]      ? 
_atom_sites.Cartn_transf_vector[3]      ? 
_atom_sites.Cartn_transform_axes        ? 
_atom_sites.fract_transf_matrix[1][1]   -0.00341082 
_atom_sites.fract_transf_matrix[1][2]   -0.00394448 
_atom_sites.fract_transf_matrix[1][3]   -0.01480869 
_atom_sites.fract_transf_matrix[2][1]   0.00780850 
_atom_sites.fract_transf_matrix[2][2]   -0.01053139 
_atom_sites.fract_transf_matrix[2][3]   0.00100667 
_atom_sites.fract_transf_matrix[3][1]   -0.02780835 
_atom_sites.fract_transf_matrix[3][2]   -0.01950953 
_atom_sites.fract_transf_matrix[3][3]   0.01160157 
_atom_sites.fract_transf_vector[1]      0.020853 
_atom_sites.fract_transf_vector[2]      0.324675 
_atom_sites.fract_transf_vector[3]      -0.022052 
_atom_sites.solution_primary            ? 
_atom_sites.solution_secondary          ? 
_atom_sites.solution_hydrogens          ? 
_atom_sites.special_details             ? 
# 
loop_
_atom_type.symbol 
C 
N 
O 
S 
# 
loop_
_atom_site.group_PDB 
_atom_site.id 
_atom_site.type_symbol 
_atom_site.label_atom_id 
_atom_site.label_alt_id 
_atom_site.label_comp_id 
_atom_site.label_asym_id 
_atom_site.label_entity_id 
_atom_site.label_seq_id 
_atom_site.pdbx_PDB_ins_code 
_atom_site.Cartn_x 
_atom_site.Cartn_y 
_atom_site.Cartn_z 
_atom_site.occupancy 
_atom_site.B_iso_or_equiv 
_atom_site.pdbx_formal_charge 
_atom_site.auth_seq_id 
_atom_site.auth_comp_id 
_atom_site.auth_asym_id 
_atom_site.auth_atom_id 
_atom_site.pdbx_PDB_model_num 
ATOM   1    N N   . GLY A 1 1   ? -7.018  -7.241  -12.088 1.00 15.74 ? -3   GLY A N   1 
ATOM   2    C CA  . GLY A 1 1   ? -7.745  -6.320  -12.988 1.00 12.43 ? -3   GLY A CA  1 
ATOM   3    C C   . GLY A 1 1   ? -8.791  -7.100  -13.770 1.00 11.99 ? -3   GLY A C   1 
ATOM   4    O O   . GLY A 1 1   ? -8.728  -8.348  -13.832 1.00 13.18 ? -3   GLY A O   1 
ATOM   5    N N   . GLY A 1 2   ? -9.693  -6.367  -14.367 1.00 10.06 ? -2   GLY A N   1 
ATOM   6    C CA  . GLY A 1 2   ? -10.684 -6.939  -15.259 1.00 9.56  ? -2   GLY A CA  1 
ATOM   7    C C   . GLY A 1 2   ? -10.132 -7.117  -16.668 1.00 9.33  ? -2   GLY A C   1 
ATOM   8    O O   . GLY A 1 2   ? -8.952  -6.883  -16.975 1.00 8.97  ? -2   GLY A O   1 
ATOM   9    N N   . GLY A 1 3   ? -11.062 -7.453  -17.581 1.00 9.52  ? -1   GLY A N   1 
ATOM   10   C CA  . GLY A 1 3   ? -10.669 -7.690  -18.952 1.00 8.98  ? -1   GLY A CA  1 
ATOM   11   C C   . GLY A 1 3   ? -10.018 -6.468  -19.588 1.00 8.34  ? -1   GLY A C   1 
ATOM   12   O O   . GLY A 1 3   ? -10.539 -5.358  -19.535 1.00 8.60  ? -1   GLY A O   1 
ATOM   13   N N   . GLY A 1 4   ? -8.889  -6.738  -20.246 1.00 8.94  ? 0    GLY A N   1 
ATOM   14   C CA  . GLY A 1 4   ? -8.137  -5.716  -20.944 1.00 8.69  ? 0    GLY A CA  1 
ATOM   15   C C   . GLY A 1 4   ? -7.096  -4.993  -20.107 1.00 8.64  ? 0    GLY A C   1 
ATOM   16   O O   . GLY A 1 4   ? -6.221  -4.333  -20.668 1.00 8.81  ? 0    GLY A O   1 
ATOM   17   N N   . ALA A 1 5   ? -7.180  -5.054  -18.770 1.00 8.65  ? 799  ALA A N   1 
ATOM   18   C CA  . ALA A 1 5   ? -6.181  -4.362  -17.964 1.00 8.84  ? 799  ALA A CA  1 
ATOM   19   C C   . ALA A 1 5   ? -4.905  -5.168  -17.950 1.00 8.84  ? 799  ALA A C   1 
ATOM   20   O O   . ALA A 1 5   ? -4.899  -6.376  -17.755 1.00 10.55 ? 799  ALA A O   1 
ATOM   21   C CB  . ALA A 1 5   ? -6.708  -4.162  -16.566 1.00 9.45  ? 799  ALA A CB  1 
ATOM   22   N N   . LEU A 1 6   ? -3.786  -4.503  -18.122 1.00 8.98  ? 800  LEU A N   1 
ATOM   23   C CA  . LEU A 1 6   ? -2.505  -5.164  -18.048 1.00 9.43  ? 800  LEU A CA  1 
ATOM   24   C C   . LEU A 1 6   ? -2.363  -5.797  -16.675 1.00 9.25  ? 800  LEU A C   1 
ATOM   25   O O   . LEU A 1 6   ? -2.475  -5.128  -15.663 1.00 9.89  ? 800  LEU A O   1 
ATOM   26   C CB  . LEU A 1 6   ? -1.416  -4.105  -18.250 1.00 11.18 ? 800  LEU A CB  1 
ATOM   27   C CG  . LEU A 1 6   ? 0.032   -4.584  -18.184 1.00 15.45 ? 800  LEU A CG  1 
ATOM   28   C CD1 . LEU A 1 6   ? 0.289   -5.469  -19.378 1.00 19.97 ? 800  LEU A CD1 1 
ATOM   29   C CD2 . LEU A 1 6   ? 1.040   -3.422  -18.145 1.00 15.98 ? 800  LEU A CD2 1 
ATOM   30   N N   . PRO A 1 7   ? -2.095  -7.120  -16.591 1.00 10.78 ? 801  PRO A N   1 
ATOM   31   C CA  . PRO A 1 7   ? -1.941  -7.740  -15.284 1.00 10.82 ? 801  PRO A CA  1 
ATOM   32   C C   . PRO A 1 7   ? -0.648  -7.291  -14.581 1.00 10.13 ? 801  PRO A C   1 
ATOM   33   O O   . PRO A 1 7   ? 0.338   -7.031  -15.226 1.00 10.86 ? 801  PRO A O   1 
ATOM   34   C CB  . PRO A 1 7   ? -1.925  -9.242  -15.600 1.00 12.86 ? 801  PRO A CB  1 
ATOM   35   C CG  . PRO A 1 7   ? -2.607  -9.357  -16.938 1.00 14.12 ? 801  PRO A CG  1 
ATOM   36   C CD  . PRO A 1 7   ? -2.133  -8.119  -17.687 1.00 11.48 ? 801  PRO A CD  1 
ATOM   37   N N   . ALA A 1 8   ? -0.720  -7.265  -13.249 1.00 10.18 ? 802  ALA A N   1 
ATOM   38   C CA  . ALA A 1 8   ? 0.500   -7.216  -12.452 1.00 9.63  ? 802  ALA A CA  1 
ATOM   39   C C   . ALA A 1 8   ? 1.384   -8.401  -12.816 1.00 10.46 ? 802  ALA A C   1 
ATOM   40   O O   . ALA A 1 8   ? 0.901   -9.518  -12.904 1.00 10.98 ? 802  ALA A O   1 
ATOM   41   C CB  . ALA A 1 8   ? 0.207   -7.195  -10.986 1.00 11.08 ? 802  ALA A CB  1 
ATOM   42   N N   . LYS A 1 9   ? 2.664   -8.157  -12.984 1.00 10.31 ? 803  LYS A N   1 
ATOM   43   C CA  . LYS A 1 9   ? 3.614   -9.241  -13.186 1.00 10.62 ? 803  LYS A CA  1 
ATOM   44   C C   . LYS A 1 9   ? 3.756   -10.057 -11.911 1.00 9.45  ? 803  LYS A C   1 
ATOM   45   O O   . LYS A 1 9   ? 3.365   -9.628  -10.805 1.00 9.28  ? 803  LYS A O   1 
ATOM   46   C CB  . LYS A 1 9   ? 4.965   -8.689  -13.596 1.00 12.55 ? 803  LYS A CB  1 
ATOM   47   C CG  . LYS A 1 9   ? 4.972   -8.029  -14.968 1.00 15.96 ? 803  LYS A CG  1 
ATOM   48   C CD  . LYS A 1 9   ? 6.253   -7.314  -15.315 1.00 22.31 ? 803  LYS A CD  1 
ATOM   49   C CE  . LYS A 1 9   ? 6.287   -6.815  -16.744 1.00 34.58 ? 803  LYS A CE  1 
ATOM   50   N NZ  . LYS A 1 9   ? 6.835   -5.438  -16.811 1.00 39.45 ? 803  LYS A NZ  1 
ATOM   51   N N   . GLU A 1 10  ? 4.314   -11.277 -12.025 1.00 9.93  ? 804  GLU A N   1 
ATOM   52   C CA  . GLU A 1 10  ? 4.302   -12.175 -10.877 1.00 9.87  ? 804  GLU A CA  1 
ATOM   53   C C   . GLU A 1 10  ? 5.037   -11.587 -9.657  1.00 9.13  ? 804  GLU A C   1 
ATOM   54   O O   . GLU A 1 10  ? 4.622   -11.871 -8.553  1.00 10.32 ? 804  GLU A O   1 
ATOM   55   C CB  . GLU A 1 10  ? 4.972   -13.450 -11.395 1.00 13.19 ? 804  GLU A CB  1 
ATOM   56   C CG  . GLU A 1 10  ? 5.172   -14.539 -10.431 1.00 18.38 ? 804  GLU A CG  1 
ATOM   57   C CD  . GLU A 1 10  ? 6.132   -15.618 -10.959 1.00 21.79 ? 804  GLU A CD  1 
ATOM   58   O OE1 . GLU A 1 10  ? 7.390   -15.475 -10.976 1.00 25.18 ? 804  GLU A OE1 1 
ATOM   59   O OE2 . GLU A 1 10  ? 5.607   -16.563 -11.261 1.00 24.57 ? 804  GLU A OE2 1 
ATOM   60   N N   . ASN A 1 11  ? 6.060   -10.828 -9.911  1.00 8.76  ? 805  ASN A N   1 
ATOM   61   C CA  . ASN A 1 11  ? 6.864   -10.240 -8.838  1.00 9.44  ? 805  ASN A CA  1 
ATOM   62   C C   . ASN A 1 11  ? 6.558   -8.752  -8.666  1.00 9.75  ? 805  ASN A C   1 
ATOM   63   O O   . ASN A 1 11  ? 7.493   -7.995  -8.298  1.00 11.82 ? 805  ASN A O   1 
ATOM   64   C CB  . ASN A 1 11  ? 8.360   -10.502 -9.044  1.00 12.63 ? 805  ASN A CB  1 
ATOM   65   C CG  . ASN A 1 11  ? 8.694   -11.988 -9.236  1.00 17.02 ? 805  ASN A CG  1 
ATOM   66   O OD1 . ASN A 1 11  ? 9.028   -12.528 -10.324 1.00 28.16 ? 805  ASN A OD1 1 
ATOM   67   N ND2 . ASN A 1 11  ? 8.601   -12.735 -8.187  1.00 18.93 ? 805  ASN A ND2 1 
ATOM   68   N N   . GLU A 1 12  ? 5.347   -8.327  -8.946  1.00 8.75  ? 806  GLU A N   1 
ATOM   69   C CA  . GLU A 1 12  ? 4.970   -6.907  -8.934  1.00 8.43  ? 806  GLU A CA  1 
ATOM   70   C C   . GLU A 1 12  ? 3.723   -6.743  -8.095  1.00 7.86  ? 806  GLU A C   1 
ATOM   71   O O   . GLU A 1 12  ? 2.787   -7.513  -8.231  1.00 9.29  ? 806  GLU A O   1 
ATOM   72   C CB  . GLU A 1 12  ? 4.722   -6.468  -10.389 1.00 10.17 ? 806  GLU A CB  1 
ATOM   73   C CG  . GLU A 1 12  ? 4.282   -5.053  -10.563 1.00 10.44 ? 806  GLU A CG  1 
ATOM   74   C CD  . GLU A 1 12  ? 4.133   -4.720  -12.014 1.00 11.06 ? 806  GLU A CD  1 
ATOM   75   O OE1 . GLU A 1 12  ? 3.555   -5.489  -12.795 1.00 12.12 ? 806  GLU A OE1 1 
ATOM   76   O OE2 . GLU A 1 12  ? 4.588   -3.599  -12.343 1.00 15.15 ? 806  GLU A OE2 1 
ATOM   77   N N   . GLY A 1 13  ? 3.684   -5.651  -7.314  1.00 7.18  ? 807  GLY A N   1 
ATOM   78   C CA  . GLY A 1 13  ? 2.497   -5.274  -6.578  1.00 7.59  ? 807  GLY A CA  1 
ATOM   79   C C   . GLY A 1 13  ? 2.046   -3.871  -6.995  1.00 7.13  ? 807  GLY A C   1 
ATOM   80   O O   . GLY A 1 13  ? 2.900   -2.991  -7.094  1.00 7.69  ? 807  GLY A O   1 
ATOM   81   N N   . CYS A 1 14  ? 0.760   -3.698  -7.213  1.00 7.11  ? 808  CYS A N   1 
ATOM   82   C CA  . CYS A 1 14  ? 0.224   -2.425  -7.668  1.00 7.02  ? 808  CYS A CA  1 
ATOM   83   C C   . CYS A 1 14  ? -0.906  -1.988  -6.764  1.00 7.36  ? 808  CYS A C   1 
ATOM   84   O O   . CYS A 1 14  ? -1.657  -2.794  -6.197  1.00 7.21  ? 808  CYS A O   1 
ATOM   85   C CB  . CYS A 1 14  ? -0.339  -2.537  -9.085  1.00 7.78  ? 808  CYS A CB  1 
ATOM   86   S SG  . CYS A 1 14  ? 0.813   -3.104  -10.352 1.00 9.77  ? 808  CYS A SG  1 
ATOM   87   N N   . ILE A 1 15  ? -1.081  -0.637  -6.700  1.00 6.61  ? 809  ILE A N   1 
ATOM   88   C CA  . ILE A 1 15  ? -2.328  -0.032  -6.273  1.00 6.80  ? 809  ILE A CA  1 
ATOM   89   C C   . ILE A 1 15  ? -2.954  0.636   -7.494  1.00 6.70  ? 809  ILE A C   1 
ATOM   90   O O   . ILE A 1 15  ? -2.234  1.241   -8.304  1.00 7.92  ? 809  ILE A O   1 
ATOM   91   C CB  . ILE A 1 15  ? -2.160  0.922   -5.076  1.00 6.66  ? 809  ILE A CB  1 
ATOM   92   C CG1 . ILE A 1 15  ? -1.062  1.951   -5.299  1.00 6.89  ? 809  ILE A CG1 1 
ATOM   93   C CG2 . ILE A 1 15  ? -1.973  0.106   -3.797  1.00 7.57  ? 809  ILE A CG2 1 
ATOM   94   C CD1 . ILE A 1 15  ? -0.944  2.982   -4.216  1.00 7.39  ? 809  ILE A CD1 1 
ATOM   95   N N   . VAL A 1 16  ? -4.246  0.497   -7.638  1.00 6.46  ? 810  VAL A N   1 
ATOM   96   C CA  . VAL A 1 16  ? -5.007  0.985   -8.785  1.00 6.71  ? 810  VAL A CA  1 
ATOM   97   C C   . VAL A 1 16  ? -6.055  1.945   -8.269  1.00 6.81  ? 810  VAL A C   1 
ATOM   98   O O   . VAL A 1 16  ? -6.855  1.629   -7.386  1.00 6.79  ? 810  VAL A O   1 
ATOM   99   C CB  . VAL A 1 16  ? -5.678  -0.200  -9.509  1.00 7.27  ? 810  VAL A CB  1 
ATOM   100  C CG1 . VAL A 1 16  ? -6.467  0.331   -10.683 1.00 7.42  ? 810  VAL A CG1 1 
ATOM   101  C CG2 . VAL A 1 16  ? -4.671  -1.237  -9.952  1.00 8.54  ? 810  VAL A CG2 1 
ATOM   102  N N   . SER A 1 17  ? -6.098  3.139   -8.895  1.00 7.37  ? 811  SER A N   1 
ATOM   103  C CA  . SER A 1 17  ? -7.086  4.123   -8.526  1.00 7.37  ? 811  SER A CA  1 
ATOM   104  C C   . SER A 1 17  ? -8.489  3.633   -8.828  1.00 7.64  ? 811  SER A C   1 
ATOM   105  O O   . SER A 1 17  ? -8.811  3.243   -9.975  1.00 7.83  ? 811  SER A O   1 
ATOM   106  C CB  . SER A 1 17  ? -6.824  5.391   -9.329  1.00 8.04  ? 811  SER A CB  1 
ATOM   107  O OG  . SER A 1 17  ? -7.916  6.299   -9.256  1.00 8.54  ? 811  SER A OG  1 
ATOM   108  N N   . VAL A 1 18  ? -9.362  3.744   -7.860  1.00 7.76  ? 812  VAL A N   1 
ATOM   109  C CA  A VAL A 1 18  ? -10.776 3.447   -8.061  0.50 9.70  ? 812  VAL A CA  1 
ATOM   110  C CA  B VAL A 1 18  ? -10.765 3.466   -8.046  0.50 7.33  ? 812  VAL A CA  1 
ATOM   111  C C   . VAL A 1 18  ? -11.403 4.435   -9.043  1.00 8.77  ? 812  VAL A C   1 
ATOM   112  O O   . VAL A 1 18  ? -12.284 4.047   -9.844  1.00 9.59  ? 812  VAL A O   1 
ATOM   113  C CB  A VAL A 1 18  ? -11.618 3.396   -6.760  0.50 12.83 ? 812  VAL A CB  1 
ATOM   114  C CB  B VAL A 1 18  ? -11.475 3.502   -6.677  0.50 6.39  ? 812  VAL A CB  1 
ATOM   115  C CG1 A VAL A 1 18  ? -11.558 4.667   -5.941  0.50 18.21 ? 812  VAL A CG1 1 
ATOM   116  C CG1 B VAL A 1 18  ? -12.981 3.587   -6.812  0.50 6.88  ? 812  VAL A CG1 1 
ATOM   117  C CG2 A VAL A 1 18  ? -13.074 3.029   -7.004  0.50 13.68 ? 812  VAL A CG2 1 
ATOM   118  C CG2 B VAL A 1 18  ? -11.061 2.256   -5.839  0.50 5.09  ? 812  VAL A CG2 1 
ATOM   119  N N   . ASN A 1 19  ? -10.999 5.680   -9.015  1.00 8.86  ? 813  ASN A N   1 
ATOM   120  C CA  . ASN A 1 19  ? -11.584 6.662   -9.910  1.00 10.34 ? 813  ASN A CA  1 
ATOM   121  C C   . ASN A 1 19  ? -11.084 6.584   -11.332 1.00 9.87  ? 813  ASN A C   1 
ATOM   122  O O   . ASN A 1 19  ? -11.920 6.811   -12.240 1.00 10.22 ? 813  ASN A O   1 
ATOM   123  C CB  . ASN A 1 19  ? -11.383 8.044   -9.296  1.00 12.56 ? 813  ASN A CB  1 
ATOM   124  C CG  . ASN A 1 19  ? -12.315 8.203   -8.105  1.00 18.35 ? 813  ASN A CG  1 
ATOM   125  O OD1 . ASN A 1 19  ? -13.337 7.518   -7.954  1.00 23.62 ? 813  ASN A OD1 1 
ATOM   126  N ND2 . ASN A 1 19  ? -11.943 9.078   -7.195  1.00 22.15 ? 813  ASN A ND2 1 
ATOM   127  N N   . SER A 1 20  ? -9.815  6.343   -11.550 1.00 9.24  ? 814  SER A N   1 
ATOM   128  C CA  . SER A 1 20  ? -9.216  6.492   -12.860 1.00 9.04  ? 814  SER A CA  1 
ATOM   129  C C   . SER A 1 20  ? -8.672  5.214   -13.469 1.00 8.43  ? 814  SER A C   1 
ATOM   130  O O   . SER A 1 20  ? -8.365  5.205   -14.667 1.00 9.09  ? 814  SER A O   1 
ATOM   131  C CB  . SER A 1 20  ? -8.098  7.498   -12.834 1.00 9.87  ? 814  SER A CB  1 
ATOM   132  O OG  . SER A 1 20  ? -6.993  6.924   -12.167 1.00 9.26  ? 814  SER A OG  1 
ATOM   133  N N   . GLY A 1 21  ? -8.439  4.150   -12.676 1.00 8.37  ? 815  GLY A N   1 
ATOM   134  C CA  . GLY A 1 21  ? -7.757  2.985   -13.198 1.00 9.06  ? 815  GLY A CA  1 
ATOM   135  C C   . GLY A 1 21  ? -6.282  3.121   -13.372 1.00 8.29  ? 815  GLY A C   1 
ATOM   136  O O   . GLY A 1 21  ? -5.612  2.148   -13.742 1.00 8.74  ? 815  GLY A O   1 
ATOM   137  N N   . LYS A 1 22  ? -5.712  4.316   -13.138 1.00 8.17  ? 816  LYS A N   1 
ATOM   138  C CA  . LYS A 1 22  ? -4.291  4.486   -13.203 1.00 7.85  ? 816  LYS A CA  1 
ATOM   139  C C   . LYS A 1 22  ? -3.611  3.791   -12.038 1.00 7.30  ? 816  LYS A C   1 
ATOM   140  O O   . LYS A 1 22  ? -4.243  3.621   -10.968 1.00 9.25  ? 816  LYS A O   1 
ATOM   141  C CB  . LYS A 1 22  ? -3.974  5.957   -13.242 1.00 8.89  ? 816  LYS A CB  1 
ATOM   142  C CG  . LYS A 1 22  ? -4.530  6.622   -14.496 1.00 11.25 ? 816  LYS A CG  1 
ATOM   143  C CD  . LYS A 1 22  ? -4.438  8.134   -14.607 1.00 16.38 ? 816  LYS A CD  1 
ATOM   144  C CE  . LYS A 1 22  ? -5.101  8.603   -15.908 1.00 20.38 ? 816  LYS A CE  1 
ATOM   145  N NZ  . LYS A 1 22  ? -5.082  10.073  -16.144 1.00 24.27 ? 816  LYS A NZ  1 
ATOM   146  N N   . ARG A 1 23  ? -2.379  3.397   -12.208 1.00 8.11  ? 817  ARG A N   1 
ATOM   147  C CA  . ARG A 1 23  ? -1.749  2.537   -11.229 1.00 8.39  ? 817  ARG A CA  1 
ATOM   148  C C   . ARG A 1 23  ? -0.410  3.080   -10.782 1.00 8.47  ? 817  ARG A C   1 
ATOM   149  O O   . ARG A 1 23  ? 0.321   3.776   -11.529 1.00 9.24  ? 817  ARG A O   1 
ATOM   150  C CB  . ARG A 1 23  ? -1.605  1.106   -11.763 1.00 10.18 ? 817  ARG A CB  1 
ATOM   151  C CG  . ARG A 1 23  ? -0.616  0.986   -12.875 1.00 11.28 ? 817  ARG A CG  1 
ATOM   152  C CD  . ARG A 1 23  ? -0.502  -0.366  -13.546 1.00 12.74 ? 817  ARG A CD  1 
ATOM   153  N NE  . ARG A 1 23  ? -1.740  -0.750  -14.207 1.00 13.19 ? 817  ARG A NE  1 
ATOM   154  C CZ  . ARG A 1 23  ? -2.019  -1.991  -14.627 1.00 12.09 ? 817  ARG A CZ  1 
ATOM   155  N NH1 . ARG A 1 23  ? -1.072  -2.940  -14.493 1.00 12.00 ? 817  ARG A NH1 1 
ATOM   156  N NH2 . ARG A 1 23  ? -3.183  -2.272  -15.210 1.00 11.74 ? 817  ARG A NH2 1 
ATOM   157  N N   . TYR A 1 24  ? 0.017   2.612   -9.594  1.00 7.36  ? 818  TYR A N   1 
ATOM   158  C CA  . TYR A 1 24  ? 1.354   2.769   -9.056  1.00 7.42  ? 818  TYR A CA  1 
ATOM   159  C C   . TYR A 1 24  ? 1.833   1.387   -8.632  1.00 7.24  ? 818  TYR A C   1 
ATOM   160  O O   . TYR A 1 24  ? 1.183   0.723   -7.828  1.00 7.29  ? 818  TYR A O   1 
ATOM   161  C CB  . TYR A 1 24  ? 1.364   3.736   -7.864  1.00 7.65  ? 818  TYR A CB  1 
ATOM   162  C CG  . TYR A 1 24  ? 2.670   3.827   -7.117  1.00 7.75  ? 818  TYR A CG  1 
ATOM   163  C CD1 . TYR A 1 24  ? 2.946   2.986   -6.063  1.00 8.09  ? 818  TYR A CD1 1 
ATOM   164  C CD2 . TYR A 1 24  ? 3.632   4.760   -7.469  1.00 8.30  ? 818  TYR A CD2 1 
ATOM   165  C CE1 . TYR A 1 24  ? 4.094   3.047   -5.350  1.00 8.81  ? 818  TYR A CE1 1 
ATOM   166  C CE2 . TYR A 1 24  ? 4.812   4.817   -6.756  1.00 9.54  ? 818  TYR A CE2 1 
ATOM   167  C CZ  . TYR A 1 24  ? 5.050   3.942   -5.704  1.00 8.64  ? 818  TYR A CZ  1 
ATOM   168  O OH  . TYR A 1 24  ? 6.184   4.022   -4.939  1.00 10.03 ? 818  TYR A OH  1 
ATOM   169  N N   . CYS A 1 25  ? 2.942   0.942   -9.209  1.00 7.44  ? 819  CYS A N   1 
ATOM   170  C CA  . CYS A 1 25  ? 3.428   -0.424  -9.012  1.00 7.76  ? 819  CYS A CA  1 
ATOM   171  C C   . CYS A 1 25  ? 4.866   -0.420  -8.543  1.00 8.17  ? 819  CYS A C   1 
ATOM   172  O O   . CYS A 1 25  ? 5.643   0.465   -8.957  1.00 9.43  ? 819  CYS A O   1 
ATOM   173  C CB  . CYS A 1 25  ? 3.373   -1.234  -10.317 1.00 9.26  ? 819  CYS A CB  1 
ATOM   174  S SG  . CYS A 1 25  ? 1.733   -1.299  -11.080 1.00 10.34 ? 819  CYS A SG  1 
ATOM   175  N N   . LEU A 1 26  ? 5.239   -1.428  -7.779  1.00 7.64  ? 820  LEU A N   1 
ATOM   176  C CA  . LEU A 1 26  ? 6.631   -1.657  -7.415  1.00 8.10  ? 820  LEU A CA  1 
ATOM   177  C C   . LEU A 1 26  ? 6.931   -3.123  -7.524  1.00 8.53  ? 820  LEU A C   1 
ATOM   178  O O   . LEU A 1 26  ? 6.098   -3.959  -7.225  1.00 8.39  ? 820  LEU A O   1 
ATOM   179  C CB  . LEU A 1 26  ? 6.918   -1.215  -5.989  1.00 8.58  ? 820  LEU A CB  1 
ATOM   180  C CG  . LEU A 1 26  ? 6.798   0.278   -5.699  1.00 9.52  ? 820  LEU A CG  1 
ATOM   181  C CD1 . LEU A 1 26  ? 6.852   0.506   -4.210  1.00 10.90 ? 820  LEU A CD1 1 
ATOM   182  C CD2 . LEU A 1 26  ? 7.944   1.031   -6.365  1.00 10.33 ? 820  LEU A CD2 1 
ATOM   183  N N   . PRO A 1 27  ? 8.194   -3.453  -7.884  1.00 9.17  ? 821  PRO A N   1 
ATOM   184  C CA  . PRO A 1 27  ? 8.634   -4.847  -7.808  1.00 9.64  ? 821  PRO A CA  1 
ATOM   185  C C   . PRO A 1 27  ? 8.811   -5.278  -6.371  1.00 8.78  ? 821  PRO A C   1 
ATOM   186  O O   . PRO A 1 27  ? 9.130   -4.440  -5.484  1.00 9.46  ? 821  PRO A O   1 
ATOM   187  C CB  . PRO A 1 27  ? 9.970   -4.838  -8.566  1.00 12.91 ? 821  PRO A CB  1 
ATOM   188  C CG  . PRO A 1 27  ? 10.465  -3.488  -8.377  1.00 14.94 ? 821  PRO A CG  1 
ATOM   189  C CD  . PRO A 1 27  ? 9.254   -2.543  -8.361  1.00 10.87 ? 821  PRO A CD  1 
ATOM   190  N N   . VAL A 1 28  ? 8.733   -6.567  -6.130  1.00 9.08  ? 822  VAL A N   1 
ATOM   191  C CA  . VAL A 1 28  ? 9.155   -7.112  -4.886  1.00 8.86  ? 822  VAL A CA  1 
ATOM   192  C C   . VAL A 1 28  ? 10.554  -6.604  -4.540  1.00 9.99  ? 822  VAL A C   1 
ATOM   193  O O   . VAL A 1 28  ? 11.454  -6.585  -5.378  1.00 11.01 ? 822  VAL A O   1 
ATOM   194  C CB  . VAL A 1 28  ? 9.157   -8.637  -4.991  1.00 9.71  ? 822  VAL A CB  1 
ATOM   195  C CG1 . VAL A 1 28  ? 9.935   -9.229  -3.888  1.00 10.98 ? 822  VAL A CG1 1 
ATOM   196  C CG2 . VAL A 1 28  ? 7.763   -9.205  -5.051  1.00 10.03 ? 822  VAL A CG2 1 
ATOM   197  N N   . GLY A 1 29  ? 10.696  -6.198  -3.284  1.00 9.99  ? 823  GLY A N   1 
ATOM   198  C CA  . GLY A 1 29  ? 11.962  -5.677  -2.780  1.00 11.93 ? 823  GLY A CA  1 
ATOM   199  C C   . GLY A 1 29  ? 12.041  -4.150  -2.723  1.00 12.37 ? 823  GLY A C   1 
ATOM   200  O O   . GLY A 1 29  ? 13.044  -3.617  -2.197  1.00 14.97 ? 823  GLY A O   1 
ATOM   201  N N   . GLN A 1 30  ? 11.050  -3.413  -3.250  1.00 10.38 ? 824  GLN A N   1 
ATOM   202  C CA  A GLN A 1 30  ? 11.068  -1.959  -3.246  0.50 9.22  ? 824  GLN A CA  1 
ATOM   203  C CA  B GLN A 1 30  ? 11.076  -1.966  -3.221  0.50 8.98  ? 824  GLN A CA  1 
ATOM   204  C C   . GLN A 1 30  ? 9.920   -1.393  -2.407  1.00 7.83  ? 824  GLN A C   1 
ATOM   205  O O   . GLN A 1 30  ? 8.897   -2.016  -2.210  1.00 7.90  ? 824  GLN A O   1 
ATOM   206  C CB  A GLN A 1 30  ? 10.972  -1.407  -4.674  0.50 10.73 ? 824  GLN A CB  1 
ATOM   207  C CB  B GLN A 1 30  ? 10.985  -1.440  -4.647  0.50 10.05 ? 824  GLN A CB  1 
ATOM   208  C CG  A GLN A 1 30  ? 12.237  -1.615  -5.504  0.50 13.95 ? 824  GLN A CG  1 
ATOM   209  C CG  B GLN A 1 30  ? 12.128  -1.900  -5.546  0.50 12.69 ? 824  GLN A CG  1 
ATOM   210  C CD  A GLN A 1 30  ? 12.264  -0.931  -6.847  0.50 15.63 ? 824  GLN A CD  1 
ATOM   211  C CD  B GLN A 1 30  ? 13.451  -1.296  -5.144  0.50 14.06 ? 824  GLN A CD  1 
ATOM   212  O OE1 A GLN A 1 30  ? 11.420  -0.122  -7.197  0.50 20.69 ? 824  GLN A OE1 1 
ATOM   213  O OE1 B GLN A 1 30  ? 13.562  -0.092  -4.905  0.50 14.71 ? 824  GLN A OE1 1 
ATOM   214  N NE2 A GLN A 1 30  ? 13.310  -1.219  -7.605  0.50 21.20 ? 824  GLN A NE2 1 
ATOM   215  N NE2 B GLN A 1 30  ? 14.472  -2.124  -5.144  0.50 16.81 ? 824  GLN A NE2 1 
ATOM   216  N N   . ARG A 1 31  ? 10.156  -0.154  -1.939  1.00 7.71  ? 825  ARG A N   1 
ATOM   217  C CA  . ARG A 1 31  ? 9.157   0.625   -1.219  1.00 7.42  ? 825  ARG A CA  1 
ATOM   218  C C   . ARG A 1 31  ? 9.070   2.020   -1.831  1.00 7.16  ? 825  ARG A C   1 
ATOM   219  O O   . ARG A 1 31  ? 9.933   2.452   -2.589  1.00 7.98  ? 825  ARG A O   1 
ATOM   220  C CB  . ARG A 1 31  ? 9.422   0.693   0.271   1.00 7.54  ? 825  ARG A CB  1 
ATOM   221  C CG  . ARG A 1 31  ? 10.773  1.302   0.644   1.00 7.81  ? 825  ARG A CG  1 
ATOM   222  C CD  . ARG A 1 31  ? 10.779  1.893   2.039   1.00 7.80  ? 825  ARG A CD  1 
ATOM   223  N NE  . ARG A 1 31  ? 9.973   3.113   2.025   1.00 7.65  ? 825  ARG A NE  1 
ATOM   224  C CZ  . ARG A 1 31  ? 9.751   3.890   3.092   1.00 7.71  ? 825  ARG A CZ  1 
ATOM   225  N NH1 . ARG A 1 31  ? 10.142  3.514   4.276   1.00 8.06  ? 825  ARG A NH1 1 
ATOM   226  N NH2 . ARG A 1 31  ? 9.039   5.009   2.978   1.00 7.95  ? 825  ARG A NH2 1 
ATOM   227  N N   . SER A 1 32  ? 8.015   2.706   -1.464  1.00 6.77  ? 826  SER A N   1 
ATOM   228  C CA  . SER A 1 32  ? 7.776   4.069   -1.864  1.00 6.64  ? 826  SER A CA  1 
ATOM   229  C C   . SER A 1 32  ? 8.754   5.033   -1.182  1.00 6.57  ? 826  SER A C   1 
ATOM   230  O O   . SER A 1 32  ? 9.510   4.675   -0.326  1.00 6.69  ? 826  SER A O   1 
ATOM   231  C CB  . SER A 1 32  ? 6.328   4.435   -1.510  1.00 7.04  ? 826  SER A CB  1 
ATOM   232  O OG  . SER A 1 32  ? 6.080   4.497   -0.106  1.00 7.14  ? 826  SER A OG  1 
ATOM   233  N N   . GLY A 1 33  ? 8.648   6.304   -1.598  1.00 6.62  ? 827  GLY A N   1 
ATOM   234  C CA  . GLY A 1 33  ? 9.245   7.377   -0.843  1.00 6.30  ? 827  GLY A CA  1 
ATOM   235  C C   . GLY A 1 33  ? 8.513   7.559   0.467   1.00 6.33  ? 827  GLY A C   1 
ATOM   236  O O   . GLY A 1 33  ? 7.670   6.722   0.905   1.00 6.53  ? 827  GLY A O   1 
ATOM   237  N N   . TYR A 1 34  ? 8.800   8.665   1.149   1.00 7.15  ? 828  TYR A N   1 
ATOM   238  C CA  . TYR A 1 34  ? 8.187   8.935   2.450   1.00 6.84  ? 828  TYR A CA  1 
ATOM   239  C C   . TYR A 1 34  ? 6.662   8.876   2.356   1.00 6.48  ? 828  TYR A C   1 
ATOM   240  O O   . TYR A 1 34  ? 6.003   8.347   3.291   1.00 7.09  ? 828  TYR A O   1 
ATOM   241  C CB  . TYR A 1 34  ? 8.666   10.314  2.948   1.00 7.52  ? 828  TYR A CB  1 
ATOM   242  C CG  . TYR A 1 34  ? 8.204   10.683  4.341   1.00 7.98  ? 828  TYR A CG  1 
ATOM   243  C CD1 . TYR A 1 34  ? 8.877   10.223  5.424   1.00 7.30  ? 828  TYR A CD1 1 
ATOM   244  C CD2 . TYR A 1 34  ? 7.110   11.481  4.552   1.00 7.74  ? 828  TYR A CD2 1 
ATOM   245  C CE1 . TYR A 1 34  ? 8.484   10.535  6.721   1.00 8.05  ? 828  TYR A CE1 1 
ATOM   246  C CE2 . TYR A 1 34  ? 6.718   11.804  5.848   1.00 8.75  ? 828  TYR A CE2 1 
ATOM   247  C CZ  . TYR A 1 34  ? 7.365   11.296  6.918   1.00 8.04  ? 828  TYR A CZ  1 
ATOM   248  O OH  . TYR A 1 34  ? 6.980   11.600  8.223   1.00 9.72  ? 828  TYR A OH  1 
ATOM   249  N N   . SER A 1 35  ? 6.145   9.403   1.285   1.00 6.69  ? 829  SER A N   1 
ATOM   250  C CA  A SER A 1 35  ? 4.757   9.224   0.878   0.50 6.99  ? 829  SER A CA  1 
ATOM   251  C CA  B SER A 1 35  ? 4.784   9.080   0.920   0.50 7.91  ? 829  SER A CA  1 
ATOM   252  C C   . SER A 1 35  ? 4.764   8.804   -0.575  1.00 7.68  ? 829  SER A C   1 
ATOM   253  O O   . SER A 1 35  ? 5.751   9.073   -1.295  1.00 8.22  ? 829  SER A O   1 
ATOM   254  C CB  A SER A 1 35  ? 3.939   10.474  0.969   0.50 7.11  ? 829  SER A CB  1 
ATOM   255  C CB  B SER A 1 35  ? 3.769   10.106  1.394   0.50 9.94  ? 829  SER A CB  1 
ATOM   256  O OG  A SER A 1 35  ? 4.190   11.189  2.158   0.50 6.93  ? 829  SER A OG  1 
ATOM   257  O OG  B SER A 1 35  ? 3.882   11.353  0.714   0.50 12.39 ? 829  SER A OG  1 
ATOM   258  N N   . LEU A 1 36  ? 3.652   8.205   -1.016  1.00 7.74  ? 830  LEU A N   1 
ATOM   259  C CA  . LEU A 1 36  ? 3.367   7.949   -2.419  1.00 7.35  ? 830  LEU A CA  1 
ATOM   260  C C   . LEU A 1 36  ? 3.398   9.246   -3.207  1.00 7.90  ? 830  LEU A C   1 
ATOM   261  O O   . LEU A 1 36  ? 3.234   10.336  -2.644  1.00 8.51  ? 830  LEU A O   1 
ATOM   262  C CB  . LEU A 1 36  ? 1.974   7.330   -2.476  1.00 7.29  ? 830  LEU A CB  1 
ATOM   263  C CG  . LEU A 1 36  ? 1.904   5.877   -2.034  1.00 7.45  ? 830  LEU A CG  1 
ATOM   264  C CD1 . LEU A 1 36  ? 0.460   5.470   -1.791  1.00 8.00  ? 830  LEU A CD1 1 
ATOM   265  C CD2 . LEU A 1 36  ? 2.561   4.951   -3.057  1.00 8.07  ? 830  LEU A CD2 1 
ATOM   266  N N   . PRO A 1 37  ? 3.568   9.145   -4.520  1.00 8.46  ? 831  PRO A N   1 
ATOM   267  C CA  . PRO A 1 37  ? 3.554   10.348  -5.375  1.00 10.23 ? 831  PRO A CA  1 
ATOM   268  C C   . PRO A 1 37  ? 2.274   11.125  -5.165  1.00 9.22  ? 831  PRO A C   1 
ATOM   269  O O   . PRO A 1 37  ? 1.194   10.596  -4.932  1.00 9.04  ? 831  PRO A O   1 
ATOM   270  C CB  . PRO A 1 37  ? 3.582   9.801   -6.822  1.00 13.07 ? 831  PRO A CB  1 
ATOM   271  C CG  . PRO A 1 37  ? 4.069   8.433   -6.699  1.00 9.87  ? 831  PRO A CG  1 
ATOM   272  C CD  . PRO A 1 37  ? 3.773   7.929   -5.301  1.00 7.96  ? 831  PRO A CD  1 
ATOM   273  N N   . ASP A 1 38  ? 2.388   12.464  -5.384  1.00 10.01 ? 832  ASP A N   1 
ATOM   274  C CA  . ASP A 1 38  ? 1.281   13.352  -5.101  1.00 10.91 ? 832  ASP A CA  1 
ATOM   275  C C   . ASP A 1 38  ? 0.032   13.016  -5.875  1.00 10.36 ? 832  ASP A C   1 
ATOM   276  O O   . ASP A 1 38  ? -1.062  13.234  -5.394  1.00 10.76 ? 832  ASP A O   1 
ATOM   277  C CB  . ASP A 1 38  ? 1.689   14.800  -5.386  1.00 13.03 ? 832  ASP A CB  1 
ATOM   278  C CG  . ASP A 1 38  ? 2.490   15.425  -4.265  1.00 17.37 ? 832  ASP A CG  1 
ATOM   279  O OD1 . ASP A 1 38  ? 2.501   14.917  -3.162  1.00 19.36 ? 832  ASP A OD1 1 
ATOM   280  O OD2 . ASP A 1 38  ? 3.056   16.527  -4.532  1.00 23.94 ? 832  ASP A OD2 1 
ATOM   281  N N   . TRP A 1 39  ? 0.145   12.447  -7.079  1.00 10.41 ? 833  TRP A N   1 
ATOM   282  C CA  . TRP A 1 39  ? -1.058  12.218  -7.841  1.00 11.71 ? 833  TRP A CA  1 
ATOM   283  C C   . TRP A 1 39  ? -1.934  11.101  -7.251  1.00 11.36 ? 833  TRP A C   1 
ATOM   284  O O   . TRP A 1 39  ? -3.124  11.020  -7.538  1.00 12.81 ? 833  TRP A O   1 
ATOM   285  C CB  . TRP A 1 39  ? -0.802  11.913  -9.311  1.00 12.25 ? 833  TRP A CB  1 
ATOM   286  C CG  . TRP A 1 39  ? -0.295  10.519  -9.555  1.00 15.21 ? 833  TRP A CG  1 
ATOM   287  C CD1 . TRP A 1 39  ? 1.023   10.288  -9.600  1.00 13.51 ? 833  TRP A CD1 1 
ATOM   288  C CD2 . TRP A 1 39  ? -0.986  9.266   -9.820  1.00 13.08 ? 833  TRP A CD2 1 
ATOM   289  N NE1 . TRP A 1 39  ? 1.242   8.911   -9.809  1.00 12.60 ? 833  TRP A NE1 1 
ATOM   290  C CE2 . TRP A 1 39  ? 0.026   8.287   -9.966  1.00 14.02 ? 833  TRP A CE2 1 
ATOM   291  C CE3 . TRP A 1 39  ? -2.311  8.931   -9.938  1.00 14.55 ? 833  TRP A CE3 1 
ATOM   292  C CZ2 . TRP A 1 39  ? -0.283  6.933   -10.260 1.00 11.15 ? 833  TRP A CZ2 1 
ATOM   293  C CZ3 . TRP A 1 39  ? -2.613  7.620   -10.214 1.00 15.00 ? 833  TRP A CZ3 1 
ATOM   294  C CH2 . TRP A 1 39  ? -1.613  6.672   -10.357 1.00 15.87 ? 833  TRP A CH2 1 
ATOM   295  N N   . ILE A 1 40  ? -1.354  10.185  -6.459  1.00 9.76  ? 834  ILE A N   1 
ATOM   296  C CA  . ILE A 1 40  ? -2.094  9.043   -5.919  1.00 9.43  ? 834  ILE A CA  1 
ATOM   297  C C   . ILE A 1 40  ? -2.164  9.046   -4.382  1.00 9.23  ? 834  ILE A C   1 
ATOM   298  O O   . ILE A 1 40  ? -2.992  8.329   -3.808  1.00 9.31  ? 834  ILE A O   1 
ATOM   299  C CB  . ILE A 1 40  ? -1.569  7.706   -6.456  1.00 9.21  ? 834  ILE A CB  1 
ATOM   300  C CG1 . ILE A 1 40  ? -2.616  6.602   -6.330  1.00 9.99  ? 834  ILE A CG1 1 
ATOM   301  C CG2 . ILE A 1 40  ? -0.264  7.334   -5.792  1.00 9.77  ? 834  ILE A CG2 1 
ATOM   302  C CD1 . ILE A 1 40  ? -2.259  5.314   -7.031  1.00 11.10 ? 834  ILE A CD1 1 
ATOM   303  N N   . VAL A 1 41  ? -1.319  9.825   -3.697  1.00 8.65  ? 835  VAL A N   1 
ATOM   304  C CA  . VAL A 1 41  ? -1.264  9.728   -2.248  1.00 8.81  ? 835  VAL A CA  1 
ATOM   305  C C   . VAL A 1 41  ? -2.624  10.018  -1.654  1.00 8.11  ? 835  VAL A C   1 
ATOM   306  O O   . VAL A 1 41  ? -3.262  11.022  -1.981  1.00 9.30  ? 835  VAL A O   1 
ATOM   307  C CB  . VAL A 1 41  ? -0.153  10.641  -1.686  1.00 8.12  ? 835  VAL A CB  1 
ATOM   308  C CG1 . VAL A 1 41  ? -0.434  12.130  -1.903  1.00 8.19  ? 835  VAL A CG1 1 
ATOM   309  C CG2 . VAL A 1 41  ? 0.118   10.336  -0.217  1.00 8.12  ? 835  VAL A CG2 1 
ATOM   310  N N   . GLY A 1 42  ? -3.093  9.176   -0.740  1.00 8.15  ? 836  GLY A N   1 
ATOM   311  C CA  . GLY A 1 42  ? -4.365  9.408   -0.092  1.00 9.06  ? 836  GLY A CA  1 
ATOM   312  C C   . GLY A 1 42  ? -5.581  9.314   -0.989  1.00 9.36  ? 836  GLY A C   1 
ATOM   313  O O   . GLY A 1 42  ? -6.661  9.711   -0.526  1.00 10.52 ? 836  GLY A O   1 
ATOM   314  N N   . GLN A 1 43  ? -5.445  8.800   -2.207  1.00 9.20  ? 837  GLN A N   1 
ATOM   315  C CA  . GLN A 1 43  ? -6.560  8.575   -3.100  1.00 9.52  ? 837  GLN A CA  1 
ATOM   316  C C   . GLN A 1 43  ? -7.108  7.153   -2.920  1.00 7.88  ? 837  GLN A C   1 
ATOM   317  O O   . GLN A 1 43  ? -6.386  6.282   -2.450  1.00 8.31  ? 837  GLN A O   1 
ATOM   318  C CB  . GLN A 1 43  ? -6.125  8.757   -4.556  1.00 11.00 ? 837  GLN A CB  1 
ATOM   319  C CG  . GLN A 1 43  ? -5.626  10.167  -4.837  1.00 12.98 ? 837  GLN A CG  1 
ATOM   320  C CD  . GLN A 1 43  ? -6.655  11.266  -4.711  1.00 14.76 ? 837  GLN A CD  1 
ATOM   321  O OE1 . GLN A 1 43  ? -7.857  11.052  -4.854  1.00 15.95 ? 837  GLN A OE1 1 
ATOM   322  N NE2 . GLN A 1 43  ? -6.196  12.497  -4.516  1.00 16.66 ? 837  GLN A NE2 1 
ATOM   323  N N   . GLU A 1 44  ? -8.361  6.939   -3.283  1.00 7.63  ? 838  GLU A N   1 
ATOM   324  C CA  A GLU A 1 44  ? -8.988  5.628   -3.124  0.50 8.29  ? 838  GLU A CA  1 
ATOM   325  C CA  B GLU A 1 44  ? -8.990  5.629   -3.121  0.50 7.62  ? 838  GLU A CA  1 
ATOM   326  C C   . GLU A 1 44  ? -8.433  4.633   -4.128  1.00 7.68  ? 838  GLU A C   1 
ATOM   327  O O   . GLU A 1 44  ? -8.471  4.887   -5.353  1.00 7.92  ? 838  GLU A O   1 
ATOM   328  C CB  A GLU A 1 44  ? -10.475 5.737   -3.379  0.50 11.00 ? 838  GLU A CB  1 
ATOM   329  C CB  B GLU A 1 44  ? -10.477 5.822   -3.325  0.50 9.12  ? 838  GLU A CB  1 
ATOM   330  C CG  A GLU A 1 44  ? -11.298 4.866   -2.514  0.50 15.63 ? 838  GLU A CG  1 
ATOM   331  C CG  B GLU A 1 44  ? -11.326 4.626   -3.127  0.50 11.38 ? 838  GLU A CG  1 
ATOM   332  C CD  A GLU A 1 44  ? -12.617 5.513   -2.134  0.50 19.40 ? 838  GLU A CD  1 
ATOM   333  C CD  B GLU A 1 44  ? -12.814 4.876   -3.384  0.50 11.85 ? 838  GLU A CD  1 
ATOM   334  O OE1 A GLU A 1 44  ? -13.297 4.925   -1.325  0.50 20.92 ? 838  GLU A OE1 1 
ATOM   335  O OE1 B GLU A 1 44  ? -13.198 5.993   -3.784  0.50 12.16 ? 838  GLU A OE1 1 
ATOM   336  O OE2 A GLU A 1 44  ? -12.940 6.583   -2.687  0.50 20.16 ? 838  GLU A OE2 1 
ATOM   337  O OE2 B GLU A 1 44  ? -13.583 3.949   -3.185  0.50 13.09 ? 838  GLU A OE2 1 
ATOM   338  N N   . VAL A 1 45  ? -7.942  3.485   -3.639  1.00 7.03  ? 839  VAL A N   1 
ATOM   339  C CA  . VAL A 1 45  ? -7.306  2.492   -4.474  1.00 6.92  ? 839  VAL A CA  1 
ATOM   340  C C   . VAL A 1 45  ? -7.756  1.089   -4.074  1.00 6.34  ? 839  VAL A C   1 
ATOM   341  O O   . VAL A 1 45  ? -8.311  0.877   -2.987  1.00 7.37  ? 839  VAL A O   1 
ATOM   342  C CB  . VAL A 1 45  ? -5.768  2.559   -4.391  1.00 6.75  ? 839  VAL A CB  1 
ATOM   343  C CG1 . VAL A 1 45  ? -5.240  3.946   -4.744  1.00 7.52  ? 839  VAL A CG1 1 
ATOM   344  C CG2 . VAL A 1 45  ? -5.267  2.138   -3.001  1.00 7.82  ? 839  VAL A CG2 1 
ATOM   345  N N   . TYR A 1 46  ? -7.402  0.145   -4.912  1.00 6.31  ? 840  TYR A N   1 
ATOM   346  C CA  . TYR A 1 46  ? -7.407  -1.268  -4.545  1.00 6.61  ? 840  TYR A CA  1 
ATOM   347  C C   . TYR A 1 46  ? -6.085  -1.871  -4.948  1.00 6.26  ? 840  TYR A C   1 
ATOM   348  O O   . TYR A 1 46  ? -5.382  -1.380  -5.819  1.00 7.06  ? 840  TYR A O   1 
ATOM   349  C CB  . TYR A 1 46  ? -8.588  -2.034  -5.170  1.00 7.05  ? 840  TYR A CB  1 
ATOM   350  C CG  . TYR A 1 46  ? -8.534  -2.245  -6.681  1.00 6.94  ? 840  TYR A CG  1 
ATOM   351  C CD1 . TYR A 1 46  ? -7.884  -3.342  -7.199  1.00 7.48  ? 840  TYR A CD1 1 
ATOM   352  C CD2 . TYR A 1 46  ? -9.071  -1.322  -7.558  1.00 7.11  ? 840  TYR A CD2 1 
ATOM   353  C CE1 . TYR A 1 46  ? -7.804  -3.540  -8.550  1.00 7.72  ? 840  TYR A CE1 1 
ATOM   354  C CE2 . TYR A 1 46  ? -9.034  -1.516  -8.908  1.00 7.61  ? 840  TYR A CE2 1 
ATOM   355  C CZ  . TYR A 1 46  ? -8.379  -2.623  -9.426  1.00 7.87  ? 840  TYR A CZ  1 
ATOM   356  O OH  . TYR A 1 46  ? -8.263  -2.860  -10.777 1.00 8.35  ? 840  TYR A OH  1 
ATOM   357  N N   . VAL A 1 47  ? -5.704  -2.992  -4.294  1.00 7.10  ? 841  VAL A N   1 
ATOM   358  C CA  . VAL A 1 47  ? -4.510  -3.724  -4.628  1.00 6.52  ? 841  VAL A CA  1 
ATOM   359  C C   . VAL A 1 47  ? -4.702  -4.709  -5.769  1.00 6.67  ? 841  VAL A C   1 
ATOM   360  O O   . VAL A 1 47  ? -5.683  -5.469  -5.792  1.00 7.88  ? 841  VAL A O   1 
ATOM   361  C CB  . VAL A 1 47  ? -3.918  -4.406  -3.396  1.00 7.40  ? 841  VAL A CB  1 
ATOM   362  C CG1 . VAL A 1 47  ? -2.891  -5.468  -3.774  1.00 7.50  ? 841  VAL A CG1 1 
ATOM   363  C CG2 . VAL A 1 47  ? -3.305  -3.367  -2.488  1.00 8.19  ? 841  VAL A CG2 1 
ATOM   364  N N   . ASP A 1 48  ? -3.733  -4.759  -6.673  1.00 7.05  ? 842  ASP A N   1 
ATOM   365  C CA  . ASP A 1 48  ? -3.676  -5.746  -7.736  1.00 8.08  ? 842  ASP A CA  1 
ATOM   366  C C   . ASP A 1 48  ? -2.228  -6.229  -7.757  1.00 8.30  ? 842  ASP A C   1 
ATOM   367  O O   . ASP A 1 48  ? -1.321  -5.513  -8.165  1.00 8.60  ? 842  ASP A O   1 
ATOM   368  C CB  . ASP A 1 48  ? -4.136  -5.101  -9.044  1.00 9.55  ? 842  ASP A CB  1 
ATOM   369  C CG  . ASP A 1 48  ? -4.446  -6.065  -10.126 1.00 11.92 ? 842  ASP A CG  1 
ATOM   370  O OD1 . ASP A 1 48  ? -4.117  -7.276  -10.012 1.00 13.12 ? 842  ASP A OD1 1 
ATOM   371  O OD2 . ASP A 1 48  ? -5.042  -5.596  -11.143 1.00 12.98 ? 842  ASP A OD2 1 
ATOM   372  N N   . SER A 1 49  ? -1.996  -7.464  -7.242  1.00 9.27  ? 843  SER A N   1 
ATOM   373  C CA  A SER A 1 49  ? -0.673  -7.994  -6.932  0.50 8.59  ? 843  SER A CA  1 
ATOM   374  C CA  B SER A 1 49  ? -0.620  -7.923  -7.138  0.50 10.52 ? 843  SER A CA  1 
ATOM   375  C C   . SER A 1 49  ? -0.445  -9.317  -7.687  1.00 9.03  ? 843  SER A C   1 
ATOM   376  O O   . SER A 1 49  ? -1.370  -10.141 -7.701  1.00 9.77  ? 843  SER A O   1 
ATOM   377  C CB  A SER A 1 49  ? -0.539  -8.119  -5.433  0.50 7.94  ? 843  SER A CB  1 
ATOM   378  C CB  B SER A 1 49  ? -0.140  -7.875  -5.765  0.50 11.26 ? 843  SER A CB  1 
ATOM   379  O OG  A SER A 1 49  ? 0.838   -8.253  -5.081  0.50 7.42  ? 843  SER A OG  1 
ATOM   380  O OG  B SER A 1 49  ? -0.793  -8.874  -5.023  0.50 16.00 ? 843  SER A OG  1 
ATOM   381  N N   . GLY A 1 50  ? 0.727   -9.523  -8.244  1.00 9.25  ? 844  GLY A N   1 
ATOM   382  C CA  . GLY A 1 50  ? 1.066   -10.764 -8.900  1.00 10.05 ? 844  GLY A CA  1 
ATOM   383  C C   . GLY A 1 50  ? 1.273   -11.906 -7.914  1.00 9.15  ? 844  GLY A C   1 
ATOM   384  O O   . GLY A 1 50  ? 1.288   -11.741 -6.695  1.00 9.19  ? 844  GLY A O   1 
ATOM   385  N N   . ALA A 1 51  ? 1.413   -13.134 -8.463  1.00 10.05 ? 845  ALA A N   1 
ATOM   386  C CA  . ALA A 1 51  ? 1.313   -14.326 -7.649  1.00 10.66 ? 845  ALA A CA  1 
ATOM   387  C C   . ALA A 1 51  ? 2.388   -14.442 -6.573  1.00 10.14 ? 845  ALA A C   1 
ATOM   388  O O   . ALA A 1 51  ? 2.130   -15.148 -5.574  1.00 12.32 ? 845  ALA A O   1 
ATOM   389  C CB  . ALA A 1 51  ? 1.328   -15.574 -8.533  1.00 12.82 ? 845  ALA A CB  1 
ATOM   390  N N   . LYS A 1 52  ? 3.529   -13.877 -6.758  1.00 9.00  ? 846  LYS A N   1 
ATOM   391  C CA  . LYS A 1 52  ? 4.582   -13.959 -5.744  1.00 9.65  ? 846  LYS A CA  1 
ATOM   392  C C   . LYS A 1 52  ? 4.713   -12.731 -4.882  1.00 9.18  ? 846  LYS A C   1 
ATOM   393  O O   . LYS A 1 52  ? 5.614   -12.657 -4.056  1.00 9.85  ? 846  LYS A O   1 
ATOM   394  C CB  . LYS A 1 52  ? 5.947   -14.190 -6.412  1.00 11.42 ? 846  LYS A CB  1 
ATOM   395  C CG  . LYS A 1 52  ? 6.126   -15.564 -7.002  1.00 13.06 ? 846  LYS A CG  1 
ATOM   396  C CD  . LYS A 1 52  ? 7.518   -15.772 -7.645  1.00 12.95 ? 846  LYS A CD  1 
ATOM   397  C CE  . LYS A 1 52  ? 7.595   -17.177 -8.114  1.00 14.02 ? 846  LYS A CE  1 
ATOM   398  N NZ  . LYS A 1 52  ? 8.816   -17.318 -8.882  1.00 12.75 ? 846  LYS A NZ  1 
ATOM   399  N N   . ALA A 1 53  ? 3.837   -11.727 -5.085  1.00 8.40  ? 847  ALA A N   1 
ATOM   400  C CA  . ALA A 1 53  ? 3.994   -10.417 -4.457  1.00 8.08  ? 847  ALA A CA  1 
ATOM   401  C C   . ALA A 1 53  ? 2.943   -10.182 -3.412  1.00 8.11  ? 847  ALA A C   1 
ATOM   402  O O   . ALA A 1 53  ? 1.791   -10.545 -3.567  1.00 11.43 ? 847  ALA A O   1 
ATOM   403  C CB  . ALA A 1 53  ? 3.949   -9.374  -5.533  1.00 8.49  ? 847  ALA A CB  1 
ATOM   404  N N   . LYS A 1 54  ? 3.312   -9.465  -2.383  1.00 7.97  ? 848  LYS A N   1 
ATOM   405  C CA  . LYS A 1 54  ? 2.437   -9.006  -1.325  1.00 7.83  ? 848  LYS A CA  1 
ATOM   406  C C   . LYS A 1 54  ? 2.652   -7.501  -1.168  1.00 7.14  ? 848  LYS A C   1 
ATOM   407  O O   . LYS A 1 54  ? 3.761   -7.056  -1.078  1.00 7.81  ? 848  LYS A O   1 
ATOM   408  C CB  . LYS A 1 54  ? 2.743   -9.769  -0.030  1.00 9.06  ? 848  LYS A CB  1 
ATOM   409  C CG  . LYS A 1 54  ? 2.153   -9.149  1.240   1.00 11.27 ? 848  LYS A CG  1 
ATOM   410  C CD  . LYS A 1 54  ? 2.781   -9.780  2.528   1.00 13.16 ? 848  LYS A CD  1 
ATOM   411  C CE  . LYS A 1 54  ? 2.284   -11.181 2.667   1.00 12.74 ? 848  LYS A CE  1 
ATOM   412  N NZ  . LYS A 1 54  ? 2.729   -11.803 3.911   1.00 9.31  ? 848  LYS A NZ  1 
ATOM   413  N N   . VAL A 1 55  ? 1.555   -6.773  -1.130  1.00 7.41  ? 849  VAL A N   1 
ATOM   414  C CA  . VAL A 1 55  ? 1.615   -5.323  -0.949  1.00 6.87  ? 849  VAL A CA  1 
ATOM   415  C C   . VAL A 1 55  ? 1.348   -4.979  0.508   1.00 6.39  ? 849  VAL A C   1 
ATOM   416  O O   . VAL A 1 55  ? 0.335   -5.385  1.073   1.00 7.46  ? 849  VAL A O   1 
ATOM   417  C CB  . VAL A 1 55  ? 0.597   -4.609  -1.858  1.00 6.54  ? 849  VAL A CB  1 
ATOM   418  C CG1 . VAL A 1 55  ? 0.653   -3.097  -1.628  1.00 7.12  ? 849  VAL A CG1 1 
ATOM   419  C CG2 . VAL A 1 55  ? 0.861   -4.939  -3.302  1.00 7.60  ? 849  VAL A CG2 1 
ATOM   420  N N   . LEU A 1 56  ? 2.304   -4.275  1.104   1.00 6.19  ? 850  LEU A N   1 
ATOM   421  C CA  . LEU A 1 56  ? 2.167   -3.703  2.430   1.00 6.21  ? 850  LEU A CA  1 
ATOM   422  C C   . LEU A 1 56  ? 1.776   -2.232  2.270   1.00 6.03  ? 850  LEU A C   1 
ATOM   423  O O   . LEU A 1 56  ? 2.478   -1.481  1.547   1.00 6.60  ? 850  LEU A O   1 
ATOM   424  C CB  . LEU A 1 56  ? 3.478   -3.765  3.200   1.00 6.73  ? 850  LEU A CB  1 
ATOM   425  C CG  . LEU A 1 56  ? 4.137   -5.129  3.405   1.00 10.44 ? 850  LEU A CG  1 
ATOM   426  C CD1 . LEU A 1 56  ? 5.359   -5.081  4.271   1.00 11.27 ? 850  LEU A CD1 1 
ATOM   427  C CD2 . LEU A 1 56  ? 3.190   -6.126  3.922   1.00 12.73 ? 850  LEU A CD2 1 
ATOM   428  N N   . LEU A 1 57  ? 0.697   -1.803  2.907   1.00 5.69  ? 851  LEU A N   1 
ATOM   429  C CA  . LEU A 1 57  ? 0.265   -0.421  2.854   1.00 5.95  ? 851  LEU A CA  1 
ATOM   430  C C   . LEU A 1 57  ? 0.196   0.146   4.244   1.00 5.61  ? 851  LEU A C   1 
ATOM   431  O O   . LEU A 1 57  ? -0.086  -0.579  5.219   1.00 5.97  ? 851  LEU A O   1 
ATOM   432  C CB  . LEU A 1 57  ? -1.101  -0.275  2.202   1.00 5.86  ? 851  LEU A CB  1 
ATOM   433  C CG  . LEU A 1 57  ? -1.200  -0.684  0.742   1.00 6.53  ? 851  LEU A CG  1 
ATOM   434  C CD1 . LEU A 1 57  ? -2.634  -0.628  0.262   1.00 7.28  ? 851  LEU A CD1 1 
ATOM   435  C CD2 . LEU A 1 57  ? -0.293  0.136   -0.131  1.00 6.95  ? 851  LEU A CD2 1 
ATOM   436  N N   . SER A 1 58  ? 0.384   1.473   4.360   1.00 5.55  ? 852  SER A N   1 
ATOM   437  C CA  . SER A 1 58  ? -0.006  2.204   5.543   1.00 5.83  ? 852  SER A CA  1 
ATOM   438  C C   . SER A 1 58  ? -0.926  3.352   5.158   1.00 5.97  ? 852  SER A C   1 
ATOM   439  O O   . SER A 1 58  ? -0.761  3.953   4.084   1.00 6.37  ? 852  SER A O   1 
ATOM   440  C CB  . SER A 1 58  ? 1.191   2.715   6.330   1.00 6.29  ? 852  SER A CB  1 
ATOM   441  O OG  . SER A 1 58  ? 0.794   3.345   7.522   1.00 6.76  ? 852  SER A OG  1 
ATOM   442  N N   . ASP A 1 59  ? -1.829  3.716   6.070   1.00 6.00  ? 853  ASP A N   1 
ATOM   443  C CA  . ASP A 1 59  ? -2.603  4.937   5.963   1.00 6.60  ? 853  ASP A CA  1 
ATOM   444  C C   . ASP A 1 59  ? -1.783  6.162   6.384   1.00 6.37  ? 853  ASP A C   1 
ATOM   445  O O   . ASP A 1 59  ? -2.226  7.286   6.117   1.00 7.39  ? 853  ASP A O   1 
ATOM   446  C CB  . ASP A 1 59  ? -3.891  4.859   6.780   1.00 7.00  ? 853  ASP A CB  1 
ATOM   447  C CG  . ASP A 1 59  ? -3.680  4.620   8.260   1.00 6.88  ? 853  ASP A CG  1 
ATOM   448  O OD1 . ASP A 1 59  ? -2.694  4.076   8.687   1.00 7.26  ? 853  ASP A OD1 1 
ATOM   449  O OD2 . ASP A 1 59  ? -4.661  5.021   9.009   1.00 8.27  ? 853  ASP A OD2 1 
ATOM   450  N N   . TRP A 1 60  ? -0.658  5.951   7.045   1.00 6.16  ? 854  TRP A N   1 
ATOM   451  C CA  . TRP A 1 60  ? 0.231   7.048   7.419   1.00 6.30  ? 854  TRP A CA  1 
ATOM   452  C C   . TRP A 1 60  ? 1.440   7.047   6.497   1.00 6.15  ? 854  TRP A C   1 
ATOM   453  O O   . TRP A 1 60  ? 1.687   6.123   5.715   1.00 6.76  ? 854  TRP A O   1 
ATOM   454  C CB  . TRP A 1 60  ? 0.676   6.894   8.879   1.00 6.44  ? 854  TRP A CB  1 
ATOM   455  C CG  . TRP A 1 60  ? -0.394  7.182   9.888   1.00 6.72  ? 854  TRP A CG  1 
ATOM   456  C CD1 . TRP A 1 60  ? -1.728  7.411   9.701   1.00 6.95  ? 854  TRP A CD1 1 
ATOM   457  C CD2 . TRP A 1 60  ? -0.160  7.244   11.297  1.00 6.35  ? 854  TRP A CD2 1 
ATOM   458  N NE1 . TRP A 1 60  ? -2.345  7.652   10.897  1.00 7.06  ? 854  TRP A NE1 1 
ATOM   459  C CE2 . TRP A 1 60  ? -1.420  7.544   11.891  1.00 7.10  ? 854  TRP A CE2 1 
ATOM   460  C CE3 . TRP A 1 60  ? 0.961   7.085   12.095  1.00 7.26  ? 854  TRP A CE3 1 
ATOM   461  C CZ2 . TRP A 1 60  ? -1.560  7.671   13.277  1.00 7.42  ? 854  TRP A CZ2 1 
ATOM   462  C CZ3 . TRP A 1 60  ? 0.810   7.204   13.463  1.00 7.85  ? 854  TRP A CZ3 1 
ATOM   463  C CH2 . TRP A 1 60  ? -0.424  7.494   14.030  1.00 7.82  ? 854  TRP A CH2 1 
ATOM   464  N N   . ASP A 1 61  ? 2.214   8.128   6.556   1.00 6.79  ? 855  ASP A N   1 
ATOM   465  C CA  . ASP A 1 61  ? 3.476   8.213   5.873   1.00 6.54  ? 855  ASP A CA  1 
ATOM   466  C C   . ASP A 1 61  ? 4.459   7.184   6.433   1.00 6.37  ? 855  ASP A C   1 
ATOM   467  O O   . ASP A 1 61  ? 4.416   6.757   7.564   1.00 6.66  ? 855  ASP A O   1 
ATOM   468  C CB  . ASP A 1 61  ? 4.071   9.607   6.050   1.00 6.93  ? 855  ASP A CB  1 
ATOM   469  C CG  . ASP A 1 61  ? 3.245   10.688  5.411   1.00 7.27  ? 855  ASP A CG  1 
ATOM   470  O OD1 . ASP A 1 61  ? 2.596   10.446  4.392   1.00 9.33  ? 855  ASP A OD1 1 
ATOM   471  O OD2 . ASP A 1 61  ? 3.277   11.837  5.986   1.00 8.67  ? 855  ASP A OD2 1 
ATOM   472  N N   . ASN A 1 62  ? 5.403   6.806   5.552   1.00 6.78  ? 856  ASN A N   1 
ATOM   473  C CA  . ASN A 1 62  ? 6.604   6.079   5.916   1.00 6.59  ? 856  ASN A CA  1 
ATOM   474  C C   . ASN A 1 62  ? 6.332   4.726   6.572   1.00 5.78  ? 856  ASN A C   1 
ATOM   475  O O   . ASN A 1 62  ? 7.123   4.282   7.390   1.00 6.86  ? 856  ASN A O   1 
ATOM   476  C CB  . ASN A 1 62  ? 7.577   6.898   6.790   1.00 7.16  ? 856  ASN A CB  1 
ATOM   477  C CG  . ASN A 1 62  ? 8.964   6.342   6.687   1.00 7.12  ? 856  ASN A CG  1 
ATOM   478  O OD1 . ASN A 1 62  ? 9.409   5.964   5.587   1.00 7.40  ? 856  ASN A OD1 1 
ATOM   479  N ND2 . ASN A 1 62  ? 9.693   6.320   7.782   1.00 8.00  ? 856  ASN A ND2 1 
ATOM   480  N N   . LEU A 1 63  ? 5.257   4.024   6.163   1.00 5.94  ? 857  LEU A N   1 
ATOM   481  C CA  . LEU A 1 63  ? 5.104   2.624   6.554   1.00 5.80  ? 857  LEU A CA  1 
ATOM   482  C C   . LEU A 1 63  ? 5.304   2.446   8.054   1.00 5.48  ? 857  LEU A C   1 
ATOM   483  O O   . LEU A 1 63  ? 6.035   1.588   8.514   1.00 6.53  ? 857  LEU A O   1 
ATOM   484  C CB  . LEU A 1 63  ? 6.038   1.729   5.744   1.00 5.98  ? 857  LEU A CB  1 
ATOM   485  C CG  . LEU A 1 63  ? 5.661   1.664   4.269   1.00 6.45  ? 857  LEU A CG  1 
ATOM   486  C CD1 . LEU A 1 63  ? 6.859   1.315   3.422   1.00 7.07  ? 857  LEU A CD1 1 
ATOM   487  C CD2 . LEU A 1 63  ? 4.530   0.651   4.024   1.00 7.14  ? 857  LEU A CD2 1 
ATOM   488  N N   . SER A 1 64  ? 4.626   3.299   8.836   1.00 6.14  ? 858  SER A N   1 
ATOM   489  C CA  . SER A 1 64  ? 5.063   3.617   10.191  1.00 6.54  ? 858  SER A CA  1 
ATOM   490  C C   . SER A 1 64  ? 4.166   3.038   11.284  1.00 6.38  ? 858  SER A C   1 
ATOM   491  O O   . SER A 1 64  ? 2.979   2.776   11.119  1.00 6.60  ? 858  SER A O   1 
ATOM   492  C CB  . SER A 1 64  ? 5.203   5.125   10.327  1.00 7.02  ? 858  SER A CB  1 
ATOM   493  O OG  . SER A 1 64  ? 3.971   5.801   10.091  1.00 7.29  ? 858  SER A OG  1 
ATOM   494  N N   . TYR A 1 65  ? 4.797   2.911   12.457  1.00 7.10  ? 859  TYR A N   1 
ATOM   495  C CA  . TYR A 1 65  ? 4.116   2.570   13.695  1.00 6.79  ? 859  TYR A CA  1 
ATOM   496  C C   . TYR A 1 65  ? 3.346   1.264   13.592  1.00 6.76  ? 859  TYR A C   1 
ATOM   497  O O   . TYR A 1 65  ? 2.338   1.084   14.308  1.00 7.56  ? 859  TYR A O   1 
ATOM   498  C CB  . TYR A 1 65  ? 3.238   3.718   14.213  1.00 7.31  ? 859  TYR A CB  1 
ATOM   499  C CG  . TYR A 1 65  ? 4.032   5.003   14.389  1.00 7.54  ? 859  TYR A CG  1 
ATOM   500  C CD1 . TYR A 1 65  ? 4.816   5.230   15.525  1.00 7.89  ? 859  TYR A CD1 1 
ATOM   501  C CD2 . TYR A 1 65  ? 4.066   5.946   13.394  1.00 7.59  ? 859  TYR A CD2 1 
ATOM   502  C CE1 . TYR A 1 65  ? 5.603   6.350   15.633  1.00 8.21  ? 859  TYR A CE1 1 
ATOM   503  C CE2 . TYR A 1 65  ? 4.849   7.084   13.486  1.00 7.51  ? 859  TYR A CE2 1 
ATOM   504  C CZ  . TYR A 1 65  ? 5.610   7.289   14.637  1.00 7.67  ? 859  TYR A CZ  1 
ATOM   505  O OH  . TYR A 1 65  ? 6.404   8.406   14.670  1.00 8.60  ? 859  TYR A OH  1 
ATOM   506  N N   . ASN A 1 66  ? 3.811   0.337   12.803  1.00 6.81  ? 860  ASN A N   1 
ATOM   507  C CA  . ASN A 1 66  ? 3.138   -0.934  12.609  1.00 6.80  ? 860  ASN A CA  1 
ATOM   508  C C   . ASN A 1 66  ? 1.712   -0.760  12.100  1.00 6.47  ? 860  ASN A C   1 
ATOM   509  O O   . ASN A 1 66  ? 0.896   -1.702  12.174  1.00 6.96  ? 860  ASN A O   1 
ATOM   510  C CB  . ASN A 1 66  ? 3.167   -1.767  13.886  1.00 8.32  ? 860  ASN A CB  1 
ATOM   511  C CG  . ASN A 1 66  ? 4.548   -2.278  14.197  1.00 10.18 ? 860  ASN A CG  1 
ATOM   512  O OD1 . ASN A 1 66  ? 5.433   -2.287  13.395  1.00 11.28 ? 860  ASN A OD1 1 
ATOM   513  N ND2 . ASN A 1 66  ? 4.782   -2.731  15.424  1.00 12.35 ? 860  ASN A ND2 1 
ATOM   514  N N   . ARG A 1 67  ? 1.405   0.377   11.478  1.00 6.00  ? 861  ARG A N   1 
ATOM   515  C CA  . ARG A 1 67  ? 0.123   0.603   10.838  1.00 6.10  ? 861  ARG A CA  1 
ATOM   516  C C   . ARG A 1 67  ? 0.184   0.048   9.410   1.00 5.80  ? 861  ARG A C   1 
ATOM   517  O O   . ARG A 1 67  ? 0.176   0.790   8.427   1.00 6.51  ? 861  ARG A O   1 
ATOM   518  C CB  . ARG A 1 67  ? -0.230  2.067   10.857  1.00 6.41  ? 861  ARG A CB  1 
ATOM   519  C CG  . ARG A 1 67  ? -0.437  2.652   12.245  1.00 6.96  ? 861  ARG A CG  1 
ATOM   520  C CD  . ARG A 1 67  ? -0.786  4.124   12.180  1.00 7.45  ? 861  ARG A CD  1 
ATOM   521  N NE  . ARG A 1 67  ? -2.104  4.353   11.625  1.00 7.15  ? 861  ARG A NE  1 
ATOM   522  C CZ  . ARG A 1 67  ? -3.208  4.521   12.349  1.00 7.53  ? 861  ARG A CZ  1 
ATOM   523  N NH1 . ARG A 1 67  ? -4.337  4.809   11.782  1.00 7.99  ? 861  ARG A NH1 1 
ATOM   524  N NH2 . ARG A 1 67  ? -3.167  4.419   13.672  1.00 9.39  ? 861  ARG A NH2 1 
ATOM   525  N N   . ILE A 1 68  ? 0.297   -1.277  9.332   1.00 5.94  ? 862  ILE A N   1 
ATOM   526  C CA  A ILE A 1 68  ? 0.635   -1.994  8.120   0.50 6.49  ? 862  ILE A CA  1 
ATOM   527  C CA  B ILE A 1 68  ? 0.644   -1.994  8.111   0.50 5.19  ? 862  ILE A CA  1 
ATOM   528  C C   . ILE A 1 68  ? -0.433  -3.037  7.862   1.00 5.84  ? 862  ILE A C   1 
ATOM   529  O O   . ILE A 1 68  ? -0.699  -3.874  8.727   1.00 6.28  ? 862  ILE A O   1 
ATOM   530  C CB  A ILE A 1 68  ? 2.008   -2.647  8.305   0.50 8.44  ? 862  ILE A CB  1 
ATOM   531  C CB  B ILE A 1 68  ? 2.004   -2.717  8.177   0.50 4.85  ? 862  ILE A CB  1 
ATOM   532  C CG1 A ILE A 1 68  ? 3.045   -1.535  8.437   0.50 10.92 ? 862  ILE A CG1 1 
ATOM   533  C CG1 B ILE A 1 68  ? 3.165   -1.768  8.506   0.50 4.21  ? 862  ILE A CG1 1 
ATOM   534  C CG2 A ILE A 1 68  ? 2.327   -3.619  7.182   0.50 8.26  ? 862  ILE A CG2 1 
ATOM   535  C CG2 B ILE A 1 68  ? 2.227   -3.471  6.859   0.50 5.07  ? 862  ILE A CG2 1 
ATOM   536  C CD1 A ILE A 1 68  ? 4.375   -2.025  8.759   0.50 15.19 ? 862  ILE A CD1 1 
ATOM   537  C CD1 B ILE A 1 68  ? 3.431   -0.736  7.350   0.50 3.63  ? 862  ILE A CD1 1 
ATOM   538  N N   . GLY A 1 69  ? -1.039  -2.971  6.681   1.00 5.85  ? 863  GLY A N   1 
ATOM   539  C CA  . GLY A 1 69  ? -1.980  -3.956  6.209   1.00 6.07  ? 863  GLY A CA  1 
ATOM   540  C C   . GLY A 1 69  ? -1.368  -4.696  5.037   1.00 6.06  ? 863  GLY A C   1 
ATOM   541  O O   . GLY A 1 69  ? -0.587  -4.122  4.255   1.00 6.83  ? 863  GLY A O   1 
ATOM   542  N N   . GLU A 1 70  ? -1.683  -5.999  4.917   1.00 6.17  ? 864  GLU A N   1 
ATOM   543  C CA  . GLU A 1 70  ? -1.091  -6.854  3.910   1.00 6.50  ? 864  GLU A CA  1 
ATOM   544  C C   . GLU A 1 70  ? -2.165  -7.290  2.921   1.00 6.42  ? 864  GLU A C   1 
ATOM   545  O O   . GLU A 1 70  ? -3.240  -7.720  3.317   1.00 7.27  ? 864  GLU A O   1 
ATOM   546  C CB  . GLU A 1 70  ? -0.482  -8.089  4.547   1.00 7.07  ? 864  GLU A CB  1 
ATOM   547  C CG  . GLU A 1 70  ? 0.523   -7.787  5.633   1.00 9.06  ? 864  GLU A CG  1 
ATOM   548  C CD  . GLU A 1 70  ? 1.468   -8.927  5.971   1.00 10.51 ? 864  GLU A CD  1 
ATOM   549  O OE1 . GLU A 1 70  ? 1.217   -10.118 5.573   1.00 11.31 ? 864  GLU A OE1 1 
ATOM   550  O OE2 . GLU A 1 70  ? 2.464   -8.594  6.695   1.00 12.62 ? 864  GLU A OE2 1 
ATOM   551  N N   . PHE A 1 71  ? -1.786  -7.258  1.636   1.00 6.53  ? 865  PHE A N   1 
ATOM   552  C CA  . PHE A 1 71  ? -2.721  -7.517  0.569   1.00 6.88  ? 865  PHE A CA  1 
ATOM   553  C C   . PHE A 1 71  ? -2.048  -8.381  -0.513  1.00 7.33  ? 865  PHE A C   1 
ATOM   554  O O   . PHE A 1 71  ? -0.960  -8.117  -0.956  1.00 7.99  ? 865  PHE A O   1 
ATOM   555  C CB  . PHE A 1 71  ? -3.136  -6.174  -0.069  1.00 7.54  ? 865  PHE A CB  1 
ATOM   556  C CG  . PHE A 1 71  ? -3.856  -5.301  0.928   1.00 7.01  ? 865  PHE A CG  1 
ATOM   557  C CD1 . PHE A 1 71  ? -5.195  -5.485  1.189   1.00 7.09  ? 865  PHE A CD1 1 
ATOM   558  C CD2 . PHE A 1 71  ? -3.167  -4.349  1.664   1.00 7.00  ? 865  PHE A CD2 1 
ATOM   559  C CE1 . PHE A 1 71  ? -5.850  -4.699  2.135   1.00 7.45  ? 865  PHE A CE1 1 
ATOM   560  C CE2 . PHE A 1 71  ? -3.823  -3.598  2.611   1.00 7.60  ? 865  PHE A CE2 1 
ATOM   561  C CZ  . PHE A 1 71  ? -5.146  -3.778  2.841   1.00 7.94  ? 865  PHE A CZ  1 
ATOM   562  N N   . VAL A 1 72  ? -2.816  -9.385  -0.949  1.00 7.85  ? 866  VAL A N   1 
ATOM   563  C CA  . VAL A 1 72  ? -2.403  -10.285 -2.027  1.00 8.86  ? 866  VAL A CA  1 
ATOM   564  C C   . VAL A 1 72  ? -3.516  -10.421 -3.046  1.00 9.25  ? 866  VAL A C   1 
ATOM   565  O O   . VAL A 1 72  ? -4.645  -10.229 -2.796  1.00 10.11 ? 866  VAL A O   1 
ATOM   566  C CB  . VAL A 1 72  ? -1.992  -11.674 -1.479  1.00 10.70 ? 866  VAL A CB  1 
ATOM   567  C CG1 . VAL A 1 72  ? -0.757  -11.548 -0.619  1.00 11.62 ? 866  VAL A CG1 1 
ATOM   568  C CG2 . VAL A 1 72  ? -3.140  -12.353 -0.739  1.00 11.24 ? 866  VAL A CG2 1 
ATOM   569  N N   . GLY A 1 73  ? -3.068  -10.779 -4.270  1.00 10.14 ? 867  GLY A N   1 
ATOM   570  C CA  . GLY A 1 73  ? -4.016  -11.023 -5.354  1.00 11.01 ? 867  GLY A CA  1 
ATOM   571  C C   . GLY A 1 73  ? -4.702  -9.739  -5.812  1.00 10.35 ? 867  GLY A C   1 
ATOM   572  O O   . GLY A 1 73  ? -4.140  -8.616  -5.747  1.00 11.02 ? 867  GLY A O   1 
ATOM   573  N N   . ASN A 1 74  ? -5.912  -9.897  -6.270  1.00 10.50 ? 868  ASN A N   1 
ATOM   574  C CA  . ASN A 1 74  ? -6.707  -8.823  -6.834  1.00 11.06 ? 868  ASN A CA  1 
ATOM   575  C C   . ASN A 1 74  ? -7.777  -8.500  -5.829  1.00 11.66 ? 868  ASN A C   1 
ATOM   576  O O   . ASN A 1 74  ? -8.548  -9.442  -5.530  1.00 15.65 ? 868  ASN A O   1 
ATOM   577  C CB  . ASN A 1 74  ? -7.293  -9.232  -8.195  1.00 13.56 ? 868  ASN A CB  1 
ATOM   578  C CG  . ASN A 1 74  ? -8.064  -8.171  -8.967  1.00 17.38 ? 868  ASN A CG  1 
ATOM   579  O OD1 . ASN A 1 74  ? -8.082  -6.979  -8.645  1.00 20.58 ? 868  ASN A OD1 1 
ATOM   580  N ND2 . ASN A 1 74  ? -8.858  -8.616  -9.920  1.00 23.70 ? 868  ASN A ND2 1 
ATOM   581  N N   . VAL A 1 75  ? -7.683  -7.372  -5.141  1.00 9.63  ? 869  VAL A N   1 
ATOM   582  C CA  . VAL A 1 75  ? -8.478  -7.104  -3.974  1.00 9.48  ? 869  VAL A CA  1 
ATOM   583  C C   . VAL A 1 75  ? -9.647  -6.213  -4.345  1.00 9.20  ? 869  VAL A C   1 
ATOM   584  O O   . VAL A 1 75  ? -9.511  -5.173  -5.047  1.00 9.71  ? 869  VAL A O   1 
ATOM   585  C CB  . VAL A 1 75  ? -7.612  -6.462  -2.889  1.00 10.16 ? 869  VAL A CB  1 
ATOM   586  C CG1 . VAL A 1 75  ? -8.403  -6.181  -1.654  1.00 10.20 ? 869  VAL A CG1 1 
ATOM   587  C CG2 . VAL A 1 75  ? -6.417  -7.341  -2.570  1.00 10.58 ? 869  VAL A CG2 1 
ATOM   588  N N   . ASN A 1 76  ? -10.836 -6.556  -3.860  1.00 10.07 ? 870  ASN A N   1 
ATOM   589  C CA  . ASN A 1 76  ? -12.016 -5.756  -4.041  1.00 10.39 ? 870  ASN A CA  1 
ATOM   590  C C   . ASN A 1 76  ? -11.841 -4.423  -3.310  1.00 10.46 ? 870  ASN A C   1 
ATOM   591  O O   . ASN A 1 76  ? -11.296 -4.424  -2.173  1.00 10.12 ? 870  ASN A O   1 
ATOM   592  C CB  . ASN A 1 76  ? -13.174 -6.586  -3.452  1.00 12.53 ? 870  ASN A CB  1 
ATOM   593  C CG  . ASN A 1 76  ? -14.522 -5.975  -3.605  1.00 12.82 ? 870  ASN A CG  1 
ATOM   594  O OD1 . ASN A 1 76  ? -14.832 -4.936  -3.047  1.00 15.83 ? 870  ASN A OD1 1 
ATOM   595  N ND2 . ASN A 1 76  ? -15.426 -6.635  -4.314  1.00 15.54 ? 870  ASN A ND2 1 
ATOM   596  N N   . PRO A 1 77  ? -12.263 -3.267  -3.839  1.00 9.56  ? 871  PRO A N   1 
ATOM   597  C CA  . PRO A 1 77  ? -12.055 -2.012  -3.123  1.00 9.50  ? 871  PRO A CA  1 
ATOM   598  C C   . PRO A 1 77  ? -12.567 -2.013  -1.689  1.00 9.41  ? 871  PRO A C   1 
ATOM   599  O O   . PRO A 1 77  ? -11.961 -1.406  -0.801  1.00 9.35  ? 871  PRO A O   1 
ATOM   600  C CB  . PRO A 1 77  ? -12.783 -0.984  -4.010  1.00 9.87  ? 871  PRO A CB  1 
ATOM   601  C CG  . PRO A 1 77  ? -12.649 -1.557  -5.393  1.00 10.42 ? 871  PRO A CG  1 
ATOM   602  C CD  . PRO A 1 77  ? -12.819 -3.020  -5.203  1.00 9.96  ? 871  PRO A CD  1 
ATOM   603  N N   . ALA A 1 78  ? -13.722 -2.664  -1.429  1.00 10.06 ? 872  ALA A N   1 
ATOM   604  C CA  . ALA A 1 78  ? -14.297 -2.680  -0.095  1.00 11.15 ? 872  ALA A CA  1 
ATOM   605  C C   . ALA A 1 78  ? -13.434 -3.484  0.842   1.00 12.56 ? 872  ALA A C   1 
ATOM   606  O O   . ALA A 1 78  ? -13.541 -3.197  2.074   1.00 17.09 ? 872  ALA A O   1 
ATOM   607  C CB  . ALA A 1 78  ? -15.696 -3.278  -0.166  1.00 14.91 ? 872  ALA A CB  1 
ATOM   608  N N   . ASP A 1 79  ? -12.582 -4.375  0.396   1.00 10.20 ? 873  ASP A N   1 
ATOM   609  C CA  . ASP A 1 79  ? -11.718 -5.147  1.250   1.00 11.34 ? 873  ASP A CA  1 
ATOM   610  C C   . ASP A 1 79  ? -10.411 -4.458  1.602   1.00 9.67  ? 873  ASP A C   1 
ATOM   611  O O   . ASP A 1 79  ? -9.577  -5.021  2.233   1.00 10.32 ? 873  ASP A O   1 
ATOM   612  C CB  . ASP A 1 79  ? -11.400 -6.511  0.609   1.00 13.04 ? 873  ASP A CB  1 
ATOM   613  C CG  . ASP A 1 79  ? -12.536 -7.516  0.597   1.00 17.07 ? 873  ASP A CG  1 
ATOM   614  O OD1 . ASP A 1 79  ? -13.652 -7.183  1.139   1.00 20.56 ? 873  ASP A OD1 1 
ATOM   615  O OD2 . ASP A 1 79  ? -12.360 -8.516  -0.207  1.00 18.41 ? 873  ASP A OD2 1 
ATOM   616  N N   . MET A 1 80  ? -10.293 -3.179  1.212   1.00 8.84  ? 874  MET A N   1 
ATOM   617  C CA  . MET A 1 80  ? -9.208  -2.351  1.675   1.00 7.56  ? 874  MET A CA  1 
ATOM   618  C C   . MET A 1 80  ? -9.491  -1.730  3.024   1.00 7.74  ? 874  MET A C   1 
ATOM   619  O O   . MET A 1 80  ? -8.564  -1.112  3.570   1.00 8.55  ? 874  MET A O   1 
ATOM   620  C CB  . MET A 1 80  ? -8.932  -1.254  0.644   1.00 8.22  ? 874  MET A CB  1 
ATOM   621  C CG  . MET A 1 80  ? -8.642  -1.728  -0.751  1.00 8.54  ? 874  MET A CG  1 
ATOM   622  S SD  . MET A 1 80  ? -7.182  -2.849  -0.858  1.00 8.21  ? 874  MET A SD  1 
ATOM   623  C CE  . MET A 1 80  ? -5.885  -1.827  -0.185  1.00 9.52  ? 874  MET A CE  1 
ATOM   624  N N   . LYS A 1 81  ? -10.702 -1.812  3.520   1.00 8.30  ? 875  LYS A N   1 
ATOM   625  C CA  . LYS A 1 81  ? -11.155 -1.176  4.726   1.00 9.38  ? 875  LYS A CA  1 
ATOM   626  C C   . LYS A 1 81  ? -11.325 -2.231  5.840   1.00 8.32  ? 875  LYS A C   1 
ATOM   627  O O   . LYS A 1 81  ? -11.627 -3.388  5.531   1.00 9.74  ? 875  LYS A O   1 
ATOM   628  C CB  . LYS A 1 81  ? -12.488 -0.481  4.461   1.00 10.39 ? 875  LYS A CB  1 
ATOM   629  C CG  . LYS A 1 81  ? -12.485 0.528   3.342   1.00 12.52 ? 875  LYS A CG  1 
ATOM   630  C CD  . LYS A 1 81  ? -13.758 1.407   3.375   1.00 16.99 ? 875  LYS A CD  1 
ATOM   631  C CE  . LYS A 1 81  ? -13.744 2.428   2.270   1.00 18.90 ? 875  LYS A CE  1 
ATOM   632  N NZ  . LYS A 1 81  ? -14.858 3.383   2.391   1.00 21.74 ? 875  LYS A NZ  1 
ATOM   633  N N   . LYS A 1 82  ? -11.183 -1.815  7.065   1.00 7.68  ? 876  LYS A N   1 
ATOM   634  C CA  . LYS A 1 82  ? -11.411 -2.659  8.206   1.00 7.48  ? 876  LYS A CA  1 
ATOM   635  C C   . LYS A 1 82  ? -10.470 -3.848  8.249   1.00 6.49  ? 876  LYS A C   1 
ATOM   636  O O   . LYS A 1 82  ? -10.855 -4.966  8.635   1.00 6.97  ? 876  LYS A O   1 
ATOM   637  C CB  . LYS A 1 82  ? -12.875 -3.108  8.286   1.00 10.13 ? 876  LYS A CB  1 
ATOM   638  C CG  . LYS A 1 82  ? -13.909 -2.189  7.637   1.00 15.10 ? 876  LYS A CG  1 
ATOM   639  C CD  . LYS A 1 82  ? -15.287 -2.665  7.918   1.00 18.03 ? 876  LYS A CD  1 
ATOM   640  C CE  . LYS A 1 82  ? -15.366 -2.214  9.331   1.00 17.41 ? 876  LYS A CE  1 
ATOM   641  N NZ  . LYS A 1 82  ? -15.994 -0.873  9.407   1.00 20.49 ? 876  LYS A NZ  1 
ATOM   642  N N   . VAL A 1 83  ? -9.207  -3.596  7.903   1.00 6.47  ? 877  VAL A N   1 
ATOM   643  C CA  . VAL A 1 83  ? -8.216  -4.651  7.693   1.00 6.68  ? 877  VAL A CA  1 
ATOM   644  C C   . VAL A 1 83  ? -7.288  -4.725  8.897   1.00 6.46  ? 877  VAL A C   1 
ATOM   645  O O   . VAL A 1 83  ? -6.839  -3.719  9.443   1.00 6.41  ? 877  VAL A O   1 
ATOM   646  C CB  . VAL A 1 83  ? -7.444  -4.326  6.418   1.00 7.22  ? 877  VAL A CB  1 
ATOM   647  C CG1 . VAL A 1 83  ? -6.185  -5.165  6.253   1.00 8.29  ? 877  VAL A CG1 1 
ATOM   648  C CG2 . VAL A 1 83  ? -8.326  -4.402  5.213   1.00 8.44  ? 877  VAL A CG2 1 
ATOM   649  N N   . LYS A 1 84  ? -6.991  -5.966  9.277   1.00 6.94  ? 878  LYS A N   1 
ATOM   650  C CA  . LYS A 1 84  ? -6.083  -6.212  10.374  1.00 8.53  ? 878  LYS A CA  1 
ATOM   651  C C   . LYS A 1 84  ? -4.696  -5.614  10.139  1.00 8.06  ? 878  LYS A C   1 
ATOM   652  O O   . LYS A 1 84  ? -4.065  -5.904  9.093   1.00 10.85 ? 878  LYS A O   1 
ATOM   653  C CB  . LYS A 1 84  ? -5.916  -7.728  10.532  1.00 10.99 ? 878  LYS A CB  1 
ATOM   654  C CG  . LYS A 1 84  ? -4.908  -8.177  11.576  1.00 16.78 ? 878  LYS A CG  1 
ATOM   655  C CD  . LYS A 1 84  ? -4.946  -9.636  12.086  1.00 27.58 ? 878  LYS A CD  1 
ATOM   656  C CE  . LYS A 1 84  ? -5.363  -9.706  13.548  1.00 37.15 ? 878  LYS A CE  1 
ATOM   657  N NZ  . LYS A 1 84  ? -5.170  -11.052 14.164  1.00 41.04 ? 878  LYS A NZ  1 
ATOM   658  N N   . ALA A 1 85  ? -4.203  -4.797  11.038  1.00 7.16  ? 879  ALA A N   1 
ATOM   659  C CA  . ALA A 1 85  ? -2.883  -4.176  10.928  1.00 6.69  ? 879  ALA A CA  1 
ATOM   660  C C   . ALA A 1 85  ? -1.892  -4.882  11.839  1.00 7.01  ? 879  ALA A C   1 
ATOM   661  O O   . ALA A 1 85  ? -2.290  -5.490  12.862  1.00 8.04  ? 879  ALA A O   1 
ATOM   662  C CB  . ALA A 1 85  ? -2.936  -2.724  11.271  1.00 7.48  ? 879  ALA A CB  1 
ATOM   663  N N   . TRP A 1 86  ? -0.616  -4.679  11.569  1.00 6.67  ? 880  TRP A N   1 
ATOM   664  C CA  . TRP A 1 86  ? 0.406   -5.255  12.431  1.00 8.11  ? 880  TRP A CA  1 
ATOM   665  C C   . TRP A 1 86  ? 0.243   -4.815  13.873  1.00 8.39  ? 880  TRP A C   1 
ATOM   666  O O   . TRP A 1 86  ? 0.636   -5.591  14.791  1.00 10.68 ? 880  TRP A O   1 
ATOM   667  C CB  . TRP A 1 86  ? 1.811   -4.887  11.983  1.00 7.96  ? 880  TRP A CB  1 
ATOM   668  C CG  . TRP A 1 86  ? 2.291   -5.552  10.729  1.00 7.92  ? 880  TRP A CG  1 
ATOM   669  C CD1 . TRP A 1 86  ? 1.657   -6.461  9.928   1.00 8.80  ? 880  TRP A CD1 1 
ATOM   670  C CD2 . TRP A 1 86  ? 3.571   -5.310  10.142  1.00 8.07  ? 880  TRP A CD2 1 
ATOM   671  N NE1 . TRP A 1 86  ? 2.472   -6.783  8.871   1.00 9.40  ? 880  TRP A NE1 1 
ATOM   672  C CE2 . TRP A 1 86  ? 3.664   -6.102  8.992   1.00 8.96  ? 880  TRP A CE2 1 
ATOM   673  C CE3 . TRP A 1 86  ? 4.650   -4.485  10.468  1.00 8.47  ? 880  TRP A CE3 1 
ATOM   674  C CZ2 . TRP A 1 86  ? 4.788   -6.098  8.181   1.00 10.87 ? 880  TRP A CZ2 1 
ATOM   675  C CZ3 . TRP A 1 86  ? 5.779   -4.493  9.659   1.00 10.13 ? 880  TRP A CZ3 1 
ATOM   676  C CH2 . TRP A 1 86  ? 5.816   -5.289  8.555   1.00 10.73 ? 880  TRP A CH2 1 
ATOM   677  N N   . ASN A 1 87  ? -0.218  -3.626  14.122  1.00 7.77  ? 881  ASN A N   1 
ATOM   678  C CA  . ASN A 1 87  ? -0.285  -3.094  15.480  1.00 10.33 ? 881  ASN A CA  1 
ATOM   679  C C   . ASN A 1 87  ? -1.524  -3.558  16.235  1.00 10.68 ? 881  ASN A C   1 
ATOM   680  O O   . ASN A 1 87  ? -1.705  -3.088  17.371  1.00 13.81 ? 881  ASN A O   1 
ATOM   681  C CB  . ASN A 1 87  ? -0.246  -1.566  15.498  1.00 10.71 ? 881  ASN A CB  1 
ATOM   682  C CG  . ASN A 1 87  ? -1.498  -0.849  15.091  1.00 10.14 ? 881  ASN A CG  1 
ATOM   683  O OD1 . ASN A 1 87  ? -1.604  0.383   15.306  1.00 14.22 ? 881  ASN A OD1 1 
ATOM   684  N ND2 . ASN A 1 87  ? -2.437  -1.572  14.549  1.00 7.59  ? 881  ASN A ND2 1 
ATOM   685  N N   . GLY A 1 88  ? -2.319  -4.459  15.691  1.00 9.41  ? 882  GLY A N   1 
ATOM   686  C CA  . GLY A 1 88  ? -3.466  -4.945  16.435  1.00 10.98 ? 882  GLY A CA  1 
ATOM   687  C C   . GLY A 1 88  ? -4.740  -4.153  16.196  1.00 11.13 ? 882  GLY A C   1 
ATOM   688  O O   . GLY A 1 88  ? -5.826  -4.561  16.675  1.00 13.37 ? 882  GLY A O   1 
ATOM   689  N N   . GLN A 1 89  ? -4.686  -3.027  15.554  1.00 9.78  ? 883  GLN A N   1 
ATOM   690  C CA  . GLN A 1 89  ? -5.888  -2.289  15.172  1.00 9.95  ? 883  GLN A CA  1 
ATOM   691  C C   . GLN A 1 89  ? -6.400  -2.824  13.832  1.00 8.86  ? 883  GLN A C   1 
ATOM   692  O O   . GLN A 1 89  ? -5.694  -3.568  13.118  1.00 10.52 ? 883  GLN A O   1 
ATOM   693  C CB  . GLN A 1 89  ? -5.616  -0.806  15.093  1.00 11.48 ? 883  GLN A CB  1 
ATOM   694  C CG  . GLN A 1 89  ? -5.196  -0.165  16.426  1.00 14.67 ? 883  GLN A CG  1 
ATOM   695  C CD  . GLN A 1 89  ? -5.146  1.338   16.142  1.00 18.21 ? 883  GLN A CD  1 
ATOM   696  O OE1 . GLN A 1 89  ? -6.194  2.001   16.076  1.00 28.92 ? 883  GLN A OE1 1 
ATOM   697  N NE2 . GLN A 1 89  ? -4.044  1.853   15.693  1.00 19.69 ? 883  GLN A NE2 1 
ATOM   698  N N   . TYR A 1 90  ? -7.645  -2.481  13.485  1.00 8.21  ? 884  TYR A N   1 
ATOM   699  C CA  . TYR A 1 90  ? -8.193  -2.709  12.163  1.00 7.23  ? 884  TYR A CA  1 
ATOM   700  C C   . TYR A 1 90  ? -8.333  -1.338  11.523  1.00 7.67  ? 884  TYR A C   1 
ATOM   701  O O   . TYR A 1 90  ? -9.029  -0.473  12.073  1.00 9.83  ? 884  TYR A O   1 
ATOM   702  C CB  . TYR A 1 90  ? -9.531  -3.456  12.198  1.00 8.30  ? 884  TYR A CB  1 
ATOM   703  C CG  . TYR A 1 90  ? -9.370  -4.914  12.595  1.00 9.03  ? 884  TYR A CG  1 
ATOM   704  C CD1 . TYR A 1 90  ? -9.041  -5.270  13.913  1.00 10.53 ? 884  TYR A CD1 1 
ATOM   705  C CD2 . TYR A 1 90  ? -9.427  -5.892  11.677  1.00 9.31  ? 884  TYR A CD2 1 
ATOM   706  C CE1 . TYR A 1 90  ? -8.812  -6.589  14.285  1.00 13.24 ? 884  TYR A CE1 1 
ATOM   707  C CE2 . TYR A 1 90  ? -9.269  -7.247  12.019  1.00 11.18 ? 884  TYR A CE2 1 
ATOM   708  C CZ  . TYR A 1 90  ? -8.870  -7.569  13.323  1.00 13.19 ? 884  TYR A CZ  1 
ATOM   709  O OH  . TYR A 1 90  ? -8.519  -8.891  13.649  1.00 15.70 ? 884  TYR A OH  1 
ATOM   710  N N   . LEU A 1 91  ? -7.643  -1.107  10.408  1.00 6.82  ? 885  LEU A N   1 
ATOM   711  C CA  . LEU A 1 91  ? -7.462  0.202   9.831   1.00 6.76  ? 885  LEU A CA  1 
ATOM   712  C C   . LEU A 1 91  ? -8.016  0.245   8.419   1.00 6.73  ? 885  LEU A C   1 
ATOM   713  O O   . LEU A 1 91  ? -8.281  -0.770  7.779   1.00 7.09  ? 885  LEU A O   1 
ATOM   714  C CB  . LEU A 1 91  ? -5.979  0.590   9.837   1.00 6.89  ? 885  LEU A CB  1 
ATOM   715  C CG  . LEU A 1 91  ? -5.331  0.597   11.209  1.00 8.13  ? 885  LEU A CG  1 
ATOM   716  C CD1 . LEU A 1 91  ? -3.868  0.954   11.054  1.00 8.66  ? 885  LEU A CD1 1 
ATOM   717  C CD2 . LEU A 1 91  ? -5.977  1.560   12.194  1.00 9.10  ? 885  LEU A CD2 1 
ATOM   718  N N   . ASP A 1 92  ? -8.155  1.484   7.924   1.00 7.58  ? 886  ASP A N   1 
ATOM   719  C CA  . ASP A 1 92  ? -8.572  1.755   6.567   1.00 7.28  ? 886  ASP A CA  1 
ATOM   720  C C   . ASP A 1 92  ? -7.371  1.958   5.681   1.00 6.81  ? 886  ASP A C   1 
ATOM   721  O O   . ASP A 1 92  ? -6.656  2.955   5.893   1.00 8.58  ? 886  ASP A O   1 
ATOM   722  C CB  . ASP A 1 92  ? -9.505  2.955   6.586   1.00 8.83  ? 886  ASP A CB  1 
ATOM   723  C CG  . ASP A 1 92  ? -10.094 3.280   5.248   1.00 8.89  ? 886  ASP A CG  1 
ATOM   724  O OD1 . ASP A 1 92  ? -9.808  2.687   4.251   1.00 9.21  ? 886  ASP A OD1 1 
ATOM   725  O OD2 . ASP A 1 92  ? -10.921 4.265   5.235   1.00 13.03 ? 886  ASP A OD2 1 
ATOM   726  N N   . PHE A 1 93  ? -7.134  1.076   4.739   1.00 6.52  ? 887  PHE A N   1 
ATOM   727  C CA  . PHE A 1 93  ? -6.044  1.190   3.791   1.00 6.73  ? 887  PHE A CA  1 
ATOM   728  C C   . PHE A 1 93  ? -6.522  1.557   2.395   1.00 7.09  ? 887  PHE A C   1 
ATOM   729  O O   . PHE A 1 93  ? -5.778  1.458   1.436   1.00 7.90  ? 887  PHE A O   1 
ATOM   730  C CB  . PHE A 1 93  ? -5.182  -0.078  3.761   1.00 6.72  ? 887  PHE A CB  1 
ATOM   731  C CG  . PHE A 1 93  ? -4.614  -0.449  5.080   1.00 6.64  ? 887  PHE A CG  1 
ATOM   732  C CD1 . PHE A 1 93  ? -3.461  0.148   5.551   1.00 6.96  ? 887  PHE A CD1 1 
ATOM   733  C CD2 . PHE A 1 93  ? -5.250  -1.363  5.902   1.00 6.44  ? 887  PHE A CD2 1 
ATOM   734  C CE1 . PHE A 1 93  ? -2.919  -0.197  6.785   1.00 6.96  ? 887  PHE A CE1 1 
ATOM   735  C CE2 . PHE A 1 93  ? -4.717  -1.693  7.133   1.00 7.06  ? 887  PHE A CE2 1 
ATOM   736  C CZ  . PHE A 1 93  ? -3.576  -1.100  7.595   1.00 6.56  ? 887  PHE A CZ  1 
ATOM   737  N N   . SER A 1 94  ? -7.770  2.021   2.283   1.00 7.09  ? 888  SER A N   1 
ATOM   738  C CA  . SER A 1 94  ? -8.319  2.420   0.990   1.00 7.24  ? 888  SER A CA  1 
ATOM   739  C C   . SER A 1 94  ? -7.676  3.671   0.421   1.00 7.15  ? 888  SER A C   1 
ATOM   740  O O   . SER A 1 94  ? -7.730  3.867   -0.806  1.00 7.64  ? 888  SER A O   1 
ATOM   741  C CB  . SER A 1 94  ? -9.828  2.563   1.067   1.00 8.73  ? 888  SER A CB  1 
ATOM   742  O OG  . SER A 1 94  ? -10.219 3.647   1.808   1.00 9.40  ? 888  SER A OG  1 
ATOM   743  N N   . LYS A 1 95  ? -7.112  4.527   1.282   1.00 6.60  ? 889  LYS A N   1 
ATOM   744  C CA  . LYS A 1 95  ? -6.508  5.774   0.888   1.00 7.19  ? 889  LYS A CA  1 
ATOM   745  C C   . LYS A 1 95  ? -5.093  5.804   1.421   1.00 6.79  ? 889  LYS A C   1 
ATOM   746  O O   . LYS A 1 95  ? -4.743  6.568   2.347   1.00 9.39  ? 889  LYS A O   1 
ATOM   747  C CB  . LYS A 1 95  ? -7.339  6.951   1.370   1.00 8.13  ? 889  LYS A CB  1 
ATOM   748  C CG  . LYS A 1 95  ? -8.650  7.069   0.661   1.00 9.50  ? 889  LYS A CG  1 
ATOM   749  C CD  . LYS A 1 95  ? -9.559  8.181   1.195   1.00 14.42 ? 889  LYS A CD  1 
ATOM   750  C CE  . LYS A 1 95  ? -10.703 8.463   0.243   1.00 23.50 ? 889  LYS A CE  1 
ATOM   751  N NZ  . LYS A 1 95  ? -11.630 9.494   0.790   1.00 30.65 ? 889  LYS A NZ  1 
ATOM   752  N N   . PRO A 1 96  ? -4.246  4.924   0.965   1.00 6.25  ? 890  PRO A N   1 
ATOM   753  C CA  . PRO A 1 96  ? -2.932  4.777   1.570   1.00 6.67  ? 890  PRO A CA  1 
ATOM   754  C C   . PRO A 1 96  ? -1.985  5.940   1.298   1.00 5.95  ? 890  PRO A C   1 
ATOM   755  O O   . PRO A 1 96  ? -2.164  6.650   0.323   1.00 7.31  ? 890  PRO A O   1 
ATOM   756  C CB  . PRO A 1 96  ? -2.388  3.497   0.914   1.00 7.66  ? 890  PRO A CB  1 
ATOM   757  C CG  . PRO A 1 96  ? -3.011  3.552   -0.469  1.00 7.16  ? 890  PRO A CG  1 
ATOM   758  C CD  . PRO A 1 96  ? -4.472  4.012   -0.171  1.00 6.69  ? 890  PRO A CD  1 
ATOM   759  N N   . ARG A 1 97  ? -0.972  6.075   2.128   1.00 6.24  ? 891  ARG A N   1 
ATOM   760  C CA  . ARG A 1 97  ? 0.064   7.077   1.935   1.00 6.30  ? 891  ARG A CA  1 
ATOM   761  C C   . ARG A 1 97  ? 1.428   6.503   1.675   1.00 6.04  ? 891  ARG A C   1 
ATOM   762  O O   . ARG A 1 97  ? 2.320   7.255   1.285   1.00 6.77  ? 891  ARG A O   1 
ATOM   763  C CB  . ARG A 1 97  ? 0.125   8.079   3.070   1.00 6.50  ? 891  ARG A CB  1 
ATOM   764  C CG  . ARG A 1 97  ? -1.153  8.880   3.212   1.00 7.30  ? 891  ARG A CG  1 
ATOM   765  C CD  . ARG A 1 97  ? -1.012  9.997   4.223   1.00 8.01  ? 891  ARG A CD  1 
ATOM   766  N NE  . ARG A 1 97  ? -0.085  11.033  3.816   1.00 9.43  ? 891  ARG A NE  1 
ATOM   767  C CZ  . ARG A 1 97  ? -0.395  12.020  3.005   1.00 10.75 ? 891  ARG A CZ  1 
ATOM   768  N NH1 . ARG A 1 97  ? 0.524   12.887  2.597   1.00 12.18 ? 891  ARG A NH1 1 
ATOM   769  N NH2 . ARG A 1 97  ? -1.627  12.170  2.595   1.00 10.87 ? 891  ARG A NH2 1 
ATOM   770  N N   . SER A 1 98  ? 1.674   5.208   1.917   1.00 6.23  ? 892  SER A N   1 
ATOM   771  C CA  . SER A 1 98  ? 2.986   4.632   1.735   1.00 6.00  ? 892  SER A CA  1 
ATOM   772  C C   . SER A 1 98  ? 2.825   3.142   1.468   1.00 5.97  ? 892  SER A C   1 
ATOM   773  O O   . SER A 1 98  ? 1.773   2.555   1.759   1.00 6.25  ? 892  SER A O   1 
ATOM   774  C CB  . SER A 1 98  ? 3.884   4.966   2.897   1.00 6.24  ? 892  SER A CB  1 
ATOM   775  O OG  . SER A 1 98  ? 3.339   4.508   4.128   1.00 6.32  ? 892  SER A OG  1 
ATOM   776  N N   . MET A 1 99  ? 3.839   2.547   0.844   1.00 5.81  ? 893  MET A N   1 
ATOM   777  C CA  . MET A 1 99  ? 3.701   1.209   0.259   1.00 5.76  ? 893  MET A CA  1 
ATOM   778  C C   . MET A 1 99  ? 5.040   0.513   0.151   1.00 5.93  ? 893  MET A C   1 
ATOM   779  O O   . MET A 1 99  ? 6.044   1.142   -0.190  1.00 6.63  ? 893  MET A O   1 
ATOM   780  C CB  . MET A 1 99  ? 3.109   1.378   -1.146  1.00 6.05  ? 893  MET A CB  1 
ATOM   781  C CG  . MET A 1 99  ? 2.980   0.084   -1.975  1.00 6.38  ? 893  MET A CG  1 
ATOM   782  S SD  . MET A 1 99  ? 1.976   0.432   -3.427  1.00 7.47  ? 893  MET A SD  1 
ATOM   783  C CE  . MET A 1 99  ? 2.518   -0.826  -4.543  1.00 7.55  ? 893  MET A CE  1 
ATOM   784  N N   . ARG A 1 100 ? 5.037   -0.788  0.389   1.00 6.19  ? 894  ARG A N   1 
ATOM   785  C CA  . ARG A 1 100 ? 6.195   -1.636  0.129   1.00 6.87  ? 894  ARG A CA  1 
ATOM   786  C C   . ARG A 1 100 ? 5.689   -2.928  -0.517  1.00 7.00  ? 894  ARG A C   1 
ATOM   787  O O   . ARG A 1 100 ? 4.601   -3.394  -0.198  1.00 8.50  ? 894  ARG A O   1 
ATOM   788  C CB  . ARG A 1 100 ? 6.940   -1.994  1.431   1.00 7.74  ? 894  ARG A CB  1 
ATOM   789  C CG  . ARG A 1 100 ? 8.092   -2.991  1.266   1.00 7.89  ? 894  ARG A CG  1 
ATOM   790  C CD  . ARG A 1 100 ? 8.868   -3.292  2.528   1.00 9.53  ? 894  ARG A CD  1 
ATOM   791  N NE  . ARG A 1 100 ? 9.680   -2.223  3.075   1.00 9.86  ? 894  ARG A NE  1 
ATOM   792  C CZ  . ARG A 1 100 ? 10.858  -1.891  2.668   1.00 10.69 ? 894  ARG A CZ  1 
ATOM   793  N NH1 . ARG A 1 100 ? 11.630  -1.059  3.368   1.00 11.77 ? 894  ARG A NH1 1 
ATOM   794  N NH2 . ARG A 1 100 ? 11.363  -2.420  1.571   1.00 10.76 ? 894  ARG A NH2 1 
ATOM   795  N N   . VAL A 1 101 ? 6.459   -3.523  -1.447  1.00 6.76  ? 895  VAL A N   1 
ATOM   796  C CA  . VAL A 1 101 ? 6.111   -4.814  -2.031  1.00 6.54  ? 895  VAL A CA  1 
ATOM   797  C C   . VAL A 1 101 ? 7.175   -5.825  -1.591  1.00 7.21  ? 895  VAL A C   1 
ATOM   798  O O   . VAL A 1 101 ? 8.351   -5.558  -1.678  1.00 7.79  ? 895  VAL A O   1 
ATOM   799  C CB  . VAL A 1 101 ? 5.967   -4.719  -3.552  1.00 7.20  ? 895  VAL A CB  1 
ATOM   800  C CG1 . VAL A 1 101 ? 5.576   -6.065  -4.152  1.00 7.88  ? 895  VAL A CG1 1 
ATOM   801  C CG2 . VAL A 1 101 ? 4.903   -3.671  -3.893  1.00 7.55  ? 895  VAL A CG2 1 
ATOM   802  N N   . VAL A 1 102 ? 6.682   -6.959  -1.092  1.00 7.36  ? 896  VAL A N   1 
ATOM   803  C CA  . VAL A 1 102 ? 7.528   -8.011  -0.570  1.00 8.01  ? 896  VAL A CA  1 
ATOM   804  C C   . VAL A 1 102 ? 7.099   -9.330  -1.189  1.00 7.82  ? 896  VAL A C   1 
ATOM   805  O O   . VAL A 1 102 ? 6.039   -9.488  -1.724  1.00 8.86  ? 896  VAL A O   1 
ATOM   806  C CB  . VAL A 1 102 ? 7.514   -8.077  0.973   1.00 10.06 ? 896  VAL A CB  1 
ATOM   807  C CG1 . VAL A 1 102 ? 7.843   -6.710  1.567   1.00 11.65 ? 896  VAL A CG1 1 
ATOM   808  C CG2 . VAL A 1 102 ? 6.204   -8.575  1.430   1.00 10.91 ? 896  VAL A CG2 1 
ATOM   809  N N   . TYR A 1 103 ? 7.947   -10.381 -1.041  1.00 8.03  ? 897  TYR A N   1 
ATOM   810  C CA  . TYR A 1 103 ? 7.536   -11.721 -1.423  1.00 8.28  ? 897  TYR A CA  1 
ATOM   811  C C   . TYR A 1 103 ? 6.394   -12.191 -0.541  1.00 8.37  ? 897  TYR A C   1 
ATOM   812  O O   . TYR A 1 103 ? 6.421   -12.019 0.689   1.00 9.39  ? 897  TYR A O   1 
ATOM   813  C CB  . TYR A 1 103 ? 8.691   -12.737 -1.360  1.00 8.18  ? 897  TYR A CB  1 
ATOM   814  C CG  . TYR A 1 103 ? 9.582   -12.669 -2.568  1.00 8.11  ? 897  TYR A CG  1 
ATOM   815  C CD1 . TYR A 1 103 ? 9.099   -13.030 -3.838  1.00 7.60  ? 897  TYR A CD1 1 
ATOM   816  C CD2 . TYR A 1 103 ? 10.890  -12.323 -2.487  1.00 8.38  ? 897  TYR A CD2 1 
ATOM   817  C CE1 . TYR A 1 103 ? 9.928   -13.075 -4.943  1.00 8.73  ? 897  TYR A CE1 1 
ATOM   818  C CE2 . TYR A 1 103 ? 11.715  -12.337 -3.582  1.00 9.14  ? 897  TYR A CE2 1 
ATOM   819  C CZ  . TYR A 1 103 ? 11.254  -12.734 -4.820  1.00 8.50  ? 897  TYR A CZ  1 
ATOM   820  O OH  . TYR A 1 103 ? 12.083  -12.720 -5.901  1.00 11.16 ? 897  TYR A OH  1 
ATOM   821  N N   . LYS A 1 104 ? 5.399   -12.785 -1.159  1.00 8.59  ? 898  LYS A N   1 
ATOM   822  C CA  . LYS A 1 104 ? 4.274   -13.371 -0.448  1.00 10.13 ? 898  LYS A CA  1 
ATOM   823  C C   . LYS A 1 104 ? 4.704   -14.546 0.432   1.00 11.42 ? 898  LYS A C   1 
ATOM   824  O O   . LYS A 1 104 ? 4.154   -14.770 1.479   1.00 11.44 ? 898  LYS A O   1 
ATOM   825  C CB  . LYS A 1 104 ? 3.213   -13.802 -1.473  1.00 11.25 ? 898  LYS A CB  1 
ATOM   826  C CG  . LYS A 1 104 ? 1.954   -14.482 -0.969  1.00 13.22 ? 898  LYS A CG  1 
ATOM   827  C CD  . LYS A 1 104 ? 0.911   -14.631 -2.024  1.00 16.55 ? 898  LYS A CD  1 
ATOM   828  C CE  . LYS A 1 104 ? -0.326  -15.358 -1.563  1.00 19.41 ? 898  LYS A CE  1 
ATOM   829  N NZ  . LYS A 1 104 ? -0.167  -16.804 -1.791  1.00 24.97 ? 898  LYS A NZ  1 
ATOM   830  N N   . ALA B 2 1   ? 12.029  -0.153  16.706  1.00 25.69 ? 1    ALA M N   1 
ATOM   831  C CA  A ALA B 2 1   ? 11.326  -1.378  16.248  0.50 22.64 ? 1    ALA M CA  1 
ATOM   832  C CA  B ALA B 2 1   ? 11.716  -1.315  15.910  0.50 24.57 ? 1    ALA M CA  1 
ATOM   833  C C   . ALA B 2 1   ? 10.539  -1.121  14.910  1.00 20.22 ? 1    ALA M C   1 
ATOM   834  O O   . ALA B 2 1   ? 10.595  -1.953  13.963  1.00 27.19 ? 1    ALA M O   1 
ATOM   835  C CB  A ALA B 2 1   ? 10.392  -1.858  17.356  0.50 25.23 ? 1    ALA M CB  1 
ATOM   836  C CB  B ALA B 2 1   ? 11.711  -2.607  16.724  0.50 25.08 ? 1    ALA M CB  1 
ATOM   837  N N   A ALA B 2 2   ? 9.615   -0.068  15.048  0.50 14.88 ? 2    ALA M N   1 
ATOM   838  N N   B ALA B 2 2   ? 9.972   0.013   14.789  0.50 16.16 ? 2    ALA M N   1 
ATOM   839  C CA  A ALA B 2 2   ? 8.754   0.430   13.898  0.50 10.95 ? 2    ALA M CA  1 
ATOM   840  C CA  B ALA B 2 2   ? 9.146   0.197   13.631  0.50 11.16 ? 2    ALA M CA  1 
ATOM   841  C C   A ALA B 2 2   ? 9.398   1.640   13.200  0.50 10.81 ? 2    ALA M C   1 
ATOM   842  C C   B ALA B 2 2   ? 9.545   1.559   13.108  0.50 10.63 ? 2    ALA M C   1 
ATOM   843  O O   A ALA B 2 2   ? 10.243  2.345   13.721  0.50 10.65 ? 2    ALA M O   1 
ATOM   844  O O   B ALA B 2 2   ? 9.856   2.549   13.866  0.50 10.52 ? 2    ALA M O   1 
ATOM   845  C CB  A ALA B 2 2   ? 7.245   0.752   14.262  0.50 10.62 ? 2    ALA M CB  1 
ATOM   846  C CB  B ALA B 2 2   ? 7.740   0.313   14.088  0.50 12.59 ? 2    ALA M CB  1 
ATOM   847  N N   A SER B 2 3   ? 9.101   1.833   11.909  0.50 9.02  ? 3    SER M N   1 
ATOM   848  N N   B SER B 2 3   ? 9.310   1.675   11.799  0.50 8.66  ? 3    SER M N   1 
ATOM   849  C CA  A SER B 2 3   ? 9.432   3.047   11.196  0.50 7.80  ? 3    SER M CA  1 
ATOM   850  C CA  B SER B 2 3   ? 9.483   2.938   11.169  0.50 7.66  ? 3    SER M CA  1 
ATOM   851  C C   A SER B 2 3   ? 8.608   4.200   11.856  0.50 7.67  ? 3    SER M C   1 
ATOM   852  C C   B SER B 2 3   ? 8.665   4.004   11.901  0.50 7.54  ? 3    SER M C   1 
ATOM   853  O O   A SER B 2 3   ? 7.488   4.000   12.300  0.50 8.17  ? 3    SER M O   1 
ATOM   854  O O   B SER B 2 3   ? 7.597   3.711   12.436  0.50 7.39  ? 3    SER M O   1 
ATOM   855  C CB  A SER B 2 3   ? 9.062   3.043   9.701   0.50 7.82  ? 3    SER M CB  1 
ATOM   856  C CB  B SER B 2 3   ? 8.951   2.829   9.787   0.50 7.88  ? 3    SER M CB  1 
ATOM   857  O OG  A SER B 2 3   ? 9.678   1.925   9.031   0.50 7.54  ? 3    SER M OG  1 
ATOM   858  O OG  B SER B 2 3   ? 9.693   1.859   9.077   0.50 7.63  ? 3    SER M OG  1 
ATOM   859  N N   A THR B 2 4   ? 9.159   5.407   11.851  0.50 7.90  ? 4    THR M N   1 
ATOM   860  N N   B THR B 2 4   ? 9.208   5.228   11.871  0.50 7.94  ? 4    THR M N   1 
ATOM   861  C CA  A THR B 2 4   ? 8.452   6.582   12.424  0.50 7.94  ? 4    THR M CA  1 
ATOM   862  C CA  B THR B 2 4   ? 8.575   6.336   12.510  0.50 7.70  ? 4    THR M CA  1 
ATOM   863  C C   A THR B 2 4   ? 8.314   7.652   11.402  0.50 7.97  ? 4    THR M C   1 
ATOM   864  C C   B THR B 2 4   ? 8.440   7.449   11.498  0.50 7.40  ? 4    THR M C   1 
ATOM   865  O O   A THR B 2 4   ? 8.870   7.469   10.314  0.50 8.80  ? 4    THR M O   1 
ATOM   866  O O   B THR B 2 4   ? 8.804   7.477   10.292  0.50 8.68  ? 4    THR M O   1 
ATOM   867  C CB  A THR B 2 4   ? 9.292   7.176   13.583  0.50 8.55  ? 4    THR M CB  1 
ATOM   868  C CB  B THR B 2 4   ? 9.427   6.797   13.758  0.50 7.77  ? 4    THR M CB  1 
ATOM   869  O OG1 A THR B 2 4   ? 10.598  7.428   13.073  0.50 9.29  ? 4    THR M OG1 1 
ATOM   870  O OG1 B THR B 2 4   ? 10.798  6.918   13.332  0.50 8.52  ? 4    THR M OG1 1 
ATOM   871  C CG2 A THR B 2 4   ? 9.420   6.188   14.720  0.50 9.51  ? 4    THR M CG2 1 
ATOM   872  C CG2 B THR B 2 4   ? 9.251   5.755   14.901  0.50 8.69  ? 4    THR M CG2 1 
ATOM   873  N N   A THR B 2 5   ? 7.605   8.726   11.771  0.50 7.77  ? 5    THR M N   1 
ATOM   874  N N   B THR B 2 5   ? 7.729   8.474   11.929  0.50 7.45  ? 5    THR M N   1 
ATOM   875  C CA  A THR B 2 5   ? 7.380   9.903   10.917  0.50 7.53  ? 5    THR M CA  1 
ATOM   876  C CA  B THR B 2 5   ? 7.584   9.638   11.112  0.50 6.72  ? 5    THR M CA  1 
ATOM   877  C C   A THR B 2 5   ? 8.063   11.148  11.484  0.50 7.19  ? 5    THR M C   1 
ATOM   878  C C   B THR B 2 5   ? 8.291   10.816  11.799  0.50 7.23  ? 5    THR M C   1 
ATOM   879  O O   A THR B 2 5   ? 8.466   11.164  12.633  0.50 7.92  ? 5    THR M O   1 
ATOM   880  O O   B THR B 2 5   ? 8.633   10.755  12.986  0.50 7.61  ? 5    THR M O   1 
ATOM   881  C CB  A THR B 2 5   ? 5.913   10.116  10.767  0.50 7.38  ? 5    THR M CB  1 
ATOM   882  C CB  B THR B 2 5   ? 6.072   10.038  10.796  0.50 7.02  ? 5    THR M CB  1 
ATOM   883  O OG1 A THR B 2 5   ? 5.443   10.109  12.129  0.50 7.13  ? 5    THR M OG1 1 
ATOM   884  O OG1 B THR B 2 5   ? 5.259   10.284  11.992  0.50 6.86  ? 5    THR M OG1 1 
ATOM   885  C CG2 A THR B 2 5   ? 5.473   8.882   9.993   0.50 7.25  ? 5    THR M CG2 1 
ATOM   886  C CG2 B THR B 2 5   ? 5.232   9.082   9.884   0.50 6.89  ? 5    THR M CG2 1 
ATOM   887  N N   A THR B 2 6   ? 8.127   12.188  10.645  0.50 7.42  ? 6    THR M N   1 
ATOM   888  N N   B THR B 2 6   ? 8.519   11.856  11.024  0.50 6.68  ? 6    THR M N   1 
ATOM   889  C CA  A THR B 2 6   ? 8.801   13.404  11.085  0.50 7.70  ? 6    THR M CA  1 
ATOM   890  C CA  B THR B 2 6   ? 9.157   13.047  11.593  0.50 7.82  ? 6    THR M CA  1 
ATOM   891  C C   A THR B 2 6   ? 7.965   14.059  12.172  0.50 8.32  ? 6    THR M C   1 
ATOM   892  C C   B THR B 2 6   ? 8.106   13.915  12.264  0.50 8.45  ? 6    THR M C   1 
ATOM   893  O O   A THR B 2 6   ? 6.781   13.937  12.166  0.50 9.02  ? 6    THR M O   1 
ATOM   894  O O   B THR B 2 6   ? 6.927   14.076  11.827  0.50 9.01  ? 6    THR M O   1 
ATOM   895  C CB  A THR B 2 6   ? 9.025   14.365  9.925   0.50 8.97  ? 6    THR M CB  1 
ATOM   896  C CB  B THR B 2 6   ? 9.798   13.843  10.434  0.50 8.70  ? 6    THR M CB  1 
ATOM   897  O OG1 A THR B 2 6   ? 7.679   14.605  9.428   0.50 9.54  ? 6    THR M OG1 1 
ATOM   898  O OG1 B THR B 2 6   ? 8.799   14.245  9.522   0.50 8.74  ? 6    THR M OG1 1 
ATOM   899  C CG2 A THR B 2 6   ? 9.895   13.817  8.798   0.50 10.12 ? 6    THR M CG2 1 
ATOM   900  C CG2 B THR B 2 6   ? 10.881  13.016  9.752   0.50 9.81  ? 6    THR M CG2 1 
ATOM   901  N N   A PRO B 2 7   ? 8.597   14.799  13.085  0.50 9.04  ? 7    PRO M N   1 
ATOM   902  N N   B PRO B 2 7   ? 8.644   14.707  13.221  0.50 9.57  ? 7    PRO M N   1 
ATOM   903  C CA  A PRO B 2 7   ? 8.003   15.440  14.201  0.50 8.88  ? 7    PRO M CA  1 
ATOM   904  C CA  B PRO B 2 7   ? 7.766   15.818  13.805  0.50 9.21  ? 7    PRO M CA  1 
ATOM   905  C C   A PRO B 2 7   ? 7.508   16.709  13.716  0.50 8.70  ? 7    PRO M C   1 
ATOM   906  C C   B PRO B 2 7   ? 7.865   17.021  13.036  0.50 12.40 ? 7    PRO M C   1 
ATOM   907  O O   A PRO B 2 7   ? 7.831   17.251  12.622  0.50 9.35  ? 7    PRO M O   1 
ATOM   908  O O   B PRO B 2 7   ? 8.506   17.081  12.003  0.50 11.45 ? 7    PRO M O   1 
ATOM   909  C CB  A PRO B 2 7   ? 9.069   15.605  15.306  0.50 9.30  ? 7    PRO M CB  1 
ATOM   910  C CB  B PRO B 2 7   ? 8.423   16.104  15.134  0.50 9.63  ? 7    PRO M CB  1 
ATOM   911  C CG  A PRO B 2 7   ? 10.414  15.740  14.458  0.50 10.38 ? 7    PRO M CG  1 
ATOM   912  C CG  B PRO B 2 7   ? 9.901   15.837  14.812  0.50 10.66 ? 7    PRO M CG  1 
ATOM   913  C CD  A PRO B 2 7   ? 10.073  14.960  13.169  0.50 10.29 ? 7    PRO M CD  1 
ATOM   914  C CD  B PRO B 2 7   ? 10.040  14.706  13.753  0.50 10.48 ? 7    PRO M CD  1 
ATOM   915  N N   A ALA B 2 8   ? 6.780   17.439  14.525  0.50 8.54  ? 8    ALA M N   1 
ATOM   916  N N   B ALA B 2 8   ? 6.935   17.962  13.379  0.50 14.74 ? 8    ALA M N   1 
ATOM   917  C CA  A ALA B 2 8   ? 6.420   18.824  14.247  0.50 8.67  ? 8    ALA M CA  1 
ATOM   918  C CA  B ALA B 2 8   ? 6.896   19.335  12.919  0.50 21.09 ? 8    ALA M CA  1 
ATOM   919  C C   A ALA B 2 8   ? 7.684   19.678  14.307  0.50 8.91  ? 8    ALA M C   1 
ATOM   920  C C   B ALA B 2 8   ? 8.163   19.879  13.503  0.50 24.00 ? 8    ALA M C   1 
ATOM   921  O O   A ALA B 2 8   ? 8.709   19.321  14.900  0.50 9.65  ? 8    ALA M O   1 
ATOM   922  O O   B ALA B 2 8   ? 8.353   20.049  14.719  0.50 31.91 ? 8    ALA M O   1 
ATOM   923  C CB  A ALA B 2 8   ? 5.435   19.244  15.337  0.50 11.24 ? 8    ALA M CB  1 
ATOM   924  C CB  B ALA B 2 8   ? 5.757   20.050  13.633  0.50 25.25 ? 8    ALA M CB  1 
ATOM   925  N N   A PRO B 2 9   ? 7.629   20.842  13.723  0.50 9.95  ? 9    PRO M N   1 
ATOM   926  N N   B PRO B 2 9   ? 9.008   20.007  12.564  0.50 21.17 ? 9    PRO M N   1 
HETATM 927  O O5  A A2G C 3 .   ? 10.515  3.084   7.186   0.50 7.88  ? 101  A2G M O5  1 
HETATM 928  O O5  B A2G C 3 .   ? 10.518  3.034   7.236   0.50 7.69  ? 101  A2G M O5  1 
HETATM 929  C C1  A A2G C 3 .   ? 9.593   2.071   7.618   0.50 7.87  ? 101  A2G M C1  1 
HETATM 930  C C1  B A2G C 3 .   ? 9.603   2.032   7.702   0.50 7.75  ? 101  A2G M C1  1 
HETATM 931  C C2  A A2G C 3 .   ? 9.910   0.757   6.931   0.50 7.85  ? 101  A2G M C2  1 
HETATM 932  C C2  B A2G C 3 .   ? 9.894   0.727   7.023   0.50 7.70  ? 101  A2G M C2  1 
HETATM 933  N N2  A A2G C 3 .   ? 8.972   -0.275  7.350   0.50 7.53  ? 101  A2G M N2  1 
HETATM 934  N N2  B A2G C 3 .   ? 9.006   -0.316  7.509   0.50 7.45  ? 101  A2G M N2  1 
HETATM 935  C C3  A A2G C 3 .   ? 11.350  0.346   7.228   0.50 8.16  ? 101  A2G M C3  1 
HETATM 936  C C3  B A2G C 3 .   ? 11.362  0.312   7.151   0.50 8.04  ? 101  A2G M C3  1 
HETATM 937  O O3  A A2G C 3 .   ? 11.691  -0.871  6.531   0.50 8.78  ? 101  A2G M O3  1 
HETATM 938  O O3  B A2G C 3 .   ? 11.647  -0.878  6.317   0.50 8.86  ? 101  A2G M O3  1 
HETATM 939  C C4  A A2G C 3 .   ? 12.275  1.465   6.747   0.50 8.74  ? 101  A2G M C4  1 
HETATM 940  C C4  B A2G C 3 .   ? 12.276  1.434   6.654   0.50 8.48  ? 101  A2G M C4  1 
HETATM 941  O O4  A A2G C 3 .   ? 12.151  1.621   5.338   0.50 9.05  ? 101  A2G M O4  1 
HETATM 942  O O4  B A2G C 3 .   ? 12.114  1.595   5.262   0.50 8.84  ? 101  A2G M O4  1 
HETATM 943  C C5  A A2G C 3 .   ? 11.890  2.748   7.471   0.50 8.95  ? 101  A2G M C5  1 
HETATM 944  C C5  B A2G C 3 .   ? 11.902  2.674   7.420   0.50 8.60  ? 101  A2G M C5  1 
HETATM 945  C C6  A A2G C 3 .   ? 12.742  3.906   6.980   0.50 9.47  ? 101  A2G M C6  1 
HETATM 946  C C6  B A2G C 3 .   ? 12.670  3.917   7.003   0.50 9.14  ? 101  A2G M C6  1 
HETATM 947  O O6  A A2G C 3 .   ? 12.413  5.185   7.576   0.50 8.70  ? 101  A2G M O6  1 
HETATM 948  O O6  B A2G C 3 .   ? 12.521  4.882   8.066   0.50 8.17  ? 101  A2G M O6  1 
HETATM 949  C C7  A A2G C 3 .   ? 8.317   -1.066  6.456   0.50 7.70  ? 101  A2G M C7  1 
HETATM 950  C C7  B A2G C 3 .   ? 8.358   -1.135  6.675   0.50 7.29  ? 101  A2G M C7  1 
HETATM 951  O O7  A A2G C 3 .   ? 8.476   -1.024  5.244   0.50 8.53  ? 101  A2G M O7  1 
HETATM 952  O O7  B A2G C 3 .   ? 8.582   -1.083  5.480   0.50 7.75  ? 101  A2G M O7  1 
HETATM 953  C C8  A A2G C 3 .   ? 7.259   -1.996  7.017   0.50 7.82  ? 101  A2G M C8  1 
HETATM 954  C C8  B A2G C 3 .   ? 7.424   -2.121  7.363   0.50 7.27  ? 101  A2G M C8  1 
HETATM 955  O O5  A A2G D 3 .   ? 11.403  8.880   14.780  0.50 10.71 ? 102  A2G M O5  1 
HETATM 956  O O5  B A2G D 3 .   ? 11.738  8.210   15.058  0.50 11.30 ? 102  A2G M O5  1 
HETATM 957  C C1  A A2G D 3 .   ? 11.064  8.742   13.420  0.50 9.38  ? 102  A2G M C1  1 
HETATM 958  C C1  B A2G D 3 .   ? 11.507  8.151   13.645  0.50 10.30 ? 102  A2G M C1  1 
HETATM 959  C C2  A A2G D 3 .   ? 12.318  8.945   12.558  0.50 10.38 ? 102  A2G M C2  1 
HETATM 960  C C2  B A2G D 3 .   ? 12.764  8.227   12.858  0.50 11.81 ? 102  A2G M C2  1 
HETATM 961  N N2  A A2G D 3 .   ? 12.053  8.648   11.144  0.50 11.35 ? 102  A2G M N2  1 
HETATM 962  N N2  B A2G D 3 .   ? 12.411  8.033   11.477  0.50 10.33 ? 102  A2G M N2  1 
HETATM 963  C C3  A A2G D 3 .   ? 13.475  8.042   13.013  0.50 12.42 ? 102  A2G M C3  1 
HETATM 964  C C3  B A2G D 3 .   ? 13.661  7.065   13.302  0.50 13.78 ? 102  A2G M C3  1 
HETATM 965  O O3  A A2G D 3 .   ? 14.689  8.363   12.282  0.50 13.66 ? 102  A2G M O3  1 
HETATM 966  O O3  B A2G D 3 .   ? 14.874  7.088   12.529  0.50 16.21 ? 102  A2G M O3  1 
HETATM 967  C C4  A A2G D 3 .   ? 13.716  8.300   14.495  0.50 13.17 ? 102  A2G M C4  1 
HETATM 968  C C4  B A2G D 3 .   ? 13.854  7.158   14.801  0.50 15.42 ? 102  A2G M C4  1 
HETATM 969  O O4  A A2G D 3 .   ? 14.177  9.584   14.749  0.50 15.02 ? 102  A2G M O4  1 
HETATM 970  O O4  B A2G D 3 .   ? 14.632  8.378   15.055  0.50 17.58 ? 102  A2G M O4  1 
HETATM 971  C C5  A A2G D 3 .   ? 12.445  7.995   15.259  0.50 11.88 ? 102  A2G M C5  1 
HETATM 972  C C5  B A2G D 3 .   ? 12.518  7.156   15.523  0.50 14.33 ? 102  A2G M C5  1 
HETATM 973  C C6  A A2G D 3 .   ? 12.549  8.278   16.810  0.50 12.87 ? 102  A2G M C6  1 
HETATM 974  C C6  B A2G D 3 .   ? 12.611  7.379   17.050  0.50 14.29 ? 102  A2G M C6  1 
HETATM 975  O O6  A A2G D 3 .   ? 11.639  7.384   17.573  0.50 14.44 ? 102  A2G M O6  1 
HETATM 976  O O6  B A2G D 3 .   ? 11.313  7.930   17.474  0.50 14.01 ? 102  A2G M O6  1 
HETATM 977  C C7  A A2G D 3 .   ? 11.983  9.617   10.205  0.50 11.82 ? 102  A2G M C7  1 
HETATM 978  C C7  B A2G D 3 .   ? 12.471  9.038   10.617  0.50 10.51 ? 102  A2G M C7  1 
HETATM 979  O O7  A A2G D 3 .   ? 12.087  10.800  10.427  0.50 13.46 ? 102  A2G M O7  1 
HETATM 980  O O7  B A2G D 3 .   ? 12.792  10.186  10.932  0.50 11.73 ? 102  A2G M O7  1 
HETATM 981  C C8  A A2G D 3 .   ? 11.651  9.232   8.766   0.50 15.18 ? 102  A2G M C8  1 
HETATM 982  C C8  B A2G D 3 .   ? 12.147  8.705   9.201   0.50 11.25 ? 102  A2G M C8  1 
HETATM 983  O O5  A A2G E 3 .   ? 3.587   11.378  11.389  0.50 7.12  ? 103  A2G M O5  1 
HETATM 984  O O5  B A2G E 3 .   ? 3.382   11.493  11.320  0.50 7.53  ? 103  A2G M O5  1 
HETATM 985  C C1  A A2G E 3 .   ? 4.715   11.337  12.273  0.50 7.33  ? 103  A2G M C1  1 
HETATM 986  C C1  B A2G E 3 .   ? 4.499   11.511  12.148  0.50 7.32  ? 103  A2G M C1  1 
HETATM 987  C C2  A A2G E 3 .   ? 4.244   11.431  13.715  0.50 7.18  ? 103  A2G M C2  1 
HETATM 988  C C2  B A2G E 3 .   ? 4.036   11.606  13.596  0.50 7.29  ? 103  A2G M C2  1 
HETATM 989  N N2  A A2G E 3 .   ? 5.397   11.283  14.619  0.50 7.23  ? 103  A2G M N2  1 
HETATM 990  N N2  B A2G E 3 .   ? 5.195   11.570  14.471  0.50 7.42  ? 103  A2G M N2  1 
HETATM 991  C C3  A A2G E 3 .   ? 3.134   10.400  13.995  0.50 7.27  ? 103  A2G M C3  1 
HETATM 992  C C3  B A2G E 3 .   ? 3.131   10.433  13.975  0.50 7.35  ? 103  A2G M C3  1 
HETATM 993  O O3  A A2G E 3 .   ? 2.534   10.646  15.284  0.50 6.95  ? 103  A2G M O3  1 
HETATM 994  O O3  B A2G E 3 .   ? 2.807   10.463  15.472  0.50 7.05  ? 103  A2G M O3  1 
HETATM 995  C C4  A A2G E 3 .   ? 2.006   10.488  13.020  0.50 7.57  ? 103  A2G M C4  1 
HETATM 996  C C4  B A2G E 3 .   ? 1.931   10.520  13.034  0.50 7.72  ? 103  A2G M C4  1 
HETATM 997  O O4  A A2G E 3 .   ? 1.381   11.765  13.168  0.50 7.84  ? 103  A2G M O4  1 
HETATM 998  O O4  B A2G E 3 .   ? 1.271   11.822  13.157  0.50 8.13  ? 103  A2G M O4  1 
HETATM 999  C C5  A A2G E 3 .   ? 2.542   10.331  11.617  0.50 7.50  ? 103  A2G M C5  1 
HETATM 1000 C C5  B A2G E 3 .   ? 2.466   10.378  11.605  0.50 7.59  ? 103  A2G M C5  1 
HETATM 1001 C C6  A A2G E 3 .   ? 1.497   10.495  10.551  0.50 7.77  ? 103  A2G M C6  1 
HETATM 1002 C C6  B A2G E 3 .   ? 1.450   10.495  10.519  0.50 7.83  ? 103  A2G M C6  1 
HETATM 1003 O O6  A A2G E 3 .   ? 2.093   10.314  9.265   0.50 8.18  ? 103  A2G M O6  1 
HETATM 1004 O O6  B A2G E 3 .   ? 2.114   10.324  9.264   0.50 8.13  ? 103  A2G M O6  1 
HETATM 1005 C C7  A A2G E 3 .   ? 5.857   12.368  15.329  0.50 7.41  ? 103  A2G M C7  1 
HETATM 1006 C C7  B A2G E 3 .   ? 5.605   12.608  15.225  0.50 7.48  ? 103  A2G M C7  1 
HETATM 1007 O O7  A A2G E 3 .   ? 5.328   13.473  15.317  0.50 7.79  ? 103  A2G M O7  1 
HETATM 1008 O O7  B A2G E 3 .   ? 5.019   13.701  15.216  0.50 8.35  ? 103  A2G M O7  1 
HETATM 1009 C C8  A A2G E 3 .   ? 7.053   12.100  16.232  0.50 8.55  ? 103  A2G M C8  1 
HETATM 1010 C C8  B A2G E 3 .   ? 6.812   12.306  16.068  0.50 8.30  ? 103  A2G M C8  1 
HETATM 1011 O O5  A A2G F 3 .   ? 7.838   16.204  7.632   0.50 14.45 ? 104  A2G M O5  1 
HETATM 1012 O O5  B A2G F 3 .   ? 10.055  15.504  7.959   0.50 10.48 ? 104  A2G M O5  1 
HETATM 1013 C C1  A A2G F 3 .   ? 7.321   15.932  8.941   0.50 12.94 ? 104  A2G M C1  1 
HETATM 1014 C C1  B A2G F 3 .   ? 9.059   15.486  9.009   0.50 9.37  ? 104  A2G M C1  1 
HETATM 1015 C C2  A A2G F 3 .   ? 5.797   16.092  8.921   0.50 11.86 ? 104  A2G M C2  1 
HETATM 1016 C C2  B A2G F 3 .   ? 7.751   15.941  8.383   0.50 11.35 ? 104  A2G M C2  1 
HETATM 1017 N N2  A A2G F 3 .   ? 5.370   15.763  10.303  0.50 12.44 ? 104  A2G M N2  1 
HETATM 1018 N N2  B A2G F 3 .   ? 6.633   15.821  9.377   0.50 10.87 ? 104  A2G M N2  1 
HETATM 1019 C C3  A A2G F 3 .   ? 5.119   15.211  7.831   0.50 12.71 ? 104  A2G M C3  1 
HETATM 1020 C C3  B A2G F 3 .   ? 7.402   15.003  7.202   0.50 10.54 ? 104  A2G M C3  1 
HETATM 1021 O O3  A A2G F 3 .   ? 3.686   15.309  7.663   0.50 11.22 ? 104  A2G M O3  1 
HETATM 1022 O O3  B A2G F 3 .   ? 6.197   15.463  6.570   0.50 10.65 ? 104  A2G M O3  1 
HETATM 1023 C C4  A A2G F 3 .   ? 5.729   15.530  6.506   0.50 13.67 ? 104  A2G M C4  1 
HETATM 1024 C C4  B A2G F 3 .   ? 8.525   15.044  6.231   0.50 10.27 ? 104  A2G M C4  1 
HETATM 1025 O O4  A A2G F 3 .   ? 5.290   16.757  6.043   0.50 16.19 ? 104  A2G M O4  1 
HETATM 1026 O O4  B A2G F 3 .   ? 8.547   16.445  5.730   0.50 11.33 ? 104  A2G M O4  1 
HETATM 1027 C C5  A A2G F 3 .   ? 7.303   15.471  6.570   0.50 14.20 ? 104  A2G M C5  1 
HETATM 1028 C C5  B A2G F 3 .   ? 9.813   14.611  6.877   0.50 9.77  ? 104  A2G M C5  1 
HETATM 1029 C C6  A A2G F 3 .   ? 7.983   16.041  5.288   0.50 15.69 ? 104  A2G M C6  1 
HETATM 1030 C C6  B A2G F 3 .   ? 11.050  14.669  5.908   0.50 10.42 ? 104  A2G M C6  1 
HETATM 1031 O O6  A A2G F 3 .   ? 9.378   16.064  5.585   0.50 16.40 ? 104  A2G M O6  1 
HETATM 1032 O O6  B A2G F 3 .   ? 12.225  13.924  6.465   0.50 7.94  ? 104  A2G M O6  1 
HETATM 1033 C C7  A A2G F 3 .   ? 4.618   16.582  11.056  0.50 13.82 ? 104  A2G M C7  1 
HETATM 1034 C C7  B A2G F 3 .   ? 5.875   16.817  9.712   0.50 11.69 ? 104  A2G M C7  1 
HETATM 1035 O O7  A A2G F 3 .   ? 4.140   17.620  10.610  0.50 15.60 ? 104  A2G M O7  1 
HETATM 1036 O O7  B A2G F 3 .   ? 5.913   17.920  9.187   0.50 13.34 ? 104  A2G M O7  1 
HETATM 1037 C C8  A A2G F 3 .   ? 4.206   16.063  12.425  0.50 13.34 ? 104  A2G M C8  1 
HETATM 1038 C C8  B A2G F 3 .   ? 4.821   16.507  10.745  0.50 12.70 ? 104  A2G M C8  1 
HETATM 1039 O O   . HOH G 4 .   ? -15.975 -3.157  -3.757  1.00 31.17 ? 901  HOH A O   1 
HETATM 1040 O O   . HOH G 4 .   ? -6.934  11.335  -16.508 1.00 35.64 ? 902  HOH A O   1 
HETATM 1041 O O   . HOH G 4 .   ? -12.273 5.089   0.818   1.00 25.22 ? 903  HOH A O   1 
HETATM 1042 O O   . HOH G 4 .   ? -10.069 -10.604 -10.429 1.00 30.60 ? 904  HOH A O   1 
HETATM 1043 O O   . HOH G 4 .   ? -13.148 -10.642 0.628   1.00 23.38 ? 905  HOH A O   1 
HETATM 1044 O O   . HOH G 4 .   ? -13.136 2.328   -1.420  1.00 22.46 ? 906  HOH A O   1 
HETATM 1045 O O   . HOH G 4 .   ? -11.189 -8.893  -2.321  1.00 15.91 ? 907  HOH A O   1 
HETATM 1046 O O   . HOH G 4 .   ? 4.247   17.381  -6.586  1.00 33.23 ? 908  HOH A O   1 
HETATM 1047 O O   . HOH G 4 .   ? -15.700 2.949   -4.225  1.00 31.32 ? 909  HOH A O   1 
HETATM 1048 O O   . HOH G 4 .   ? -3.535  -2.480  19.118  1.00 27.32 ? 910  HOH A O   1 
HETATM 1049 O O   . HOH G 4 .   ? -0.834  -11.720 5.509   1.00 23.09 ? 911  HOH A O   1 
HETATM 1050 O O   . HOH G 4 .   ? -8.516  -10.628 11.705  1.00 12.33 ? 912  HOH A O   1 
HETATM 1051 O O   . HOH G 4 .   ? 0.168   -16.744 -4.938  1.00 27.66 ? 913  HOH A O   1 
HETATM 1052 O O   . HOH G 4 .   ? 4.307   -4.837  -17.116 1.00 27.46 ? 914  HOH A O   1 
HETATM 1053 O O   . HOH G 4 .   ? -13.170 1.582   -9.986  1.00 10.90 ? 915  HOH A O   1 
HETATM 1054 O O   . HOH G 4 .   ? 11.102  -13.703 -8.165  1.00 14.43 ? 916  HOH A O   1 
HETATM 1055 O O   . HOH G 4 .   ? 4.356   12.101  8.402   1.00 9.27  ? 917  HOH A O   1 
HETATM 1056 O O   . HOH G 4 .   ? 1.032   1.344   16.613  1.00 10.41 ? 918  HOH A O   1 
HETATM 1057 O O   . HOH G 4 .   ? -3.218  -8.376  -12.266 1.00 12.40 ? 919  HOH A O   1 
HETATM 1058 O O   . HOH G 4 .   ? -4.730  -5.059  -13.736 1.00 12.36 ? 920  HOH A O   1 
HETATM 1059 O O   . HOH G 4 .   ? -7.121  -11.183 -3.107  1.00 23.07 ? 921  HOH A O   1 
HETATM 1060 O O   . HOH G 4 .   ? 2.383   -5.151  -15.172 1.00 14.85 ? 922  HOH A O   1 
HETATM 1061 O O   . HOH G 4 .   ? -0.369  -11.818 -4.599  1.00 12.90 ? 923  HOH A O   1 
HETATM 1062 O O   . HOH G 4 .   ? -6.744  4.966   4.134   1.00 13.95 ? 924  HOH A O   1 
HETATM 1063 O O   . HOH G 4 .   ? 8.283   5.324   -5.969  1.00 15.85 ? 925  HOH A O   1 
HETATM 1064 O O   . HOH G 4 .   ? -3.726  4.349   16.612  1.00 17.45 ? 926  HOH A O   1 
HETATM 1065 O O   . HOH G 4 .   ? -10.446 -11.282 -5.090  1.00 22.98 ? 927  HOH A O   1 
HETATM 1066 O O   . HOH G 4 .   ? -4.332  12.612  -9.328  1.00 28.62 ? 928  HOH A O   1 
HETATM 1067 O O   . HOH G 4 .   ? 3.459   12.895  -1.679  1.00 17.34 ? 929  HOH A O   1 
HETATM 1068 O O   . HOH G 4 .   ? -9.409  -10.501 -15.293 1.00 34.76 ? 930  HOH A O   1 
HETATM 1069 O O   . HOH G 4 .   ? -3.917  -9.736  -8.943  1.00 13.03 ? 931  HOH A O   1 
HETATM 1070 O O   . HOH G 4 .   ? 14.523  -1.460  -1.549  1.00 28.85 ? 932  HOH A O   1 
HETATM 1071 O O   . HOH G 4 .   ? -6.493  -7.962  -16.268 1.00 15.26 ? 933  HOH A O   1 
HETATM 1072 O O   . HOH G 4 .   ? 1.960   -14.255 2.958   1.00 16.58 ? 934  HOH A O   1 
HETATM 1073 O O   . HOH G 4 .   ? 7.203   -18.731 -11.054 1.00 17.47 ? 935  HOH A O   1 
HETATM 1074 O O   . HOH G 4 .   ? -5.813  8.971   -10.850 1.00 18.03 ? 936  HOH A O   1 
HETATM 1075 O O   . HOH G 4 .   ? -9.315  6.987   -6.837  1.00 12.70 ? 937  HOH A O   1 
HETATM 1076 O O   . HOH G 4 .   ? 1.214   -12.130 -13.551 1.00 21.98 ? 938  HOH A O   1 
HETATM 1077 O O   . HOH G 4 .   ? 0.290   5.497   -13.625 1.00 29.98 ? 939  HOH A O   1 
HETATM 1078 O O   . HOH G 4 .   ? 2.891   13.709  4.059   1.00 16.34 ? 940  HOH A O   1 
HETATM 1079 O O   . HOH G 4 .   ? -3.384  12.871  -3.964  1.00 14.91 ? 941  HOH A O   1 
HETATM 1080 O O   . HOH G 4 .   ? -13.044 5.145   3.783   1.00 27.07 ? 942  HOH A O   1 
HETATM 1081 O O   . HOH G 4 .   ? -4.395  8.090   4.575   1.00 11.52 ? 943  HOH A O   1 
HETATM 1082 O O   . HOH G 4 .   ? -3.437  -7.368  6.884   1.00 9.88  ? 944  HOH A O   1 
HETATM 1083 O O   . HOH G 4 .   ? -8.482  0.903   17.103  1.00 25.33 ? 945  HOH A O   1 
HETATM 1084 O O   . HOH G 4 .   ? 6.585   7.335   -3.245  1.00 11.16 ? 946  HOH A O   1 
HETATM 1085 O O   . HOH G 4 .   ? -8.596  -7.458  3.019   1.00 9.72  ? 947  HOH A O   1 
HETATM 1086 O O   . HOH G 4 .   ? -11.644 5.501   7.575   1.00 33.94 ? 948  HOH A O   1 
HETATM 1087 O O   . HOH G 4 .   ? -6.660  11.004  1.895   1.00 18.26 ? 949  HOH A O   1 
HETATM 1088 O O   . HOH G 4 .   ? 10.627  4.574   -4.186  1.00 15.25 ? 950  HOH A O   1 
HETATM 1089 O O   . HOH G 4 .   ? -6.992  -12.747 13.004  1.00 19.62 ? 951  HOH A O   1 
HETATM 1090 O O   . HOH G 4 .   ? -5.748  7.479   8.410   1.00 16.72 ? 952  HOH A O   1 
HETATM 1091 O O   . HOH G 4 .   ? 5.731   0.124   10.832  1.00 10.18 ? 953  HOH A O   1 
HETATM 1092 O O   . HOH G 4 .   ? -11.804 -6.143  5.324   1.00 10.45 ? 954  HOH A O   1 
HETATM 1093 O O   . HOH G 4 .   ? -14.088 -6.267  3.718   1.00 15.12 ? 955  HOH A O   1 
HETATM 1094 O O   . HOH G 4 .   ? -1.878  -12.847 -8.029  1.00 16.20 ? 956  HOH A O   1 
HETATM 1095 O O   . HOH G 4 .   ? -10.899 1.045   10.698  1.00 20.94 ? 957  HOH A O   1 
HETATM 1096 O O   . HOH G 4 .   ? -9.054  10.821  -1.390  1.00 34.27 ? 958  HOH A O   1 
HETATM 1097 O O   . HOH G 4 .   ? 1.621   -8.518  -17.188 1.00 22.55 ? 959  HOH A O   1 
HETATM 1098 O O   . HOH G 4 .   ? 12.947  0.751   -2.324  1.00 14.58 ? 960  HOH A O   1 
HETATM 1099 O O   . HOH G 4 .   ? -6.404  11.263  -13.998 1.00 39.51 ? 961  HOH A O   1 
HETATM 1100 O O   . HOH G 4 .   ? -10.797 0.997   -1.724  1.00 10.53 ? 962  HOH A O   1 
HETATM 1101 O O   . HOH G 4 .   ? -3.340  1.503   -15.240 1.00 13.11 ? 963  HOH A O   1 
HETATM 1102 O O   . HOH G 4 .   ? -1.468  -10.536 -11.819 1.00 19.12 ? 964  HOH A O   1 
HETATM 1103 O O   . HOH G 4 .   ? 5.599   -12.174 3.361   0.50 8.81  ? 965  HOH A O   1 
HETATM 1104 O O   . HOH G 4 .   ? -6.161  -6.715  18.434  1.00 24.94 ? 966  HOH A O   1 
HETATM 1105 O O   . HOH G 4 .   ? 6.774   -2.523  -10.953 1.00 20.36 ? 967  HOH A O   1 
HETATM 1106 O O   . HOH G 4 .   ? -5.163  -0.709  -13.984 1.00 9.92  ? 968  HOH A O   1 
HETATM 1107 O O   . HOH G 4 .   ? -7.250  3.971   9.273   1.00 11.98 ? 969  HOH A O   1 
HETATM 1108 O O   . HOH G 4 .   ? 13.551  -4.941  -6.287  1.00 20.72 ? 970  HOH A O   1 
HETATM 1109 O O   . HOH G 4 .   ? 7.512   0.091   -11.045 1.00 31.87 ? 971  HOH A O   1 
HETATM 1110 O O   . HOH G 4 .   ? -12.306 8.166   -14.692 1.00 22.70 ? 972  HOH A O   1 
HETATM 1111 O O   . HOH G 4 .   ? 10.552  -4.554  -0.102  1.00 17.55 ? 973  HOH A O   1 
HETATM 1112 O O   . HOH G 4 .   ? -9.810  9.003   -4.761  1.00 20.20 ? 974  HOH A O   1 
HETATM 1113 O O   . HOH G 4 .   ? 11.695  -8.098  -7.763  1.00 23.42 ? 975  HOH A O   1 
HETATM 1114 O O   . HOH G 4 .   ? -6.040  -8.149  3.512   1.00 13.60 ? 976  HOH A O   1 
HETATM 1115 O O   . HOH G 4 .   ? -3.828  -10.475 2.921   1.00 20.55 ? 977  HOH A O   1 
HETATM 1116 O O   . HOH G 4 .   ? 12.323  4.927   0.081   1.00 10.56 ? 978  HOH A O   1 
HETATM 1117 O O   . HOH G 4 .   ? 2.835   5.131   -11.567 1.00 27.81 ? 979  HOH A O   1 
HETATM 1118 O O   . HOH G 4 .   ? -11.481 0.852   8.067   1.00 13.28 ? 980  HOH A O   1 
HETATM 1119 O O   . HOH G 4 .   ? 8.230   -9.373  -11.093 1.00 25.47 ? 981  HOH A O   1 
HETATM 1120 O O   . HOH G 4 .   ? -18.236 -5.987  -4.405  1.00 28.37 ? 982  HOH A O   1 
HETATM 1121 O O   . HOH G 4 .   ? -4.805  -6.284  14.067  1.00 24.80 ? 983  HOH A O   1 
HETATM 1122 O O   . HOH G 4 .   ? -0.212  15.156  0.940   1.00 33.24 ? 984  HOH A O   1 
HETATM 1123 O O   . HOH G 4 .   ? -6.652  4.359   -16.857 1.00 13.65 ? 985  HOH A O   1 
HETATM 1124 O O   . HOH G 4 .   ? 1.821   -2.772  -14.263 1.00 18.47 ? 986  HOH A O   1 
HETATM 1125 O O   . HOH G 4 .   ? 6.594   10.965  -3.362  1.00 23.65 ? 987  HOH A O   1 
HETATM 1126 O O   . HOH G 4 .   ? -7.875  -9.489  -20.277 1.00 17.69 ? 988  HOH A O   1 
HETATM 1127 O O   . HOH G 4 .   ? 15.664  -4.850  -2.719  1.00 25.75 ? 989  HOH A O   1 
HETATM 1128 O O   . HOH G 4 .   ? 0.993   -13.598 -11.348 1.00 15.89 ? 990  HOH A O   1 
HETATM 1129 O O   . HOH G 4 .   ? -6.881  -12.669 -6.664  1.00 22.55 ? 991  HOH A O   1 
HETATM 1130 O O   . HOH G 4 .   ? -4.103  -1.709  -19.075 1.00 9.68  ? 992  HOH A O   1 
HETATM 1131 O O   . HOH G 4 .   ? -8.090  -8.176  7.604   1.00 8.96  ? 993  HOH A O   1 
HETATM 1132 O O   . HOH G 4 .   ? 10.262  -12.636 -13.037 1.00 41.23 ? 994  HOH A O   1 
HETATM 1133 O O   . HOH G 4 .   ? 2.626   -2.968  17.478  1.00 14.92 ? 995  HOH A O   1 
HETATM 1134 O O   . HOH G 4 .   ? 3.005   -17.496 1.053   1.00 28.15 ? 996  HOH A O   1 
HETATM 1135 O O   . HOH G 4 .   ? -5.354  -9.859  0.619   1.00 16.03 ? 997  HOH A O   1 
HETATM 1136 O O   . HOH G 4 .   ? 2.430   13.495  -8.769  1.00 15.86 ? 998  HOH A O   1 
HETATM 1137 O O   . HOH G 4 .   ? 4.986   -12.238 -14.823 1.00 21.44 ? 999  HOH A O   1 
HETATM 1138 O O   . HOH G 4 .   ? -4.181  10.711  3.368   1.00 14.42 ? 1000 HOH A O   1 
HETATM 1139 O O   . HOH G 4 .   ? 5.210   13.519  -5.815  1.00 14.72 ? 1001 HOH A O   1 
HETATM 1140 O O   . HOH G 4 .   ? 5.828   3.306   -10.078 1.00 21.91 ? 1002 HOH A O   1 
HETATM 1141 O O   . HOH G 4 .   ? -5.350  -8.988  -13.970 1.00 16.04 ? 1003 HOH A O   1 
HETATM 1142 O O   . HOH G 4 .   ? -4.126  13.655  -0.678  1.00 43.42 ? 1004 HOH A O   1 
HETATM 1143 O O   . HOH G 4 .   ? -6.328  4.771   14.147  1.00 20.04 ? 1005 HOH A O   1 
HETATM 1144 O O   . HOH G 4 .   ? -5.280  8.853   -8.220  1.00 29.20 ? 1006 HOH A O   1 
HETATM 1145 O O   . HOH G 4 .   ? 11.656  -16.672 -7.664  1.00 3.50  ? 1007 HOH A O   1 
HETATM 1146 O O   . HOH G 4 .   ? -16.399 -6.421  -0.722  1.00 20.19 ? 1008 HOH A O   1 
HETATM 1147 O O   . HOH G 4 .   ? 13.698  -8.600  -4.366  1.00 21.00 ? 1009 HOH A O   1 
HETATM 1148 O O   . HOH G 4 .   ? -15.135 6.624   -11.857 1.00 29.31 ? 1010 HOH A O   1 
HETATM 1149 O O   . HOH G 4 .   ? -7.621  4.684   12.027  1.00 25.95 ? 1011 HOH A O   1 
HETATM 1150 O O   . HOH G 4 .   ? -1.620  -7.823  10.192  1.00 28.68 ? 1012 HOH A O   1 
HETATM 1151 O O   . HOH G 4 .   ? 0.689   -17.869 1.265   1.00 39.87 ? 1013 HOH A O   1 
HETATM 1152 O O   . HOH G 4 .   ? -1.480  4.001   -15.395 1.00 7.92  ? 1014 HOH A O   1 
HETATM 1153 O O   . HOH G 4 .   ? -1.563  -8.788  12.952  1.00 35.76 ? 1015 HOH A O   1 
HETATM 1154 O O   . HOH G 4 .   ? 11.806  -5.518  2.903   1.00 15.61 ? 1016 HOH A O   1 
HETATM 1155 O O   . HOH G 4 .   ? 5.717   13.805  -3.225  1.00 23.96 ? 1017 HOH A O   1 
HETATM 1156 O O   . HOH G 4 .   ? 0.200   15.574  -8.575  1.00 30.38 ? 1018 HOH A O   1 
HETATM 1157 O O   . HOH G 4 .   ? 8.367   -7.052  -11.549 1.00 29.92 ? 1019 HOH A O   1 
HETATM 1158 O O   . HOH G 4 .   ? 11.177  -9.228  -0.085  1.00 6.48  ? 1020 HOH A O   1 
HETATM 1159 O O   . HOH G 4 .   ? -5.223  7.167   14.656  1.00 17.65 ? 1021 HOH A O   1 
HETATM 1160 O O   . HOH G 4 .   ? -15.356 0.536   -1.157  1.00 23.57 ? 1022 HOH A O   1 
HETATM 1161 O O   . HOH G 4 .   ? 10.550  -8.290  -10.271 1.00 35.78 ? 1023 HOH A O   1 
HETATM 1162 O O   . HOH G 4 .   ? -6.770  -8.807  -22.394 1.00 34.67 ? 1024 HOH A O   1 
HETATM 1163 O O   . HOH G 4 .   ? -12.537 -1.348  11.469  1.00 22.56 ? 1025 HOH A O   1 
HETATM 1164 O O   . HOH G 4 .   ? 11.711  7.089   -3.561  1.00 9.70  ? 1026 HOH A O   1 
HETATM 1165 O O   . HOH G 4 .   ? 1.963   -16.089 -12.174 1.00 37.99 ? 1027 HOH A O   1 
HETATM 1166 O O   . HOH G 4 .   ? -9.080  -10.115 -1.251  1.00 21.00 ? 1028 HOH A O   1 
HETATM 1167 O O   . HOH G 4 .   ? -14.234 1.713   7.195   1.00 26.46 ? 1029 HOH A O   1 
HETATM 1168 O O   . HOH G 4 .   ? -2.925  -2.370  -21.412 1.00 26.38 ? 1030 HOH A O   1 
HETATM 1169 O O   . HOH G 4 .   ? -1.766  -9.316  7.983   1.00 27.53 ? 1031 HOH A O   1 
HETATM 1170 O O   . HOH G 4 .   ? -5.755  -8.816  6.164   1.00 12.61 ? 1032 HOH A O   1 
HETATM 1171 O O   . HOH G 4 .   ? -1.769  -13.196 -10.827 1.00 33.28 ? 1033 HOH A O   1 
HETATM 1172 O O   . HOH G 4 .   ? -0.255  8.515   -13.459 1.00 39.97 ? 1034 HOH A O   1 
HETATM 1173 O O   . HOH G 4 .   ? -6.996  7.232   5.551   1.00 24.58 ? 1035 HOH A O   1 
HETATM 1174 O O   . HOH G 4 .   ? 2.601   -0.282  18.039  1.00 24.91 ? 1036 HOH A O   1 
HETATM 1175 O O   . HOH G 4 .   ? 4.769   15.233  -7.888  1.00 18.86 ? 1037 HOH A O   1 
HETATM 1176 O O   . HOH G 4 .   ? 2.937   1.357   -13.336 1.00 36.43 ? 1038 HOH A O   1 
HETATM 1177 O O   . HOH G 4 .   ? 15.784  -5.900  -4.800  1.00 37.16 ? 1039 HOH A O   1 
HETATM 1178 O O   . HOH G 4 .   ? -6.342  -10.108 -18.137 1.00 31.49 ? 1040 HOH A O   1 
HETATM 1179 O O   . HOH G 4 .   ? 8.552   -4.290  -12.045 1.00 28.55 ? 1041 HOH A O   1 
HETATM 1180 O O   . HOH G 4 .   ? -10.939 -11.282 2.375   1.00 31.68 ? 1042 HOH A O   1 
HETATM 1181 O O   . HOH G 4 .   ? 0.234   -14.189 6.012   1.00 32.20 ? 1043 HOH A O   1 
HETATM 1182 O O   . HOH G 4 .   ? 0.378   0.291   -17.510 1.00 32.68 ? 1044 HOH A O   1 
HETATM 1183 O O   . HOH G 4 .   ? -8.858  6.267   8.110   1.00 27.90 ? 1045 HOH A O   1 
HETATM 1184 O O   . HOH G 4 .   ? -9.675  -12.518 -9.043  1.00 36.13 ? 1046 HOH A O   1 
HETATM 1185 O O   . HOH G 4 .   ? 3.651   -7.396  -18.471 1.00 32.87 ? 1047 HOH A O   1 
HETATM 1186 O O   . HOH G 4 .   ? -1.534  -11.819 3.044   1.00 25.00 ? 1048 HOH A O   1 
HETATM 1187 O O   . HOH G 4 .   ? -4.539  10.928  -11.969 1.00 25.88 ? 1049 HOH A O   1 
HETATM 1188 O O   . HOH G 4 .   ? -0.828  -12.684 -15.321 1.00 39.20 ? 1050 HOH A O   1 
HETATM 1189 O O   . HOH G 4 .   ? -8.301  -9.394  1.153   1.00 25.44 ? 1051 HOH A O   1 
HETATM 1190 O O   . HOH G 4 .   ? 13.893  2.809   -0.755  1.00 16.11 ? 1052 HOH A O   1 
HETATM 1191 O O   . HOH G 4 .   ? -2.915  -14.592 -6.425  1.00 35.98 ? 1053 HOH A O   1 
HETATM 1192 O O   . HOH G 4 .   ? -7.879  -0.174  19.493  1.00 34.80 ? 1054 HOH A O   1 
HETATM 1193 O O   . HOH G 4 .   ? -1.740  10.667  -13.341 1.00 39.38 ? 1055 HOH A O   1 
HETATM 1194 O O   . HOH G 4 .   ? 2.496   -0.718  -15.932 1.00 38.45 ? 1056 HOH A O   1 
HETATM 1195 O O   . HOH G 4 .   ? -6.578  -13.409 10.653  1.00 29.79 ? 1057 HOH A O   1 
HETATM 1196 O O   . HOH G 4 .   ? -0.701  -14.329 1.904   1.00 22.24 ? 1058 HOH A O   1 
HETATM 1197 O O   . HOH G 4 .   ? -5.131  -11.635 -10.394 1.00 24.36 ? 1059 HOH A O   1 
HETATM 1198 O O   . HOH G 4 .   ? 2.643   13.282  -11.359 1.00 37.19 ? 1060 HOH A O   1 
HETATM 1199 O O   . HOH G 4 .   ? 16.088  3.655   -2.253  1.00 23.12 ? 1061 HOH A O   1 
HETATM 1200 O O   . HOH H 4 .   ? 9.749   9.863   17.105  1.00 15.56 ? 201  HOH M O   1 
HETATM 1201 O O   . HOH H 4 .   ? 16.728  8.799   16.401  1.00 50.38 ? 202  HOH M O   1 
HETATM 1202 O O   . HOH H 4 .   ? 4.179   9.186   17.257  1.00 10.44 ? 203  HOH M O   1 
HETATM 1203 O O   . HOH H 4 .   ? 13.440  11.967  8.534   1.00 35.67 ? 204  HOH M O   1 
HETATM 1204 O O   . HOH H 4 .   ? 11.930  5.454   10.538  1.00 10.35 ? 205  HOH M O   1 
HETATM 1205 O O   . HOH H 4 .   ? 2.292   17.478  7.133   1.00 35.43 ? 206  HOH M O   1 
HETATM 1206 O O   . HOH H 4 .   ? 11.046  17.706  11.566  1.00 26.14 ? 207  HOH M O   1 
HETATM 1207 O O   . HOH H 4 .   ? 10.141  11.507  15.046  1.00 14.84 ? 208  HOH M O   1 
HETATM 1208 O O   . HOH H 4 .   ? 9.241   1.085   17.435  1.00 31.00 ? 209  HOH M O   1 
HETATM 1209 O O   . HOH H 4 .   ? 12.195  7.484   20.201  1.00 26.24 ? 210  HOH M O   1 
HETATM 1210 O O   . HOH H 4 .   ? 14.860  6.230   8.074   1.00 22.19 ? 211  HOH M O   1 
HETATM 1211 O O   . HOH H 4 .   ? 2.688   15.071  14.778  1.00 20.69 ? 212  HOH M O   1 
HETATM 1212 O O   . HOH H 4 .   ? -0.501  12.132  15.233  1.00 9.69  ? 213  HOH M O   1 
HETATM 1213 O O   . HOH H 4 .   ? 14.176  -1.994  5.928   1.00 32.34 ? 214  HOH M O   1 
HETATM 1214 O O   . HOH H 4 .   ? 5.660   15.875  16.846  1.00 10.44 ? 215  HOH M O   1 
HETATM 1215 O O   . HOH H 4 .   ? 9.937   18.529  7.022   1.00 34.23 ? 216  HOH M O   1 
HETATM 1216 O O   . HOH H 4 .   ? 12.695  12.064  14.830  1.00 26.95 ? 217  HOH M O   1 
HETATM 1217 O O   . HOH H 4 .   ? 5.610   14.650  3.746   1.00 33.87 ? 218  HOH M O   1 
HETATM 1218 O O   . HOH H 4 .   ? 16.386  11.272  11.773  1.00 47.94 ? 219  HOH M O   1 
HETATM 1219 O O   . HOH H 4 .   ? 1.600   16.026  4.914   1.00 25.53 ? 220  HOH M O   1 
HETATM 1220 O O   . HOH H 4 .   ? 7.425   -0.710  17.755  1.00 30.68 ? 221  HOH M O   1 
HETATM 1221 O O   . HOH H 4 .   ? 13.388  3.689   12.367  1.00 39.28 ? 222  HOH M O   1 
HETATM 1222 O O   . HOH H 4 .   ? 10.918  11.352  19.110  1.00 20.43 ? 223  HOH M O   1 
HETATM 1223 O O   . HOH H 4 .   ? 13.458  1.499   10.658  1.00 40.65 ? 224  HOH M O   1 
HETATM 1224 O O   . HOH H 4 .   ? 13.560  -0.829  10.216  1.00 34.71 ? 225  HOH M O   1 
HETATM 1225 O O   . HOH H 4 .   ? 18.401  7.579   10.106  1.00 42.35 ? 226  HOH M O   1 
HETATM 1226 O O   . HOH H 4 .   ? 10.776  13.208  17.082  1.00 28.89 ? 227  HOH M O   1 
# 
